data_5QRY
# 
_entry.id   5QRY 
# 
_audit_conform.dict_name       mmcif_pdbx.dic 
_audit_conform.dict_version    5.387 
_audit_conform.dict_location   http://mmcif.pdb.org/dictionaries/ascii/mmcif_pdbx.dic 
# 
loop_
_database_2.database_id 
_database_2.database_code 
_database_2.pdbx_database_accession 
_database_2.pdbx_DOI 
PDB   5QRY         pdb_00005qry 10.2210/pdb5qry/pdb 
WWPDB D_1001402331 ?            ?                   
# 
loop_
_pdbx_audit_revision_history.ordinal 
_pdbx_audit_revision_history.data_content_type 
_pdbx_audit_revision_history.major_revision 
_pdbx_audit_revision_history.minor_revision 
_pdbx_audit_revision_history.revision_date 
1 'Structure model' 1 0 2019-07-10 
2 'Structure model' 1 1 2019-08-07 
3 'Structure model' 1 2 2024-03-06 
# 
_pdbx_audit_revision_details.ordinal             1 
_pdbx_audit_revision_details.revision_ordinal    1 
_pdbx_audit_revision_details.data_content_type   'Structure model' 
_pdbx_audit_revision_details.provider            repository 
_pdbx_audit_revision_details.type                'Initial release' 
_pdbx_audit_revision_details.description         ? 
_pdbx_audit_revision_details.details             ? 
# 
loop_
_pdbx_audit_revision_group.ordinal 
_pdbx_audit_revision_group.revision_ordinal 
_pdbx_audit_revision_group.data_content_type 
_pdbx_audit_revision_group.group 
1 2 'Structure model' 'Author supporting evidence' 
2 2 'Structure model' 'Data collection'            
3 2 'Structure model' 'Structure summary'          
4 3 'Structure model' 'Data collection'            
5 3 'Structure model' 'Database references'        
6 3 'Structure model' 'Derived calculations'       
# 
loop_
_pdbx_audit_revision_category.ordinal 
_pdbx_audit_revision_category.revision_ordinal 
_pdbx_audit_revision_category.data_content_type 
_pdbx_audit_revision_category.category 
1 2 'Structure model' pdbx_entity_instance_feature 
2 2 'Structure model' pdbx_entry_details           
3 3 'Structure model' chem_comp_atom               
4 3 'Structure model' chem_comp_bond               
5 3 'Structure model' database_2                   
6 3 'Structure model' pdbx_struct_conn_angle       
7 3 'Structure model' struct_conn                  
# 
loop_
_pdbx_audit_revision_item.ordinal 
_pdbx_audit_revision_item.revision_ordinal 
_pdbx_audit_revision_item.data_content_type 
_pdbx_audit_revision_item.item 
1  3 'Structure model' '_database_2.pdbx_DOI'                        
2  3 'Structure model' '_database_2.pdbx_database_accession'         
3  3 'Structure model' '_pdbx_struct_conn_angle.ptnr1_auth_comp_id'  
4  3 'Structure model' '_pdbx_struct_conn_angle.ptnr1_auth_seq_id'   
5  3 'Structure model' '_pdbx_struct_conn_angle.ptnr1_label_alt_id'  
6  3 'Structure model' '_pdbx_struct_conn_angle.ptnr1_label_asym_id' 
7  3 'Structure model' '_pdbx_struct_conn_angle.ptnr1_label_atom_id' 
8  3 'Structure model' '_pdbx_struct_conn_angle.ptnr1_label_comp_id' 
9  3 'Structure model' '_pdbx_struct_conn_angle.ptnr1_label_seq_id'  
10 3 'Structure model' '_pdbx_struct_conn_angle.ptnr1_symmetry'      
11 3 'Structure model' '_pdbx_struct_conn_angle.ptnr2_auth_seq_id'   
12 3 'Structure model' '_pdbx_struct_conn_angle.ptnr2_label_asym_id' 
13 3 'Structure model' '_pdbx_struct_conn_angle.ptnr3_auth_comp_id'  
14 3 'Structure model' '_pdbx_struct_conn_angle.ptnr3_auth_seq_id'   
15 3 'Structure model' '_pdbx_struct_conn_angle.ptnr3_label_alt_id'  
16 3 'Structure model' '_pdbx_struct_conn_angle.ptnr3_label_asym_id' 
17 3 'Structure model' '_pdbx_struct_conn_angle.ptnr3_label_atom_id' 
18 3 'Structure model' '_pdbx_struct_conn_angle.ptnr3_label_comp_id' 
19 3 'Structure model' '_pdbx_struct_conn_angle.ptnr3_label_seq_id'  
20 3 'Structure model' '_pdbx_struct_conn_angle.ptnr3_symmetry'      
21 3 'Structure model' '_pdbx_struct_conn_angle.value'               
22 3 'Structure model' '_struct_conn.pdbx_dist_value'                
23 3 'Structure model' '_struct_conn.pdbx_ptnr1_label_alt_id'        
24 3 'Structure model' '_struct_conn.ptnr1_auth_comp_id'             
25 3 'Structure model' '_struct_conn.ptnr1_auth_seq_id'              
26 3 'Structure model' '_struct_conn.ptnr1_label_asym_id'            
27 3 'Structure model' '_struct_conn.ptnr1_label_atom_id'            
28 3 'Structure model' '_struct_conn.ptnr1_label_comp_id'            
29 3 'Structure model' '_struct_conn.ptnr1_label_seq_id'             
30 3 'Structure model' '_struct_conn.ptnr2_auth_comp_id'             
31 3 'Structure model' '_struct_conn.ptnr2_auth_seq_id'              
32 3 'Structure model' '_struct_conn.ptnr2_label_asym_id'            
33 3 'Structure model' '_struct_conn.ptnr2_label_atom_id'            
34 3 'Structure model' '_struct_conn.ptnr2_label_comp_id'            
35 3 'Structure model' '_struct_conn.ptnr2_symmetry'                 
# 
_pdbx_database_status.entry_id                        5QRY 
_pdbx_database_status.status_code                     REL 
_pdbx_database_status.status_code_sf                  REL 
_pdbx_database_status.status_code_mr                  ? 
_pdbx_database_status.status_code_cs                  ? 
_pdbx_database_status.recvd_initial_deposition_date   2019-05-25 
_pdbx_database_status.deposit_site                    RCSB 
_pdbx_database_status.process_site                    RCSB 
_pdbx_database_status.SG_entry                        ? 
_pdbx_database_status.pdb_format_compatible           Y 
_pdbx_database_status.methods_development_category    ? 
_pdbx_database_status.status_code_nmr_data            ? 
# 
loop_
_audit_author.name 
_audit_author.pdbx_ordinal 
'Newman, J.A.'        1  
'Gavard, A.E.'        2  
'Fernandez-Cid, A.'   3  
'Sherestha, L.'       4  
'Burgess-Brown, N.A.' 5  
'von Delft, F.'       6  
'Arrowsmith, C.H.'    7  
'Edwards, A.'         8  
'Bountra, C.'         9  
'Gileadi, O.'         10 
# 
_citation.id                        primary 
_citation.title                     'PanDDA analysis group deposition' 
_citation.journal_abbrev            'To Be Published' 
_citation.journal_volume            ? 
_citation.page_first                ? 
_citation.page_last                 ? 
_citation.year                      ? 
_citation.journal_id_ASTM           ? 
_citation.country                   ? 
_citation.journal_id_ISSN           ? 
_citation.journal_id_CSD            0353 
_citation.book_publisher            ? 
_citation.pdbx_database_id_PubMed   ? 
_citation.pdbx_database_id_DOI      ? 
# 
loop_
_citation_author.citation_id 
_citation_author.name 
_citation_author.identifier_ORCID 
_citation_author.ordinal 
primary 'Newman, J.A.'        ? 1  
primary 'Gavard, A.E.'        ? 2  
primary 'Fernandez-Cid, A.'   ? 3  
primary 'Sherestha, L.'       ? 4  
primary 'Burgess-Brown, N.A.' ? 5  
primary 'von Delft, F.'       ? 6  
primary 'Arrowsmith, C.H.'    ? 7  
primary 'Edwards, A.'         ? 8  
primary 'Bountra, C.'         ? 9  
primary 'Gileadi, O.'         ? 10 
# 
loop_
_entity.id 
_entity.type 
_entity.src_method 
_entity.pdbx_description 
_entity.formula_weight 
_entity.pdbx_number_of_molecules 
_entity.pdbx_ec 
_entity.pdbx_mutation 
_entity.pdbx_fragment 
_entity.details 
1 polymer     man 'T-box transcription factor T'            19597.586 1  ? ? ? ? 
2 non-polymer syn 'CADMIUM ION'                             112.411   5  ? ? ? ? 
3 non-polymer syn 4-methyl-N-phenylpiperazine-1-carboxamide 219.283   1  ? ? ? ? 
4 water       nat water                                     18.015    72 ? ? ? ? 
# 
_entity_name_com.entity_id   1 
_entity_name_com.name        'Brachyury protein,Protein T' 
# 
_entity_poly.entity_id                      1 
_entity_poly.type                           'polypeptide(L)' 
_entity_poly.nstd_linkage                   no 
_entity_poly.nstd_monomer                   no 
_entity_poly.pdbx_seq_one_letter_code       
;GELRVGLEESELWLRFKELTNEMIVTKNGRRMFPVLKVNVSGLDPNAMYSFLLDFVAADNHRWKYVNGEWVPGGKPEPQA
PSCVYIHPDSPNFGAHWMKAPVSFSKVKLTNKLNGGGQIMLNSLHKYEPRIHIVRVGGPQRMITSHCFPETQFIAVTAYQ
NEEITALKIKYN
;
_entity_poly.pdbx_seq_one_letter_code_can   
;GELRVGLEESELWLRFKELTNEMIVTKNGRRMFPVLKVNVSGLDPNAMYSFLLDFVAADNHRWKYVNGEWVPGGKPEPQA
PSCVYIHPDSPNFGAHWMKAPVSFSKVKLTNKLNGGGQIMLNSLHKYEPRIHIVRVGGPQRMITSHCFPETQFIAVTAYQ
NEEITALKIKYN
;
_entity_poly.pdbx_strand_id                 A 
_entity_poly.pdbx_target_identifier         ? 
# 
loop_
_pdbx_entity_nonpoly.entity_id 
_pdbx_entity_nonpoly.name 
_pdbx_entity_nonpoly.comp_id 
2 'CADMIUM ION'                             CD  
3 4-methyl-N-phenylpiperazine-1-carboxamide NZD 
4 water                                     HOH 
# 
loop_
_entity_poly_seq.entity_id 
_entity_poly_seq.num 
_entity_poly_seq.mon_id 
_entity_poly_seq.hetero 
1 1   GLY n 
1 2   GLU n 
1 3   LEU n 
1 4   ARG n 
1 5   VAL n 
1 6   GLY n 
1 7   LEU n 
1 8   GLU n 
1 9   GLU n 
1 10  SER n 
1 11  GLU n 
1 12  LEU n 
1 13  TRP n 
1 14  LEU n 
1 15  ARG n 
1 16  PHE n 
1 17  LYS n 
1 18  GLU n 
1 19  LEU n 
1 20  THR n 
1 21  ASN n 
1 22  GLU n 
1 23  MET n 
1 24  ILE n 
1 25  VAL n 
1 26  THR n 
1 27  LYS n 
1 28  ASN n 
1 29  GLY n 
1 30  ARG n 
1 31  ARG n 
1 32  MET n 
1 33  PHE n 
1 34  PRO n 
1 35  VAL n 
1 36  LEU n 
1 37  LYS n 
1 38  VAL n 
1 39  ASN n 
1 40  VAL n 
1 41  SER n 
1 42  GLY n 
1 43  LEU n 
1 44  ASP n 
1 45  PRO n 
1 46  ASN n 
1 47  ALA n 
1 48  MET n 
1 49  TYR n 
1 50  SER n 
1 51  PHE n 
1 52  LEU n 
1 53  LEU n 
1 54  ASP n 
1 55  PHE n 
1 56  VAL n 
1 57  ALA n 
1 58  ALA n 
1 59  ASP n 
1 60  ASN n 
1 61  HIS n 
1 62  ARG n 
1 63  TRP n 
1 64  LYS n 
1 65  TYR n 
1 66  VAL n 
1 67  ASN n 
1 68  GLY n 
1 69  GLU n 
1 70  TRP n 
1 71  VAL n 
1 72  PRO n 
1 73  GLY n 
1 74  GLY n 
1 75  LYS n 
1 76  PRO n 
1 77  GLU n 
1 78  PRO n 
1 79  GLN n 
1 80  ALA n 
1 81  PRO n 
1 82  SER n 
1 83  CYS n 
1 84  VAL n 
1 85  TYR n 
1 86  ILE n 
1 87  HIS n 
1 88  PRO n 
1 89  ASP n 
1 90  SER n 
1 91  PRO n 
1 92  ASN n 
1 93  PHE n 
1 94  GLY n 
1 95  ALA n 
1 96  HIS n 
1 97  TRP n 
1 98  MET n 
1 99  LYS n 
1 100 ALA n 
1 101 PRO n 
1 102 VAL n 
1 103 SER n 
1 104 PHE n 
1 105 SER n 
1 106 LYS n 
1 107 VAL n 
1 108 LYS n 
1 109 LEU n 
1 110 THR n 
1 111 ASN n 
1 112 LYS n 
1 113 LEU n 
1 114 ASN n 
1 115 GLY n 
1 116 GLY n 
1 117 GLY n 
1 118 GLN n 
1 119 ILE n 
1 120 MET n 
1 121 LEU n 
1 122 ASN n 
1 123 SER n 
1 124 LEU n 
1 125 HIS n 
1 126 LYS n 
1 127 TYR n 
1 128 GLU n 
1 129 PRO n 
1 130 ARG n 
1 131 ILE n 
1 132 HIS n 
1 133 ILE n 
1 134 VAL n 
1 135 ARG n 
1 136 VAL n 
1 137 GLY n 
1 138 GLY n 
1 139 PRO n 
1 140 GLN n 
1 141 ARG n 
1 142 MET n 
1 143 ILE n 
1 144 THR n 
1 145 SER n 
1 146 HIS n 
1 147 CYS n 
1 148 PHE n 
1 149 PRO n 
1 150 GLU n 
1 151 THR n 
1 152 GLN n 
1 153 PHE n 
1 154 ILE n 
1 155 ALA n 
1 156 VAL n 
1 157 THR n 
1 158 ALA n 
1 159 TYR n 
1 160 GLN n 
1 161 ASN n 
1 162 GLU n 
1 163 GLU n 
1 164 ILE n 
1 165 THR n 
1 166 ALA n 
1 167 LEU n 
1 168 LYS n 
1 169 ILE n 
1 170 LYS n 
1 171 TYR n 
1 172 ASN n 
# 
_entity_src_gen.entity_id                          1 
_entity_src_gen.pdbx_src_id                        1 
_entity_src_gen.pdbx_alt_source_flag               sample 
_entity_src_gen.pdbx_seq_type                      'Biological sequence' 
_entity_src_gen.pdbx_beg_seq_num                   1 
_entity_src_gen.pdbx_end_seq_num                   172 
_entity_src_gen.gene_src_common_name               Human 
_entity_src_gen.gene_src_genus                     ? 
_entity_src_gen.pdbx_gene_src_gene                 'TBXT, T' 
_entity_src_gen.gene_src_species                   ? 
_entity_src_gen.gene_src_strain                    ? 
_entity_src_gen.gene_src_tissue                    ? 
_entity_src_gen.gene_src_tissue_fraction           ? 
_entity_src_gen.gene_src_details                   ? 
_entity_src_gen.pdbx_gene_src_fragment             ? 
_entity_src_gen.pdbx_gene_src_scientific_name      'Homo sapiens' 
_entity_src_gen.pdbx_gene_src_ncbi_taxonomy_id     9606 
_entity_src_gen.pdbx_gene_src_variant              ? 
_entity_src_gen.pdbx_gene_src_cell_line            ? 
_entity_src_gen.pdbx_gene_src_atcc                 ? 
_entity_src_gen.pdbx_gene_src_organ                ? 
_entity_src_gen.pdbx_gene_src_organelle            ? 
_entity_src_gen.pdbx_gene_src_cell                 ? 
_entity_src_gen.pdbx_gene_src_cellular_location    ? 
_entity_src_gen.host_org_common_name               ? 
_entity_src_gen.pdbx_host_org_scientific_name      'Escherichia coli' 
_entity_src_gen.pdbx_host_org_ncbi_taxonomy_id     562 
_entity_src_gen.host_org_genus                     ? 
_entity_src_gen.pdbx_host_org_gene                 ? 
_entity_src_gen.pdbx_host_org_organ                ? 
_entity_src_gen.host_org_species                   ? 
_entity_src_gen.pdbx_host_org_tissue               ? 
_entity_src_gen.pdbx_host_org_tissue_fraction      ? 
_entity_src_gen.pdbx_host_org_strain               ? 
_entity_src_gen.pdbx_host_org_variant              ? 
_entity_src_gen.pdbx_host_org_cell_line            ? 
_entity_src_gen.pdbx_host_org_atcc                 ? 
_entity_src_gen.pdbx_host_org_culture_collection   ? 
_entity_src_gen.pdbx_host_org_cell                 ? 
_entity_src_gen.pdbx_host_org_organelle            ? 
_entity_src_gen.pdbx_host_org_cellular_location    ? 
_entity_src_gen.pdbx_host_org_vector_type          ? 
_entity_src_gen.pdbx_host_org_vector               ? 
_entity_src_gen.host_org_details                   ? 
_entity_src_gen.expression_system_id               ? 
_entity_src_gen.plasmid_name                       ? 
_entity_src_gen.plasmid_details                    ? 
_entity_src_gen.pdbx_description                   ? 
# 
loop_
_chem_comp.id 
_chem_comp.type 
_chem_comp.mon_nstd_flag 
_chem_comp.name 
_chem_comp.pdbx_synonyms 
_chem_comp.formula 
_chem_comp.formula_weight 
ALA 'L-peptide linking' y ALANINE                                   ? 'C3 H7 N O2'     89.093  
ARG 'L-peptide linking' y ARGININE                                  ? 'C6 H15 N4 O2 1' 175.209 
ASN 'L-peptide linking' y ASPARAGINE                                ? 'C4 H8 N2 O3'    132.118 
ASP 'L-peptide linking' y 'ASPARTIC ACID'                           ? 'C4 H7 N O4'     133.103 
CD  non-polymer         . 'CADMIUM ION'                             ? 'Cd 2'           112.411 
CYS 'L-peptide linking' y CYSTEINE                                  ? 'C3 H7 N O2 S'   121.158 
GLN 'L-peptide linking' y GLUTAMINE                                 ? 'C5 H10 N2 O3'   146.144 
GLU 'L-peptide linking' y 'GLUTAMIC ACID'                           ? 'C5 H9 N O4'     147.129 
GLY 'peptide linking'   y GLYCINE                                   ? 'C2 H5 N O2'     75.067  
HIS 'L-peptide linking' y HISTIDINE                                 ? 'C6 H10 N3 O2 1' 156.162 
HOH non-polymer         . WATER                                     ? 'H2 O'           18.015  
ILE 'L-peptide linking' y ISOLEUCINE                                ? 'C6 H13 N O2'    131.173 
LEU 'L-peptide linking' y LEUCINE                                   ? 'C6 H13 N O2'    131.173 
LYS 'L-peptide linking' y LYSINE                                    ? 'C6 H15 N2 O2 1' 147.195 
MET 'L-peptide linking' y METHIONINE                                ? 'C5 H11 N O2 S'  149.211 
NZD non-polymer         . 4-methyl-N-phenylpiperazine-1-carboxamide ? 'C12 H17 N3 O'   219.283 
PHE 'L-peptide linking' y PHENYLALANINE                             ? 'C9 H11 N O2'    165.189 
PRO 'L-peptide linking' y PROLINE                                   ? 'C5 H9 N O2'     115.130 
SER 'L-peptide linking' y SERINE                                    ? 'C3 H7 N O3'     105.093 
THR 'L-peptide linking' y THREONINE                                 ? 'C4 H9 N O3'     119.119 
TRP 'L-peptide linking' y TRYPTOPHAN                                ? 'C11 H12 N2 O2'  204.225 
TYR 'L-peptide linking' y TYROSINE                                  ? 'C9 H11 N O3'    181.189 
VAL 'L-peptide linking' y VALINE                                    ? 'C5 H11 N O2'    117.146 
# 
loop_
_pdbx_poly_seq_scheme.asym_id 
_pdbx_poly_seq_scheme.entity_id 
_pdbx_poly_seq_scheme.seq_id 
_pdbx_poly_seq_scheme.mon_id 
_pdbx_poly_seq_scheme.ndb_seq_num 
_pdbx_poly_seq_scheme.pdb_seq_num 
_pdbx_poly_seq_scheme.auth_seq_num 
_pdbx_poly_seq_scheme.pdb_mon_id 
_pdbx_poly_seq_scheme.auth_mon_id 
_pdbx_poly_seq_scheme.pdb_strand_id 
_pdbx_poly_seq_scheme.pdb_ins_code 
_pdbx_poly_seq_scheme.hetero 
A 1 1   GLY 1   40  ?   ?   ?   A . n 
A 1 2   GLU 2   41  41  GLU GLU A . n 
A 1 3   LEU 3   42  42  LEU LEU A . n 
A 1 4   ARG 4   43  43  ARG ARG A . n 
A 1 5   VAL 5   44  44  VAL VAL A . n 
A 1 6   GLY 6   45  45  GLY GLY A . n 
A 1 7   LEU 7   46  46  LEU LEU A . n 
A 1 8   GLU 8   47  47  GLU GLU A . n 
A 1 9   GLU 9   48  48  GLU GLU A . n 
A 1 10  SER 10  49  49  SER SER A . n 
A 1 11  GLU 11  50  50  GLU GLU A . n 
A 1 12  LEU 12  51  51  LEU LEU A . n 
A 1 13  TRP 13  52  52  TRP TRP A . n 
A 1 14  LEU 14  53  53  LEU LEU A . n 
A 1 15  ARG 15  54  54  ARG ARG A . n 
A 1 16  PHE 16  55  55  PHE PHE A . n 
A 1 17  LYS 17  56  56  LYS LYS A . n 
A 1 18  GLU 18  57  57  GLU GLU A . n 
A 1 19  LEU 19  58  58  LEU LEU A . n 
A 1 20  THR 20  59  59  THR THR A . n 
A 1 21  ASN 21  60  60  ASN ASN A . n 
A 1 22  GLU 22  61  61  GLU GLU A . n 
A 1 23  MET 23  62  62  MET MET A . n 
A 1 24  ILE 24  63  63  ILE ILE A . n 
A 1 25  VAL 25  64  64  VAL VAL A . n 
A 1 26  THR 26  65  65  THR THR A . n 
A 1 27  LYS 27  66  66  LYS LYS A . n 
A 1 28  ASN 28  67  67  ASN ASN A . n 
A 1 29  GLY 29  68  68  GLY GLY A . n 
A 1 30  ARG 30  69  69  ARG ARG A . n 
A 1 31  ARG 31  70  70  ARG ARG A . n 
A 1 32  MET 32  71  71  MET MET A . n 
A 1 33  PHE 33  72  72  PHE PHE A . n 
A 1 34  PRO 34  73  73  PRO PRO A . n 
A 1 35  VAL 35  74  74  VAL VAL A . n 
A 1 36  LEU 36  75  75  LEU LEU A . n 
A 1 37  LYS 37  76  76  LYS LYS A . n 
A 1 38  VAL 38  77  77  VAL VAL A . n 
A 1 39  ASN 39  78  78  ASN ASN A . n 
A 1 40  VAL 40  79  79  VAL VAL A . n 
A 1 41  SER 41  80  80  SER SER A . n 
A 1 42  GLY 42  81  81  GLY GLY A . n 
A 1 43  LEU 43  82  82  LEU LEU A . n 
A 1 44  ASP 44  83  83  ASP ASP A . n 
A 1 45  PRO 45  84  84  PRO PRO A . n 
A 1 46  ASN 46  85  85  ASN ASN A . n 
A 1 47  ALA 47  86  86  ALA ALA A . n 
A 1 48  MET 48  87  87  MET MET A . n 
A 1 49  TYR 49  88  88  TYR TYR A . n 
A 1 50  SER 50  89  89  SER SER A . n 
A 1 51  PHE 51  90  90  PHE PHE A . n 
A 1 52  LEU 52  91  91  LEU LEU A . n 
A 1 53  LEU 53  92  92  LEU LEU A . n 
A 1 54  ASP 54  93  93  ASP ASP A . n 
A 1 55  PHE 55  94  94  PHE PHE A . n 
A 1 56  VAL 56  95  95  VAL VAL A . n 
A 1 57  ALA 57  96  96  ALA ALA A . n 
A 1 58  ALA 58  97  97  ALA ALA A . n 
A 1 59  ASP 59  98  98  ASP ASP A . n 
A 1 60  ASN 60  99  99  ASN ASN A . n 
A 1 61  HIS 61  100 100 HIS HIS A . n 
A 1 62  ARG 62  101 101 ARG ARG A . n 
A 1 63  TRP 63  102 102 TRP TRP A . n 
A 1 64  LYS 64  103 103 LYS LYS A . n 
A 1 65  TYR 65  104 104 TYR TYR A . n 
A 1 66  VAL 66  105 105 VAL VAL A . n 
A 1 67  ASN 67  106 106 ASN ASN A . n 
A 1 68  GLY 68  107 107 GLY GLY A . n 
A 1 69  GLU 69  108 108 GLU GLU A . n 
A 1 70  TRP 70  109 109 TRP TRP A . n 
A 1 71  VAL 71  110 110 VAL VAL A . n 
A 1 72  PRO 72  111 111 PRO PRO A . n 
A 1 73  GLY 73  112 112 GLY GLY A . n 
A 1 74  GLY 74  113 113 GLY GLY A . n 
A 1 75  LYS 75  114 114 LYS LYS A . n 
A 1 76  PRO 76  115 115 PRO PRO A . n 
A 1 77  GLU 77  116 116 GLU GLU A . n 
A 1 78  PRO 78  117 117 PRO PRO A . n 
A 1 79  GLN 79  118 118 GLN GLN A . n 
A 1 80  ALA 80  119 119 ALA ALA A . n 
A 1 81  PRO 81  120 120 PRO PRO A . n 
A 1 82  SER 82  121 121 SER SER A . n 
A 1 83  CYS 83  122 122 CYS CYS A . n 
A 1 84  VAL 84  123 123 VAL VAL A . n 
A 1 85  TYR 85  124 124 TYR TYR A . n 
A 1 86  ILE 86  125 125 ILE ILE A . n 
A 1 87  HIS 87  126 126 HIS HIS A . n 
A 1 88  PRO 88  127 127 PRO PRO A . n 
A 1 89  ASP 89  128 128 ASP ASP A . n 
A 1 90  SER 90  129 129 SER SER A . n 
A 1 91  PRO 91  130 130 PRO PRO A . n 
A 1 92  ASN 92  131 131 ASN ASN A . n 
A 1 93  PHE 93  132 132 PHE PHE A . n 
A 1 94  GLY 94  133 133 GLY GLY A . n 
A 1 95  ALA 95  134 134 ALA ALA A . n 
A 1 96  HIS 96  135 135 HIS HIS A . n 
A 1 97  TRP 97  136 136 TRP TRP A . n 
A 1 98  MET 98  137 137 MET MET A . n 
A 1 99  LYS 99  138 138 LYS LYS A . n 
A 1 100 ALA 100 139 139 ALA ALA A . n 
A 1 101 PRO 101 140 140 PRO PRO A . n 
A 1 102 VAL 102 141 141 VAL VAL A . n 
A 1 103 SER 103 142 142 SER SER A . n 
A 1 104 PHE 104 143 143 PHE PHE A . n 
A 1 105 SER 105 144 144 SER SER A . n 
A 1 106 LYS 106 145 145 LYS LYS A . n 
A 1 107 VAL 107 146 146 VAL VAL A . n 
A 1 108 LYS 108 147 147 LYS LYS A . n 
A 1 109 LEU 109 148 148 LEU LEU A . n 
A 1 110 THR 110 149 149 THR THR A . n 
A 1 111 ASN 111 150 150 ASN ASN A . n 
A 1 112 LYS 112 151 151 LYS LYS A . n 
A 1 113 LEU 113 152 152 LEU LEU A . n 
A 1 114 ASN 114 153 153 ASN ASN A . n 
A 1 115 GLY 115 154 154 GLY GLY A . n 
A 1 116 GLY 116 155 155 GLY GLY A . n 
A 1 117 GLY 117 156 156 GLY GLY A . n 
A 1 118 GLN 118 157 157 GLN GLN A . n 
A 1 119 ILE 119 158 158 ILE ILE A . n 
A 1 120 MET 120 159 159 MET MET A . n 
A 1 121 LEU 121 160 160 LEU LEU A . n 
A 1 122 ASN 122 161 161 ASN ASN A . n 
A 1 123 SER 123 162 162 SER SER A . n 
A 1 124 LEU 124 163 163 LEU LEU A . n 
A 1 125 HIS 125 164 164 HIS HIS A . n 
A 1 126 LYS 126 165 165 LYS LYS A . n 
A 1 127 TYR 127 166 166 TYR TYR A . n 
A 1 128 GLU 128 167 167 GLU GLU A . n 
A 1 129 PRO 129 168 168 PRO PRO A . n 
A 1 130 ARG 130 169 169 ARG ARG A . n 
A 1 131 ILE 131 170 170 ILE ILE A . n 
A 1 132 HIS 132 171 171 HIS HIS A . n 
A 1 133 ILE 133 172 172 ILE ILE A . n 
A 1 134 VAL 134 173 173 VAL VAL A . n 
A 1 135 ARG 135 174 174 ARG ARG A . n 
A 1 136 VAL 136 175 175 VAL VAL A . n 
A 1 137 GLY 137 176 176 GLY GLY A . n 
A 1 138 GLY 138 177 177 GLY GLY A . n 
A 1 139 PRO 139 178 178 PRO PRO A . n 
A 1 140 GLN 140 179 179 GLN GLN A . n 
A 1 141 ARG 141 180 180 ARG ARG A . n 
A 1 142 MET 142 181 181 MET MET A . n 
A 1 143 ILE 143 182 182 ILE ILE A . n 
A 1 144 THR 144 183 183 THR THR A . n 
A 1 145 SER 145 184 184 SER SER A . n 
A 1 146 HIS 146 185 185 HIS HIS A . n 
A 1 147 CYS 147 186 186 CYS CYS A . n 
A 1 148 PHE 148 187 187 PHE PHE A . n 
A 1 149 PRO 149 188 188 PRO PRO A . n 
A 1 150 GLU 150 189 189 GLU GLU A . n 
A 1 151 THR 151 190 190 THR THR A . n 
A 1 152 GLN 152 191 191 GLN GLN A . n 
A 1 153 PHE 153 192 192 PHE PHE A . n 
A 1 154 ILE 154 193 193 ILE ILE A . n 
A 1 155 ALA 155 194 194 ALA ALA A . n 
A 1 156 VAL 156 195 195 VAL VAL A . n 
A 1 157 THR 157 196 196 THR THR A . n 
A 1 158 ALA 158 197 197 ALA ALA A . n 
A 1 159 TYR 159 198 198 TYR TYR A . n 
A 1 160 GLN 160 199 199 GLN GLN A . n 
A 1 161 ASN 161 200 200 ASN ASN A . n 
A 1 162 GLU 162 201 201 GLU GLU A . n 
A 1 163 GLU 163 202 202 GLU GLU A . n 
A 1 164 ILE 164 203 203 ILE ILE A . n 
A 1 165 THR 165 204 204 THR THR A . n 
A 1 166 ALA 166 205 205 ALA ALA A . n 
A 1 167 LEU 167 206 206 LEU LEU A . n 
A 1 168 LYS 168 207 207 LYS LYS A . n 
A 1 169 ILE 169 208 208 ILE ILE A . n 
A 1 170 LYS 170 209 209 LYS LYS A . n 
A 1 171 TYR 171 210 210 TYR TYR A . n 
A 1 172 ASN 172 211 211 ASN ASN A . n 
# 
loop_
_pdbx_nonpoly_scheme.asym_id 
_pdbx_nonpoly_scheme.entity_id 
_pdbx_nonpoly_scheme.mon_id 
_pdbx_nonpoly_scheme.ndb_seq_num 
_pdbx_nonpoly_scheme.pdb_seq_num 
_pdbx_nonpoly_scheme.auth_seq_num 
_pdbx_nonpoly_scheme.pdb_mon_id 
_pdbx_nonpoly_scheme.auth_mon_id 
_pdbx_nonpoly_scheme.pdb_strand_id 
_pdbx_nonpoly_scheme.pdb_ins_code 
B 2 CD  1  301 1  CD  CD  A . 
C 2 CD  1  302 2  CD  CD  A . 
D 2 CD  1  303 3  CD  CD  A . 
E 2 CD  1  304 4  CD  CD  A . 
F 2 CD  1  305 5  CD  CD  A . 
G 3 NZD 1  306 1  NZD LIG A . 
H 4 HOH 1  401 79 HOH HOH A . 
H 4 HOH 2  402 48 HOH HOH A . 
H 4 HOH 3  403 24 HOH HOH A . 
H 4 HOH 4  404 61 HOH HOH A . 
H 4 HOH 5  405 58 HOH HOH A . 
H 4 HOH 6  406 21 HOH HOH A . 
H 4 HOH 7  407 53 HOH HOH A . 
H 4 HOH 8  408 68 HOH HOH A . 
H 4 HOH 9  409 54 HOH HOH A . 
H 4 HOH 10 410 45 HOH HOH A . 
H 4 HOH 11 411 32 HOH HOH A . 
H 4 HOH 12 412 41 HOH HOH A . 
H 4 HOH 13 413 16 HOH HOH A . 
H 4 HOH 14 414 70 HOH HOH A . 
H 4 HOH 15 415 52 HOH HOH A . 
H 4 HOH 16 416 44 HOH HOH A . 
H 4 HOH 17 417 51 HOH HOH A . 
H 4 HOH 18 418 14 HOH HOH A . 
H 4 HOH 19 419 52 HOH HOH A . 
H 4 HOH 20 420 47 HOH HOH A . 
H 4 HOH 21 421 69 HOH HOH A . 
H 4 HOH 22 422 56 HOH HOH A . 
H 4 HOH 23 423 71 HOH HOH A . 
H 4 HOH 24 424 17 HOH HOH A . 
H 4 HOH 25 425 10 HOH HOH A . 
H 4 HOH 26 426 4  HOH HOH A . 
H 4 HOH 27 427 63 HOH HOH A . 
H 4 HOH 28 428 31 HOH HOH A . 
H 4 HOH 29 429 33 HOH HOH A . 
H 4 HOH 30 430 49 HOH HOH A . 
H 4 HOH 31 431 67 HOH HOH A . 
H 4 HOH 32 432 55 HOH HOH A . 
H 4 HOH 33 433 6  HOH HOH A . 
H 4 HOH 34 434 50 HOH HOH A . 
H 4 HOH 35 435 73 HOH HOH A . 
H 4 HOH 36 436 45 HOH HOH A . 
H 4 HOH 37 437 66 HOH HOH A . 
H 4 HOH 38 438 1  HOH HOH A . 
H 4 HOH 39 439 8  HOH HOH A . 
H 4 HOH 40 440 1  HOH HOH A . 
H 4 HOH 41 441 60 HOH HOH A . 
H 4 HOH 42 442 57 HOH HOH A . 
H 4 HOH 43 443 75 HOH HOH A . 
H 4 HOH 44 444 11 HOH HOH A . 
H 4 HOH 45 445 8  HOH HOH A . 
H 4 HOH 46 446 18 HOH HOH A . 
H 4 HOH 47 447 64 HOH HOH A . 
H 4 HOH 48 448 30 HOH HOH A . 
H 4 HOH 49 449 28 HOH HOH A . 
H 4 HOH 50 450 2  HOH HOH A . 
H 4 HOH 51 451 14 HOH HOH A . 
H 4 HOH 52 452 12 HOH HOH A . 
H 4 HOH 53 453 15 HOH HOH A . 
H 4 HOH 54 454 46 HOH HOH A . 
H 4 HOH 55 455 23 HOH HOH A . 
H 4 HOH 56 456 77 HOH HOH A . 
H 4 HOH 57 457 4  HOH HOH A . 
H 4 HOH 58 458 65 HOH HOH A . 
H 4 HOH 59 459 6  HOH HOH A . 
H 4 HOH 60 460 7  HOH HOH A . 
H 4 HOH 61 461 72 HOH HOH A . 
H 4 HOH 62 462 5  HOH HOH A . 
H 4 HOH 63 463 3  HOH HOH A . 
H 4 HOH 64 464 3  HOH HOH A . 
H 4 HOH 65 465 10 HOH HOH A . 
H 4 HOH 66 466 13 HOH HOH A . 
H 4 HOH 67 467 62 HOH HOH A . 
H 4 HOH 68 468 43 HOH HOH A . 
H 4 HOH 69 469 78 HOH HOH A . 
H 4 HOH 70 470 16 HOH HOH A . 
H 4 HOH 71 471 18 HOH HOH A . 
H 4 HOH 72 472 17 HOH HOH A . 
# 
loop_
_pdbx_unobs_or_zero_occ_atoms.id 
_pdbx_unobs_or_zero_occ_atoms.PDB_model_num 
_pdbx_unobs_or_zero_occ_atoms.polymer_flag 
_pdbx_unobs_or_zero_occ_atoms.occupancy_flag 
_pdbx_unobs_or_zero_occ_atoms.auth_asym_id 
_pdbx_unobs_or_zero_occ_atoms.auth_comp_id 
_pdbx_unobs_or_zero_occ_atoms.auth_seq_id 
_pdbx_unobs_or_zero_occ_atoms.PDB_ins_code 
_pdbx_unobs_or_zero_occ_atoms.auth_atom_id 
_pdbx_unobs_or_zero_occ_atoms.label_alt_id 
_pdbx_unobs_or_zero_occ_atoms.label_asym_id 
_pdbx_unobs_or_zero_occ_atoms.label_comp_id 
_pdbx_unobs_or_zero_occ_atoms.label_seq_id 
_pdbx_unobs_or_zero_occ_atoms.label_atom_id 
1 1 Y 1 A ARG 43 ? CG  ? A ARG 4 CG  
2 1 Y 1 A ARG 43 ? CD  ? A ARG 4 CD  
3 1 Y 1 A ARG 43 ? NE  ? A ARG 4 NE  
4 1 Y 1 A ARG 43 ? CZ  ? A ARG 4 CZ  
5 1 Y 1 A ARG 43 ? NH1 ? A ARG 4 NH1 
6 1 Y 1 A ARG 43 ? NH2 ? A ARG 4 NH2 
# 
loop_
_software.pdbx_ordinal 
_software.name 
_software.version 
_software.date 
_software.type 
_software.contact_author 
_software.contact_author_email 
_software.classification 
_software.location 
_software.language 
_software.citation_id 
1 REFMAC      5.8.0238 ?               program 'Garib N. Murshudov' garib@ysbl.york.ac.uk    refinement        
http://www.ccp4.ac.uk/dist/html/refmac5.html        Fortran_77 ? 
2 Aimless     0.7.1    27/03/18        program 'Phil Evans'         ?                        'data scaling'    
http://www.mrc-lmb.cam.ac.uk/harry/pre/aimless.html ?          ? 
3 PDB_EXTRACT 3.23     'SEP. 23, 2016' package PDB                  deposit@deposit.rcsb.org 'data extraction' 
http://sw-tools.pdb.org/apps/PDB_EXTRACT/           C++        ? 
4 XDS         .        ?               program ?                    ?                        'data reduction'  ? ?          ? 
5 REFMAC      .        ?               program ?                    ?                        phasing           ? ?          ? 
# 
_cell.entry_id           5QRY 
_cell.length_a           60.095 
_cell.length_b           60.095 
_cell.length_c           110.247 
_cell.angle_alpha        90.000 
_cell.angle_beta         90.000 
_cell.angle_gamma        90.000 
_cell.Z_PDB              8 
_cell.pdbx_unique_axis   ? 
# 
_symmetry.entry_id                         5QRY 
_symmetry.Int_Tables_number                91 
_symmetry.space_group_name_H-M             'P 41 2 2' 
_symmetry.pdbx_full_space_group_name_H-M   ? 
_symmetry.cell_setting                     ? 
# 
_exptl.crystals_number   1 
_exptl.entry_id          5QRY 
_exptl.method            'X-RAY DIFFRACTION' 
# 
_exptl_crystal.id                    1 
_exptl_crystal.pdbx_mosaicity        0.000 
_exptl_crystal.pdbx_mosaicity_esd    ? 
_exptl_crystal.density_Matthews      2.54 
_exptl_crystal.density_diffrn        ? 
_exptl_crystal.density_meas          ? 
_exptl_crystal.density_meas_temp     ? 
_exptl_crystal.density_percent_sol   51.57 
_exptl_crystal.size_max              ? 
_exptl_crystal.size_mid              ? 
_exptl_crystal.size_min              ? 
_exptl_crystal.size_rad              ? 
_exptl_crystal.description           ? 
# 
_exptl_crystal_grow.crystal_id      1 
_exptl_crystal_grow.method          'VAPOR DIFFUSION, SITTING DROP' 
_exptl_crystal_grow.pH              4.5 
_exptl_crystal_grow.temp            298 
_exptl_crystal_grow.pdbx_details    '0.1 M CdCl, 0.1 M Acetate pH 4.5, 32% PEG 400' 
_exptl_crystal_grow.temp_details    ? 
_exptl_crystal_grow.pdbx_pH_range   ? 
# 
_diffrn.id                     1 
_diffrn.ambient_temp           100 
_diffrn.crystal_id             1 
_diffrn.ambient_temp_details   ? 
# 
_diffrn_detector.detector               PIXEL 
_diffrn_detector.type                   'DECTRIS PILATUS 6M' 
_diffrn_detector.pdbx_collection_date   2018-07-23 
_diffrn_detector.diffrn_id              1 
_diffrn_detector.details                ? 
# 
_diffrn_radiation.diffrn_id                        1 
_diffrn_radiation.wavelength_id                    1 
_diffrn_radiation.pdbx_diffrn_protocol             'SINGLE WAVELENGTH' 
_diffrn_radiation.pdbx_monochromatic_or_laue_m_l   M 
_diffrn_radiation.monochromator                    ? 
_diffrn_radiation.pdbx_scattering_type             x-ray 
# 
_diffrn_radiation_wavelength.id           1 
_diffrn_radiation_wavelength.wavelength   0.91587 
_diffrn_radiation_wavelength.wt           1.0 
# 
_diffrn_source.diffrn_id                   1 
_diffrn_source.source                      SYNCHROTRON 
_diffrn_source.type                        'DIAMOND BEAMLINE I04-1' 
_diffrn_source.pdbx_wavelength_list        0.91587 
_diffrn_source.pdbx_synchrotron_site       Diamond 
_diffrn_source.pdbx_synchrotron_beamline   I04-1 
_diffrn_source.pdbx_wavelength             ? 
# 
_reflns.entry_id                     5QRY 
_reflns.pdbx_diffrn_id               1 
_reflns.pdbx_ordinal                 1 
_reflns.observed_criterion_sigma_I   ? 
_reflns.observed_criterion_sigma_F   ? 
_reflns.d_resolution_low             52.780 
_reflns.d_resolution_high            1.580 
_reflns.number_obs                   28526 
_reflns.number_all                   ? 
_reflns.percent_possible_obs         100.000 
_reflns.pdbx_Rmerge_I_obs            0.067 
_reflns.pdbx_Rsym_value              ? 
_reflns.pdbx_netI_over_sigmaI        17.900 
_reflns.B_iso_Wilson_estimate        ? 
_reflns.pdbx_redundancy              11.800 
_reflns.pdbx_Rrim_I_all              0.070 
_reflns.pdbx_Rpim_I_all              0.020 
_reflns.pdbx_CC_half                 0.999 
_reflns.pdbx_netI_over_av_sigmaI     ? 
_reflns.pdbx_number_measured_all     335288 
_reflns.pdbx_scaling_rejects         310 
_reflns.pdbx_chi_squared             ? 
_reflns.Rmerge_F_all                 ? 
_reflns.Rmerge_F_obs                 ? 
_reflns.observed_criterion_F_max     ? 
_reflns.observed_criterion_F_min     ? 
_reflns.observed_criterion_I_max     ? 
_reflns.observed_criterion_I_min     ? 
_reflns.pdbx_d_res_high_opt          ? 
_reflns.pdbx_d_res_low_opt           ? 
_reflns.details                      ? 
# 
loop_
_reflns_shell.pdbx_diffrn_id 
_reflns_shell.pdbx_ordinal 
_reflns_shell.d_res_high 
_reflns_shell.d_res_low 
_reflns_shell.number_measured_obs 
_reflns_shell.number_measured_all 
_reflns_shell.number_unique_obs 
_reflns_shell.pdbx_rejects 
_reflns_shell.Rmerge_I_obs 
_reflns_shell.meanI_over_sigI_obs 
_reflns_shell.pdbx_Rsym_value 
_reflns_shell.pdbx_chi_squared 
_reflns_shell.pdbx_redundancy 
_reflns_shell.percent_possible_obs 
_reflns_shell.pdbx_netI_over_sigmaI_obs 
_reflns_shell.number_possible 
_reflns_shell.number_unique_all 
_reflns_shell.Rmerge_F_all 
_reflns_shell.Rmerge_F_obs 
_reflns_shell.Rmerge_I_all 
_reflns_shell.meanI_over_sigI_all 
_reflns_shell.percent_possible_all 
_reflns_shell.pdbx_Rrim_I_all 
_reflns_shell.pdbx_Rpim_I_all 
_reflns_shell.pdbx_CC_half 
1 1 1.580 1.620  ? 19133 ? ? 1.653 ? ? ? 9.300  ? 1.100  ? 2053 ? ? ? ? 100.000 1.752 0.573 0.756 
1 2 7.070 52.780 ? 4096  ? ? 0.046 ? ? ? 10.100 ? 48.700 ? 404  ? ? ? ? 99.900  0.048 0.015 0.997 
# 
_refine.entry_id                                 5QRY 
_refine.pdbx_refine_id                           'X-RAY DIFFRACTION' 
_refine.ls_d_res_high                            1.5800 
_refine.ls_d_res_low                             52.8200 
_refine.pdbx_ls_sigma_F                          0.000 
_refine.pdbx_data_cutoff_high_absF               ? 
_refine.pdbx_data_cutoff_low_absF                ? 
_refine.ls_percent_reflns_obs                    99.8700 
_refine.ls_number_reflns_obs                     27043 
_refine.ls_number_reflns_all                     ? 
_refine.pdbx_ls_cross_valid_method               THROUGHOUT 
_refine.ls_matrix_type                           ? 
_refine.pdbx_R_Free_selection_details            RANDOM 
_refine.details                                  
'HYDROGENS HAVE BEEN ADDED IN THE RIDING POSITIONS U VALUES      : REFINED INDIVIDUALLY' 
_refine.ls_R_factor_all                          ? 
_refine.ls_R_factor_obs                          0.2261 
_refine.ls_R_factor_R_work                       0.2249 
_refine.ls_wR_factor_R_work                      ? 
_refine.ls_R_factor_R_free                       0.2522 
_refine.ls_wR_factor_R_free                      ? 
_refine.ls_percent_reflns_R_free                 5.0000 
_refine.ls_number_reflns_R_free                  1420 
_refine.ls_number_reflns_R_work                  ? 
_refine.ls_R_factor_R_free_error                 ? 
_refine.B_iso_mean                               35.8260 
_refine.solvent_model_param_bsol                 ? 
_refine.solvent_model_param_ksol                 ? 
_refine.pdbx_isotropic_thermal_model             ? 
_refine.aniso_B[1][1]                            1.3100 
_refine.aniso_B[2][2]                            1.3100 
_refine.aniso_B[3][3]                            -2.6300 
_refine.aniso_B[1][2]                            -0.0000 
_refine.aniso_B[1][3]                            -0.0000 
_refine.aniso_B[2][3]                            -0.0000 
_refine.correlation_coeff_Fo_to_Fc               0.9580 
_refine.correlation_coeff_Fo_to_Fc_free          0.9470 
_refine.overall_SU_R_Cruickshank_DPI             ? 
_refine.pdbx_overall_SU_R_free_Cruickshank_DPI   ? 
_refine.pdbx_overall_SU_R_Blow_DPI               ? 
_refine.pdbx_overall_SU_R_free_Blow_DPI          ? 
_refine.overall_SU_R_free                        ? 
_refine.pdbx_overall_ESU_R                       0.0970 
_refine.pdbx_overall_ESU_R_Free                  0.0960 
_refine.overall_SU_ML                            0.0790 
_refine.overall_SU_B                             2.3750 
_refine.solvent_model_details                    MASK 
_refine.pdbx_solvent_vdw_probe_radii             1.2000 
_refine.pdbx_solvent_ion_probe_radii             0.8000 
_refine.pdbx_solvent_shrinkage_radii             0.8000 
_refine.ls_number_parameters                     ? 
_refine.ls_number_restraints                     ? 
_refine.pdbx_starting_model                      6f58 
_refine.pdbx_method_to_determine_struct          'FOURIER SYNTHESIS' 
_refine.pdbx_stereochemistry_target_values       'MAXIMUM LIKELIHOOD' 
_refine.pdbx_stereochem_target_val_spec_case     ? 
_refine.overall_FOM_work_R_set                   ? 
_refine.B_iso_max                                105.420 
_refine.B_iso_min                                17.840 
_refine.pdbx_overall_phase_error                 ? 
_refine.occupancy_max                            ? 
_refine.occupancy_min                            ? 
_refine.pdbx_diffrn_id                           1 
_refine.pdbx_TLS_residual_ADP_flag               ? 
_refine.pdbx_ls_sigma_I                          ? 
_refine.pdbx_data_cutoff_high_rms_absF           ? 
_refine.ls_R_factor_R_free_error_details         ? 
# 
_refine_hist.cycle_id                         final 
_refine_hist.pdbx_refine_id                   'X-RAY DIFFRACTION' 
_refine_hist.d_res_high                       1.5800 
_refine_hist.d_res_low                        52.8200 
_refine_hist.pdbx_number_atoms_ligand         20 
_refine_hist.number_atoms_solvent             72 
_refine_hist.number_atoms_total               1461 
_refine_hist.pdbx_number_residues_total       172 
_refine_hist.pdbx_B_iso_mean_ligand           60.97 
_refine_hist.pdbx_B_iso_mean_solvent          35.88 
_refine_hist.pdbx_number_atoms_protein        1369 
_refine_hist.pdbx_number_atoms_nucleic_acid   0 
# 
loop_
_refine_ls_restr.pdbx_refine_id 
_refine_ls_restr.type 
_refine_ls_restr.number 
_refine_ls_restr.dev_ideal 
_refine_ls_restr.dev_ideal_target 
_refine_ls_restr.weight 
_refine_ls_restr.pdbx_restraint_function 
'X-RAY DIFFRACTION' r_bond_refined_d       1495 0.012  0.013  ? ? 
'X-RAY DIFFRACTION' r_bond_other_d         1350 0.001  0.017  ? ? 
'X-RAY DIFFRACTION' r_angle_refined_deg    1993 1.876  1.644  ? ? 
'X-RAY DIFFRACTION' r_angle_other_deg      3142 1.408  1.569  ? ? 
'X-RAY DIFFRACTION' r_dihedral_angle_1_deg 177  8.418  5.000  ? ? 
'X-RAY DIFFRACTION' r_dihedral_angle_2_deg 73   31.091 22.329 ? ? 
'X-RAY DIFFRACTION' r_dihedral_angle_3_deg 241  17.068 15.000 ? ? 
'X-RAY DIFFRACTION' r_dihedral_angle_4_deg 7    18.028 15.000 ? ? 
'X-RAY DIFFRACTION' r_chiral_restr         179  0.095  0.200  ? ? 
'X-RAY DIFFRACTION' r_gen_planes_refined   1641 0.011  0.020  ? ? 
'X-RAY DIFFRACTION' r_gen_planes_other     312  0.002  0.020  ? ? 
'X-RAY DIFFRACTION' r_mcbond_it            710  3.554  3.564  ? ? 
'X-RAY DIFFRACTION' r_mcbond_other         709  3.558  3.559  ? ? 
'X-RAY DIFFRACTION' r_mcangle_it           881  5.041  5.339  ? ? 
# 
_refine_ls_shell.d_res_high                       1.5790 
_refine_ls_shell.d_res_low                        1.6200 
_refine_ls_shell.pdbx_total_number_of_bins_used   20 
_refine_ls_shell.percent_reflns_obs               99.1700 
_refine_ls_shell.number_reflns_R_work             1911 
_refine_ls_shell.R_factor_all                     ? 
_refine_ls_shell.R_factor_R_work                  0.3260 
_refine_ls_shell.R_factor_R_free                  0.3200 
_refine_ls_shell.percent_reflns_R_free            ? 
_refine_ls_shell.number_reflns_R_free             114 
_refine_ls_shell.R_factor_R_free_error            ? 
_refine_ls_shell.number_reflns_all                2025 
_refine_ls_shell.number_reflns_obs                ? 
_refine_ls_shell.pdbx_refine_id                   'X-RAY DIFFRACTION' 
# 
_struct.entry_id                  5QRY 
_struct.title                     
'PanDDA analysis group deposition -- Crystal Structure of human Brachyury in complex with Z2856434890' 
_struct.pdbx_model_details        ? 
_struct.pdbx_CASP_flag            ? 
_struct.pdbx_model_type_details   ? 
# 
_struct_keywords.entry_id        5QRY 
_struct_keywords.text            'SGC - Diamond I04-1 fragment screening, PanDDA, XChemExplorer, TRANSCRIPTION' 
_struct_keywords.pdbx_keywords   TRANSCRIPTION 
# 
loop_
_struct_asym.id 
_struct_asym.pdbx_blank_PDB_chainid_flag 
_struct_asym.pdbx_modified 
_struct_asym.entity_id 
_struct_asym.details 
A N N 1 ? 
B N N 2 ? 
C N N 2 ? 
D N N 2 ? 
E N N 2 ? 
F N N 2 ? 
G N N 3 ? 
H N N 4 ? 
# 
_struct_ref.id                         1 
_struct_ref.db_name                    UNP 
_struct_ref.db_code                    TBXT_HUMAN 
_struct_ref.pdbx_db_accession          O15178 
_struct_ref.pdbx_db_isoform            ? 
_struct_ref.entity_id                  1 
_struct_ref.pdbx_seq_one_letter_code   
;ELRVGLEESELWLRFKELTNEMIVTKNGRRMFPVLKVNVSGLDPNAMYSFLLDFVAADNHRWKYVNGEWVPGGKPEPQAP
SCVYIHPDSPNFGAHWMKAPVSFSKVKLTNKLNGGGQIMLNSLHKYEPRIHIVRVGGPQRMITSHCFPETQFIAVTAYQN
EEITALKIKYN
;
_struct_ref.pdbx_align_begin           41 
# 
_struct_ref_seq.align_id                      1 
_struct_ref_seq.ref_id                        1 
_struct_ref_seq.pdbx_PDB_id_code              5QRY 
_struct_ref_seq.pdbx_strand_id                A 
_struct_ref_seq.seq_align_beg                 2 
_struct_ref_seq.pdbx_seq_align_beg_ins_code   ? 
_struct_ref_seq.seq_align_end                 172 
_struct_ref_seq.pdbx_seq_align_end_ins_code   ? 
_struct_ref_seq.pdbx_db_accession             O15178 
_struct_ref_seq.db_align_beg                  41 
_struct_ref_seq.pdbx_db_align_beg_ins_code    ? 
_struct_ref_seq.db_align_end                  211 
_struct_ref_seq.pdbx_db_align_end_ins_code    ? 
_struct_ref_seq.pdbx_auth_seq_align_beg       41 
_struct_ref_seq.pdbx_auth_seq_align_end       211 
# 
_struct_ref_seq_dif.align_id                     1 
_struct_ref_seq_dif.pdbx_pdb_id_code             5QRY 
_struct_ref_seq_dif.mon_id                       GLY 
_struct_ref_seq_dif.pdbx_pdb_strand_id           A 
_struct_ref_seq_dif.seq_num                      1 
_struct_ref_seq_dif.pdbx_pdb_ins_code            ? 
_struct_ref_seq_dif.pdbx_seq_db_name             UNP 
_struct_ref_seq_dif.pdbx_seq_db_accession_code   O15178 
_struct_ref_seq_dif.db_mon_id                    ? 
_struct_ref_seq_dif.pdbx_seq_db_seq_num          ? 
_struct_ref_seq_dif.details                      'expression tag' 
_struct_ref_seq_dif.pdbx_auth_seq_num            40 
_struct_ref_seq_dif.pdbx_ordinal                 1 
# 
_pdbx_struct_assembly.id                   1 
_pdbx_struct_assembly.details              author_defined_assembly 
_pdbx_struct_assembly.method_details       ? 
_pdbx_struct_assembly.oligomeric_details   monomeric 
_pdbx_struct_assembly.oligomeric_count     1 
# 
_pdbx_struct_assembly_gen.assembly_id       1 
_pdbx_struct_assembly_gen.oper_expression   1 
_pdbx_struct_assembly_gen.asym_id_list      A,B,C,D,E,F,G,H 
# 
_pdbx_struct_oper_list.id                   1 
_pdbx_struct_oper_list.type                 'identity operation' 
_pdbx_struct_oper_list.name                 1_555 
_pdbx_struct_oper_list.symmetry_operation   x,y,z 
_pdbx_struct_oper_list.matrix[1][1]         1.0000000000 
_pdbx_struct_oper_list.matrix[1][2]         0.0000000000 
_pdbx_struct_oper_list.matrix[1][3]         0.0000000000 
_pdbx_struct_oper_list.vector[1]            0.0000000000 
_pdbx_struct_oper_list.matrix[2][1]         0.0000000000 
_pdbx_struct_oper_list.matrix[2][2]         1.0000000000 
_pdbx_struct_oper_list.matrix[2][3]         0.0000000000 
_pdbx_struct_oper_list.vector[2]            0.0000000000 
_pdbx_struct_oper_list.matrix[3][1]         0.0000000000 
_pdbx_struct_oper_list.matrix[3][2]         0.0000000000 
_pdbx_struct_oper_list.matrix[3][3]         1.0000000000 
_pdbx_struct_oper_list.vector[3]            0.0000000000 
# 
loop_
_struct_conf.conf_type_id 
_struct_conf.id 
_struct_conf.pdbx_PDB_helix_id 
_struct_conf.beg_label_comp_id 
_struct_conf.beg_label_asym_id 
_struct_conf.beg_label_seq_id 
_struct_conf.pdbx_beg_PDB_ins_code 
_struct_conf.end_label_comp_id 
_struct_conf.end_label_asym_id 
_struct_conf.end_label_seq_id 
_struct_conf.pdbx_end_PDB_ins_code 
_struct_conf.beg_auth_comp_id 
_struct_conf.beg_auth_asym_id 
_struct_conf.beg_auth_seq_id 
_struct_conf.end_auth_comp_id 
_struct_conf.end_auth_asym_id 
_struct_conf.end_auth_seq_id 
_struct_conf.pdbx_PDB_helix_class 
_struct_conf.details 
_struct_conf.pdbx_PDB_helix_length 
HELX_P HELX_P1 AA1 GLU A 9   ? LEU A 19  ? GLU A 48  LEU A 58  1 ? 11 
HELX_P HELX_P2 AA2 GLY A 94  ? LYS A 99  ? GLY A 133 LYS A 138 1 ? 6  
HELX_P HELX_P3 AA3 PRO A 149 ? GLN A 152 ? PRO A 188 GLN A 191 5 ? 4  
HELX_P HELX_P4 AA4 ASN A 161 ? ASN A 172 ? ASN A 200 ASN A 211 1 ? 12 
# 
_struct_conf_type.id          HELX_P 
_struct_conf_type.criteria    ? 
_struct_conf_type.reference   ? 
# 
loop_
_struct_conn.id 
_struct_conn.conn_type_id 
_struct_conn.pdbx_leaving_atom_flag 
_struct_conn.pdbx_PDB_id 
_struct_conn.ptnr1_label_asym_id 
_struct_conn.ptnr1_label_comp_id 
_struct_conn.ptnr1_label_seq_id 
_struct_conn.ptnr1_label_atom_id 
_struct_conn.pdbx_ptnr1_label_alt_id 
_struct_conn.pdbx_ptnr1_PDB_ins_code 
_struct_conn.pdbx_ptnr1_standard_comp_id 
_struct_conn.ptnr1_symmetry 
_struct_conn.ptnr2_label_asym_id 
_struct_conn.ptnr2_label_comp_id 
_struct_conn.ptnr2_label_seq_id 
_struct_conn.ptnr2_label_atom_id 
_struct_conn.pdbx_ptnr2_label_alt_id 
_struct_conn.pdbx_ptnr2_PDB_ins_code 
_struct_conn.ptnr1_auth_asym_id 
_struct_conn.ptnr1_auth_comp_id 
_struct_conn.ptnr1_auth_seq_id 
_struct_conn.ptnr2_auth_asym_id 
_struct_conn.ptnr2_auth_comp_id 
_struct_conn.ptnr2_auth_seq_id 
_struct_conn.ptnr2_symmetry 
_struct_conn.pdbx_ptnr3_label_atom_id 
_struct_conn.pdbx_ptnr3_label_seq_id 
_struct_conn.pdbx_ptnr3_label_comp_id 
_struct_conn.pdbx_ptnr3_label_asym_id 
_struct_conn.pdbx_ptnr3_label_alt_id 
_struct_conn.pdbx_ptnr3_PDB_ins_code 
_struct_conn.details 
_struct_conn.pdbx_dist_value 
_struct_conn.pdbx_value_order 
_struct_conn.pdbx_role 
metalc1  metalc ? ? A HIS 61  NE2 ? ? ? 1_555 E CD  . CD ? ? A HIS 100 A CD  304 1_555 ? ? ? ? ? ? ? 2.158 ? ? 
metalc2  metalc ? ? A CYS 83  SG  ? ? ? 1_555 D CD  . CD ? ? A CYS 122 A CD  303 1_555 ? ? ? ? ? ? ? 2.623 ? ? 
metalc3  metalc ? ? A CYS 83  SG  ? ? ? 1_555 F CD  . CD ? ? A CYS 122 A CD  305 1_555 ? ? ? ? ? ? ? 2.447 ? ? 
metalc4  metalc ? ? A GLU 128 OE1 ? ? ? 1_555 B CD  . CD ? ? A GLU 167 A CD  301 1_555 ? ? ? ? ? ? ? 2.396 ? ? 
metalc5  metalc ? ? A GLU 128 OE1 ? ? ? 1_555 B CD  . CD ? ? A GLU 167 A CD  301 5_655 ? ? ? ? ? ? ? 2.395 ? ? 
metalc6  metalc ? ? A GLU 128 OE1 ? ? ? 1_555 C CD  . CD ? ? A GLU 167 A CD  302 1_555 ? ? ? ? ? ? ? 2.693 ? ? 
metalc7  metalc ? ? A GLU 128 OE2 ? ? ? 1_555 C CD  . CD ? ? A GLU 167 A CD  302 1_555 ? ? ? ? ? ? ? 2.193 ? ? 
metalc8  metalc ? ? A CYS 147 SG  A ? ? 1_555 B CD  . CD ? ? A CYS 186 A CD  301 1_555 ? ? ? ? ? ? ? 2.475 ? ? 
metalc9  metalc ? ? A CYS 147 SG  B ? ? 1_555 B CD  . CD ? ? A CYS 186 A CD  301 1_555 ? ? ? ? ? ? ? 2.567 ? ? 
metalc10 metalc ? ? A CYS 147 SG  A ? ? 1_555 B CD  . CD ? ? A CYS 186 A CD  301 5_655 ? ? ? ? ? ? ? 2.475 ? ? 
metalc11 metalc ? ? A CYS 147 SG  B ? ? 1_555 B CD  . CD ? ? A CYS 186 A CD  301 5_655 ? ? ? ? ? ? ? 2.567 ? ? 
metalc12 metalc ? ? A CYS 147 SG  A ? ? 1_555 C CD  . CD ? ? A CYS 186 A CD  302 5_655 ? ? ? ? ? ? ? 2.385 ? ? 
metalc13 metalc ? ? A CYS 147 SG  B ? ? 1_555 C CD  . CD ? ? A CYS 186 A CD  302 5_655 ? ? ? ? ? ? ? 2.371 ? ? 
metalc14 metalc ? ? B CD  .   CD  ? ? ? 1_555 H HOH . O  ? ? A CD  301 A HOH 438 1_555 ? ? ? ? ? ? ? 1.852 ? ? 
metalc15 metalc ? ? B CD  .   CD  ? ? ? 1_555 H HOH . O  ? ? A CD  301 A HOH 438 5_655 ? ? ? ? ? ? ? 1.852 ? ? 
metalc16 metalc ? ? C CD  .   CD  ? ? ? 1_555 H HOH . O  ? ? A CD  302 A HOH 457 5_655 ? ? ? ? ? ? ? 2.521 ? ? 
metalc17 metalc ? ? C CD  .   CD  ? ? ? 1_555 H HOH . O  ? ? A CD  302 A HOH 463 1_555 ? ? ? ? ? ? ? 2.472 ? ? 
metalc18 metalc ? ? D CD  .   CD  ? ? ? 1_555 H HOH . O  ? ? A CD  303 A HOH 455 1_555 ? ? ? ? ? ? ? 2.660 ? ? 
metalc19 metalc ? ? D CD  .   CD  ? ? ? 1_555 H HOH . O  ? ? A CD  303 A HOH 456 1_555 ? ? ? ? ? ? ? 2.419 ? ? 
metalc20 metalc ? ? D CD  .   CD  ? ? ? 1_555 H HOH . O  ? ? A CD  303 A HOH 472 1_555 ? ? ? ? ? ? ? 2.641 ? ? 
metalc21 metalc ? ? E CD  .   CD  ? ? ? 1_555 H HOH . O  ? ? A CD  304 A HOH 459 1_555 ? ? ? ? ? ? ? 2.383 ? ? 
metalc22 metalc ? ? E CD  .   CD  ? ? ? 1_555 H HOH . O  ? ? A CD  304 A HOH 460 1_555 ? ? ? ? ? ? ? 2.368 ? ? 
metalc23 metalc ? ? E CD  .   CD  ? ? ? 1_555 H HOH . O  ? ? A CD  304 A HOH 462 1_555 ? ? ? ? ? ? ? 2.301 ? ? 
metalc24 metalc ? ? F CD  .   CD  ? ? ? 1_555 H HOH . O  ? ? A CD  305 A HOH 452 1_555 ? ? ? ? ? ? ? 2.518 ? ? 
metalc25 metalc ? ? F CD  .   CD  ? ? ? 1_555 H HOH . O  ? ? A CD  305 A HOH 471 1_555 ? ? ? ? ? ? ? 2.400 ? ? 
# 
_struct_conn_type.id          metalc 
_struct_conn_type.criteria    ? 
_struct_conn_type.reference   ? 
# 
loop_
_pdbx_struct_conn_angle.id 
_pdbx_struct_conn_angle.ptnr1_label_atom_id 
_pdbx_struct_conn_angle.ptnr1_label_alt_id 
_pdbx_struct_conn_angle.ptnr1_label_asym_id 
_pdbx_struct_conn_angle.ptnr1_label_comp_id 
_pdbx_struct_conn_angle.ptnr1_label_seq_id 
_pdbx_struct_conn_angle.ptnr1_auth_atom_id 
_pdbx_struct_conn_angle.ptnr1_auth_asym_id 
_pdbx_struct_conn_angle.ptnr1_auth_comp_id 
_pdbx_struct_conn_angle.ptnr1_auth_seq_id 
_pdbx_struct_conn_angle.ptnr1_PDB_ins_code 
_pdbx_struct_conn_angle.ptnr1_symmetry 
_pdbx_struct_conn_angle.ptnr2_label_atom_id 
_pdbx_struct_conn_angle.ptnr2_label_alt_id 
_pdbx_struct_conn_angle.ptnr2_label_asym_id 
_pdbx_struct_conn_angle.ptnr2_label_comp_id 
_pdbx_struct_conn_angle.ptnr2_label_seq_id 
_pdbx_struct_conn_angle.ptnr2_auth_atom_id 
_pdbx_struct_conn_angle.ptnr2_auth_asym_id 
_pdbx_struct_conn_angle.ptnr2_auth_comp_id 
_pdbx_struct_conn_angle.ptnr2_auth_seq_id 
_pdbx_struct_conn_angle.ptnr2_PDB_ins_code 
_pdbx_struct_conn_angle.ptnr2_symmetry 
_pdbx_struct_conn_angle.ptnr3_label_atom_id 
_pdbx_struct_conn_angle.ptnr3_label_alt_id 
_pdbx_struct_conn_angle.ptnr3_label_asym_id 
_pdbx_struct_conn_angle.ptnr3_label_comp_id 
_pdbx_struct_conn_angle.ptnr3_label_seq_id 
_pdbx_struct_conn_angle.ptnr3_auth_atom_id 
_pdbx_struct_conn_angle.ptnr3_auth_asym_id 
_pdbx_struct_conn_angle.ptnr3_auth_comp_id 
_pdbx_struct_conn_angle.ptnr3_auth_seq_id 
_pdbx_struct_conn_angle.ptnr3_PDB_ins_code 
_pdbx_struct_conn_angle.ptnr3_symmetry 
_pdbx_struct_conn_angle.value 
_pdbx_struct_conn_angle.value_esd 
1  NE2 ? A HIS 61  ? A HIS 100 ? 1_555 CD ? E CD . ? A CD 304 ? 1_555 O   ? H HOH .   ? A HOH 459 ? 1_555 99.4  ? 
2  NE2 ? A HIS 61  ? A HIS 100 ? 1_555 CD ? E CD . ? A CD 304 ? 1_555 O   ? H HOH .   ? A HOH 460 ? 1_555 102.5 ? 
3  O   ? H HOH .   ? A HOH 459 ? 1_555 CD ? E CD . ? A CD 304 ? 1_555 O   ? H HOH .   ? A HOH 460 ? 1_555 121.1 ? 
4  NE2 ? A HIS 61  ? A HIS 100 ? 1_555 CD ? E CD . ? A CD 304 ? 1_555 O   ? H HOH .   ? A HOH 462 ? 1_555 114.6 ? 
5  O   ? H HOH .   ? A HOH 459 ? 1_555 CD ? E CD . ? A CD 304 ? 1_555 O   ? H HOH .   ? A HOH 462 ? 1_555 107.4 ? 
6  O   ? H HOH .   ? A HOH 460 ? 1_555 CD ? E CD . ? A CD 304 ? 1_555 O   ? H HOH .   ? A HOH 462 ? 1_555 111.5 ? 
7  SG  ? A CYS 83  ? A CYS 122 ? 1_555 CD ? D CD . ? A CD 303 ? 1_555 O   ? H HOH .   ? A HOH 455 ? 1_555 107.6 ? 
8  SG  ? A CYS 83  ? A CYS 122 ? 1_555 CD ? D CD . ? A CD 303 ? 1_555 O   ? H HOH .   ? A HOH 456 ? 1_555 95.2  ? 
9  O   ? H HOH .   ? A HOH 455 ? 1_555 CD ? D CD . ? A CD 303 ? 1_555 O   ? H HOH .   ? A HOH 456 ? 1_555 83.7  ? 
10 SG  ? A CYS 83  ? A CYS 122 ? 1_555 CD ? D CD . ? A CD 303 ? 1_555 O   ? H HOH .   ? A HOH 472 ? 1_555 87.0  ? 
11 O   ? H HOH .   ? A HOH 455 ? 1_555 CD ? D CD . ? A CD 303 ? 1_555 O   ? H HOH .   ? A HOH 472 ? 1_555 89.5  ? 
12 O   ? H HOH .   ? A HOH 456 ? 1_555 CD ? D CD . ? A CD 303 ? 1_555 O   ? H HOH .   ? A HOH 472 ? 1_555 173.1 ? 
13 SG  ? A CYS 83  ? A CYS 122 ? 1_555 CD ? F CD . ? A CD 305 ? 1_555 O   ? H HOH .   ? A HOH 452 ? 1_555 99.2  ? 
14 SG  ? A CYS 83  ? A CYS 122 ? 1_555 CD ? F CD . ? A CD 305 ? 1_555 O   ? H HOH .   ? A HOH 471 ? 1_555 86.4  ? 
15 O   ? H HOH .   ? A HOH 452 ? 1_555 CD ? F CD . ? A CD 305 ? 1_555 O   ? H HOH .   ? A HOH 471 ? 1_555 174.3 ? 
16 OE1 ? A GLU 128 ? A GLU 167 ? 1_555 CD ? B CD . ? A CD 301 ? 1_555 OE1 ? A GLU 128 ? A GLU 167 ? 1_555 0.0   ? 
17 OE1 ? A GLU 128 ? A GLU 167 ? 1_555 CD ? B CD . ? A CD 301 ? 1_555 SG  A A CYS 147 ? A CYS 186 ? 1_555 94.5  ? 
18 OE1 ? A GLU 128 ? A GLU 167 ? 1_555 CD ? B CD . ? A CD 301 ? 1_555 SG  A A CYS 147 ? A CYS 186 ? 1_555 94.5  ? 
19 OE1 ? A GLU 128 ? A GLU 167 ? 1_555 CD ? B CD . ? A CD 301 ? 1_555 SG  B A CYS 147 ? A CYS 186 ? 1_555 91.2  ? 
20 OE1 ? A GLU 128 ? A GLU 167 ? 1_555 CD ? B CD . ? A CD 301 ? 1_555 SG  B A CYS 147 ? A CYS 186 ? 1_555 91.2  ? 
21 SG  A A CYS 147 ? A CYS 186 ? 1_555 CD ? B CD . ? A CD 301 ? 1_555 SG  B A CYS 147 ? A CYS 186 ? 1_555 33.2  ? 
22 OE1 ? A GLU 128 ? A GLU 167 ? 1_555 CD ? B CD . ? A CD 301 ? 1_555 SG  A A CYS 147 ? A CYS 186 ? 1_555 94.5  ? 
23 OE1 ? A GLU 128 ? A GLU 167 ? 1_555 CD ? B CD . ? A CD 301 ? 1_555 SG  A A CYS 147 ? A CYS 186 ? 1_555 94.5  ? 
24 SG  A A CYS 147 ? A CYS 186 ? 1_555 CD ? B CD . ? A CD 301 ? 1_555 SG  A A CYS 147 ? A CYS 186 ? 1_555 0.0   ? 
25 SG  B A CYS 147 ? A CYS 186 ? 1_555 CD ? B CD . ? A CD 301 ? 1_555 SG  A A CYS 147 ? A CYS 186 ? 1_555 33.2  ? 
26 OE1 ? A GLU 128 ? A GLU 167 ? 1_555 CD ? B CD . ? A CD 301 ? 1_555 SG  B A CYS 147 ? A CYS 186 ? 1_555 91.2  ? 
27 OE1 ? A GLU 128 ? A GLU 167 ? 1_555 CD ? B CD . ? A CD 301 ? 1_555 SG  B A CYS 147 ? A CYS 186 ? 1_555 91.2  ? 
28 SG  A A CYS 147 ? A CYS 186 ? 1_555 CD ? B CD . ? A CD 301 ? 1_555 SG  B A CYS 147 ? A CYS 186 ? 1_555 33.2  ? 
29 SG  B A CYS 147 ? A CYS 186 ? 1_555 CD ? B CD . ? A CD 301 ? 1_555 SG  B A CYS 147 ? A CYS 186 ? 1_555 0.0   ? 
30 SG  A A CYS 147 ? A CYS 186 ? 1_555 CD ? B CD . ? A CD 301 ? 1_555 SG  B A CYS 147 ? A CYS 186 ? 1_555 33.2  ? 
31 OE1 ? A GLU 128 ? A GLU 167 ? 1_555 CD ? B CD . ? A CD 301 ? 1_555 O   ? H HOH .   ? A HOH 438 ? 1_555 86.1  ? 
32 OE1 ? A GLU 128 ? A GLU 167 ? 1_555 CD ? B CD . ? A CD 301 ? 1_555 O   ? H HOH .   ? A HOH 438 ? 1_555 86.1  ? 
33 SG  A A CYS 147 ? A CYS 186 ? 1_555 CD ? B CD . ? A CD 301 ? 1_555 O   ? H HOH .   ? A HOH 438 ? 1_555 123.1 ? 
34 SG  B A CYS 147 ? A CYS 186 ? 1_555 CD ? B CD . ? A CD 301 ? 1_555 O   ? H HOH .   ? A HOH 438 ? 1_555 155.9 ? 
35 SG  A A CYS 147 ? A CYS 186 ? 1_555 CD ? B CD . ? A CD 301 ? 1_555 O   ? H HOH .   ? A HOH 438 ? 1_555 123.1 ? 
36 SG  B A CYS 147 ? A CYS 186 ? 1_555 CD ? B CD . ? A CD 301 ? 1_555 O   ? H HOH .   ? A HOH 438 ? 1_555 155.9 ? 
37 OE1 ? A GLU 128 ? A GLU 167 ? 1_555 CD ? B CD . ? A CD 301 ? 1_555 O   ? H HOH .   ? A HOH 438 ? 5_655 95.4  ? 
38 OE1 ? A GLU 128 ? A GLU 167 ? 1_555 CD ? B CD . ? A CD 301 ? 1_555 O   ? H HOH .   ? A HOH 438 ? 5_655 95.4  ? 
39 SG  A A CYS 147 ? A CYS 186 ? 1_555 CD ? B CD . ? A CD 301 ? 1_555 O   ? H HOH .   ? A HOH 438 ? 5_655 72.4  ? 
40 SG  B A CYS 147 ? A CYS 186 ? 1_555 CD ? B CD . ? A CD 301 ? 1_555 O   ? H HOH .   ? A HOH 438 ? 5_655 105.6 ? 
41 SG  A A CYS 147 ? A CYS 186 ? 1_555 CD ? B CD . ? A CD 301 ? 1_555 O   ? H HOH .   ? A HOH 438 ? 5_655 72.4  ? 
42 SG  B A CYS 147 ? A CYS 186 ? 1_555 CD ? B CD . ? A CD 301 ? 1_555 O   ? H HOH .   ? A HOH 438 ? 5_655 105.6 ? 
43 O   ? H HOH .   ? A HOH 438 ? 1_555 CD ? B CD . ? A CD 301 ? 1_555 O   ? H HOH .   ? A HOH 438 ? 5_655 51.0  ? 
44 OE1 ? A GLU 128 ? A GLU 167 ? 1_555 CD ? C CD . ? A CD 302 ? 1_555 OE2 ? A GLU 128 ? A GLU 167 ? 1_555 53.6  ? 
45 OE1 ? A GLU 128 ? A GLU 167 ? 1_555 CD ? C CD . ? A CD 302 ? 1_555 SG  A A CYS 147 ? A CYS 186 ? 1_555 32.2  ? 
46 OE2 ? A GLU 128 ? A GLU 167 ? 1_555 CD ? C CD . ? A CD 302 ? 1_555 SG  A A CYS 147 ? A CYS 186 ? 1_555 76.3  ? 
47 OE1 ? A GLU 128 ? A GLU 167 ? 1_555 CD ? C CD . ? A CD 302 ? 1_555 SG  B A CYS 147 ? A CYS 186 ? 1_555 43.4  ? 
48 OE2 ? A GLU 128 ? A GLU 167 ? 1_555 CD ? C CD . ? A CD 302 ? 1_555 SG  B A CYS 147 ? A CYS 186 ? 1_555 77.6  ? 
49 SG  A A CYS 147 ? A CYS 186 ? 1_555 CD ? C CD . ? A CD 302 ? 1_555 SG  B A CYS 147 ? A CYS 186 ? 1_555 14.5  ? 
50 OE1 ? A GLU 128 ? A GLU 167 ? 1_555 CD ? C CD . ? A CD 302 ? 1_555 O   ? H HOH .   ? A HOH 457 ? 5_655 143.2 ? 
51 OE2 ? A GLU 128 ? A GLU 167 ? 1_555 CD ? C CD . ? A CD 302 ? 1_555 O   ? H HOH .   ? A HOH 457 ? 5_655 101.6 ? 
52 SG  A A CYS 147 ? A CYS 186 ? 1_555 CD ? C CD . ? A CD 302 ? 1_555 O   ? H HOH .   ? A HOH 457 ? 5_655 125.7 ? 
53 SG  B A CYS 147 ? A CYS 186 ? 1_555 CD ? C CD . ? A CD 302 ? 1_555 O   ? H HOH .   ? A HOH 457 ? 5_655 111.2 ? 
54 OE1 ? A GLU 128 ? A GLU 167 ? 1_555 CD ? C CD . ? A CD 302 ? 1_555 O   ? H HOH .   ? A HOH 463 ? 1_555 109.5 ? 
55 OE2 ? A GLU 128 ? A GLU 167 ? 1_555 CD ? C CD . ? A CD 302 ? 1_555 O   ? H HOH .   ? A HOH 463 ? 1_555 107.0 ? 
56 SG  A A CYS 147 ? A CYS 186 ? 1_555 CD ? C CD . ? A CD 302 ? 1_555 O   ? H HOH .   ? A HOH 463 ? 1_555 129.5 ? 
57 SG  B A CYS 147 ? A CYS 186 ? 1_555 CD ? C CD . ? A CD 302 ? 1_555 O   ? H HOH .   ? A HOH 463 ? 1_555 143.4 ? 
58 O   ? H HOH .   ? A HOH 457 ? 5_655 CD ? C CD . ? A CD 302 ? 1_555 O   ? H HOH .   ? A HOH 463 ? 1_555 103.5 ? 
# 
loop_
_struct_mon_prot_cis.pdbx_id 
_struct_mon_prot_cis.label_comp_id 
_struct_mon_prot_cis.label_seq_id 
_struct_mon_prot_cis.label_asym_id 
_struct_mon_prot_cis.label_alt_id 
_struct_mon_prot_cis.pdbx_PDB_ins_code 
_struct_mon_prot_cis.auth_comp_id 
_struct_mon_prot_cis.auth_seq_id 
_struct_mon_prot_cis.auth_asym_id 
_struct_mon_prot_cis.pdbx_label_comp_id_2 
_struct_mon_prot_cis.pdbx_label_seq_id_2 
_struct_mon_prot_cis.pdbx_label_asym_id_2 
_struct_mon_prot_cis.pdbx_PDB_ins_code_2 
_struct_mon_prot_cis.pdbx_auth_comp_id_2 
_struct_mon_prot_cis.pdbx_auth_seq_id_2 
_struct_mon_prot_cis.pdbx_auth_asym_id_2 
_struct_mon_prot_cis.pdbx_PDB_model_num 
_struct_mon_prot_cis.pdbx_omega_angle 
1 PHE 33 A . ? PHE 72  A PRO 34 A ? PRO 73  A 1 -9.80  
2 SER 90 A . ? SER 129 A PRO 91 A ? PRO 130 A 1 -14.45 
# 
loop_
_struct_sheet.id 
_struct_sheet.type 
_struct_sheet.number_strands 
_struct_sheet.details 
AA1 ? 3 ? 
AA2 ? 5 ? 
AA3 ? 4 ? 
AA4 ? 3 ? 
AA5 ? 2 ? 
# 
loop_
_struct_sheet_order.sheet_id 
_struct_sheet_order.range_id_1 
_struct_sheet_order.range_id_2 
_struct_sheet_order.offset 
_struct_sheet_order.sense 
AA1 1 2 ? anti-parallel 
AA1 2 3 ? anti-parallel 
AA2 1 2 ? parallel      
AA2 2 3 ? anti-parallel 
AA2 3 4 ? anti-parallel 
AA2 4 5 ? anti-parallel 
AA3 1 2 ? anti-parallel 
AA3 2 3 ? anti-parallel 
AA3 3 4 ? anti-parallel 
AA4 1 2 ? anti-parallel 
AA4 2 3 ? parallel      
AA5 1 2 ? anti-parallel 
# 
loop_
_struct_sheet_range.sheet_id 
_struct_sheet_range.id 
_struct_sheet_range.beg_label_comp_id 
_struct_sheet_range.beg_label_asym_id 
_struct_sheet_range.beg_label_seq_id 
_struct_sheet_range.pdbx_beg_PDB_ins_code 
_struct_sheet_range.end_label_comp_id 
_struct_sheet_range.end_label_asym_id 
_struct_sheet_range.end_label_seq_id 
_struct_sheet_range.pdbx_end_PDB_ins_code 
_struct_sheet_range.beg_auth_comp_id 
_struct_sheet_range.beg_auth_asym_id 
_struct_sheet_range.beg_auth_seq_id 
_struct_sheet_range.end_auth_comp_id 
_struct_sheet_range.end_auth_asym_id 
_struct_sheet_range.end_auth_seq_id 
AA1 1 ARG A 4   ? LEU A 7   ? ARG A 43  LEU A 46  
AA1 2 LYS A 37  ? SER A 41  ? LYS A 76  SER A 80  
AA1 3 VAL A 102 ? SER A 103 ? VAL A 141 SER A 142 
AA2 1 GLU A 22  ? ILE A 24  ? GLU A 61  ILE A 63  
AA2 2 PHE A 153 ? VAL A 156 ? PHE A 192 VAL A 195 
AA2 3 LYS A 126 ? VAL A 136 ? LYS A 165 VAL A 175 
AA2 4 MET A 48  ? ALA A 57  ? MET A 87  ALA A 96  
AA2 5 ASN A 92  ? PHE A 93  ? ASN A 131 PHE A 132 
AA3 1 TYR A 85  ? ILE A 86  ? TYR A 124 ILE A 125 
AA3 2 MET A 48  ? ALA A 57  ? MET A 87  ALA A 96  
AA3 3 LYS A 126 ? VAL A 136 ? LYS A 165 VAL A 175 
AA3 4 MET A 142 ? CYS A 147 ? MET A 181 CYS A 186 
AA4 1 ARG A 30  ? ARG A 31  ? ARG A 69  ARG A 70  
AA4 2 LYS A 108 ? THR A 110 ? LYS A 147 THR A 149 
AA4 3 ILE A 119 ? MET A 120 ? ILE A 158 MET A 159 
AA5 1 TRP A 63  ? VAL A 66  ? TRP A 102 VAL A 105 
AA5 2 GLU A 69  ? PRO A 72  ? GLU A 108 PRO A 111 
# 
loop_
_pdbx_struct_sheet_hbond.sheet_id 
_pdbx_struct_sheet_hbond.range_id_1 
_pdbx_struct_sheet_hbond.range_id_2 
_pdbx_struct_sheet_hbond.range_1_label_atom_id 
_pdbx_struct_sheet_hbond.range_1_label_comp_id 
_pdbx_struct_sheet_hbond.range_1_label_asym_id 
_pdbx_struct_sheet_hbond.range_1_label_seq_id 
_pdbx_struct_sheet_hbond.range_1_PDB_ins_code 
_pdbx_struct_sheet_hbond.range_1_auth_atom_id 
_pdbx_struct_sheet_hbond.range_1_auth_comp_id 
_pdbx_struct_sheet_hbond.range_1_auth_asym_id 
_pdbx_struct_sheet_hbond.range_1_auth_seq_id 
_pdbx_struct_sheet_hbond.range_2_label_atom_id 
_pdbx_struct_sheet_hbond.range_2_label_comp_id 
_pdbx_struct_sheet_hbond.range_2_label_asym_id 
_pdbx_struct_sheet_hbond.range_2_label_seq_id 
_pdbx_struct_sheet_hbond.range_2_PDB_ins_code 
_pdbx_struct_sheet_hbond.range_2_auth_atom_id 
_pdbx_struct_sheet_hbond.range_2_auth_comp_id 
_pdbx_struct_sheet_hbond.range_2_auth_asym_id 
_pdbx_struct_sheet_hbond.range_2_auth_seq_id 
AA1 1 2 N GLY A 6   ? N GLY A 45  O ASN A 39  ? O ASN A 78  
AA1 2 3 N VAL A 38  ? N VAL A 77  O VAL A 102 ? O VAL A 141 
AA2 1 2 N MET A 23  ? N MET A 62  O VAL A 156 ? O VAL A 195 
AA2 2 3 O PHE A 153 ? O PHE A 192 N TYR A 127 ? N TYR A 166 
AA2 3 4 O ARG A 130 ? O ARG A 169 N ASP A 54  ? N ASP A 93  
AA2 4 5 N TYR A 49  ? N TYR A 88  O ASN A 92  ? O ASN A 131 
AA3 1 2 O TYR A 85  ? O TYR A 124 N LEU A 53  ? N LEU A 92  
AA3 2 3 N ASP A 54  ? N ASP A 93  O ARG A 130 ? O ARG A 169 
AA3 3 4 N ILE A 133 ? N ILE A 172 O THR A 144 ? O THR A 183 
AA4 1 2 N ARG A 30  ? N ARG A 69  O LEU A 109 ? O LEU A 148 
AA4 2 3 N LYS A 108 ? N LYS A 147 O ILE A 119 ? O ILE A 158 
AA5 1 2 N VAL A 66  ? N VAL A 105 O GLU A 69  ? O GLU A 108 
# 
loop_
_struct_site.id 
_struct_site.pdbx_evidence_code 
_struct_site.pdbx_auth_asym_id 
_struct_site.pdbx_auth_comp_id 
_struct_site.pdbx_auth_seq_id 
_struct_site.pdbx_auth_ins_code 
_struct_site.pdbx_num_residues 
_struct_site.details 
AC1 Software A CD  301 ? 8 'binding site for residue CD A 301'  
AC2 Software A CD  302 ? 6 'binding site for residue CD A 302'  
AC3 Software A CD  303 ? 4 'binding site for residue CD A 303'  
AC4 Software A CD  304 ? 4 'binding site for residue CD A 304'  
AC5 Software A CD  305 ? 4 'binding site for residue CD A 305'  
AC6 Software A NZD 306 ? 5 'binding site for residue NZD A 306' 
# 
loop_
_struct_site_gen.id 
_struct_site_gen.site_id 
_struct_site_gen.pdbx_num_res 
_struct_site_gen.label_comp_id 
_struct_site_gen.label_asym_id 
_struct_site_gen.label_seq_id 
_struct_site_gen.pdbx_auth_ins_code 
_struct_site_gen.auth_comp_id 
_struct_site_gen.auth_asym_id 
_struct_site_gen.auth_seq_id 
_struct_site_gen.label_atom_id 
_struct_site_gen.label_alt_id 
_struct_site_gen.symmetry 
_struct_site_gen.details 
1  AC1 8 GLU A 128 ? GLU A 167 . ? 1_555 ? 
2  AC1 8 GLU A 128 ? GLU A 167 . ? 5_655 ? 
3  AC1 8 CYS A 147 ? CYS A 186 . ? 1_555 ? 
4  AC1 8 CYS A 147 ? CYS A 186 . ? 5_655 ? 
5  AC1 8 CD  C .   ? CD  A 302 . ? 5_655 ? 
6  AC1 8 CD  C .   ? CD  A 302 . ? 1_555 ? 
7  AC1 8 HOH H .   ? HOH A 438 . ? 5_655 ? 
8  AC1 8 HOH H .   ? HOH A 438 . ? 1_555 ? 
9  AC2 6 GLU A 128 ? GLU A 167 . ? 1_555 ? 
10 AC2 6 CYS A 147 ? CYS A 186 . ? 5_655 ? 
11 AC2 6 CD  B .   ? CD  A 301 . ? 5_655 ? 
12 AC2 6 CD  B .   ? CD  A 301 . ? 1_555 ? 
13 AC2 6 HOH H .   ? HOH A 457 . ? 5_655 ? 
14 AC2 6 HOH H .   ? HOH A 463 . ? 1_555 ? 
15 AC3 4 CYS A 83  ? CYS A 122 . ? 1_555 ? 
16 AC3 4 HOH H .   ? HOH A 455 . ? 1_555 ? 
17 AC3 4 HOH H .   ? HOH A 456 . ? 1_555 ? 
18 AC3 4 HOH H .   ? HOH A 472 . ? 1_555 ? 
19 AC4 4 HIS A 61  ? HIS A 100 . ? 1_555 ? 
20 AC4 4 HOH H .   ? HOH A 459 . ? 1_555 ? 
21 AC4 4 HOH H .   ? HOH A 460 . ? 1_555 ? 
22 AC4 4 HOH H .   ? HOH A 462 . ? 1_555 ? 
23 AC5 4 CYS A 83  ? CYS A 122 . ? 1_555 ? 
24 AC5 4 HOH H .   ? HOH A 452 . ? 1_555 ? 
25 AC5 4 HOH H .   ? HOH A 471 . ? 1_555 ? 
26 AC5 4 HOH H .   ? HOH A 472 . ? 1_555 ? 
27 AC6 5 SER A 50  ? SER A 89  . ? 1_555 ? 
28 AC6 5 SER A 90  ? SER A 129 . ? 1_555 ? 
29 AC6 5 PHE A 93  ? PHE A 132 . ? 6_555 ? 
30 AC6 5 ARG A 141 ? ARG A 180 . ? 1_555 ? 
31 AC6 5 HOH H .   ? HOH A 466 . ? 1_555 ? 
# 
loop_
_pdbx_validate_torsion.id 
_pdbx_validate_torsion.PDB_model_num 
_pdbx_validate_torsion.auth_comp_id 
_pdbx_validate_torsion.auth_asym_id 
_pdbx_validate_torsion.auth_seq_id 
_pdbx_validate_torsion.PDB_ins_code 
_pdbx_validate_torsion.label_alt_id 
_pdbx_validate_torsion.phi 
_pdbx_validate_torsion.psi 
1 1 GLU A 50  ? ? -28.40 -58.09 
2 1 THR A 59  ? ? 70.16  105.02 
3 1 PHE A 143 ? ? -93.21 55.83  
# 
_pdbx_struct_special_symmetry.id              1 
_pdbx_struct_special_symmetry.PDB_model_num   1 
_pdbx_struct_special_symmetry.auth_asym_id    A 
_pdbx_struct_special_symmetry.auth_comp_id    CD 
_pdbx_struct_special_symmetry.auth_seq_id     301 
_pdbx_struct_special_symmetry.PDB_ins_code    ? 
_pdbx_struct_special_symmetry.label_asym_id   B 
_pdbx_struct_special_symmetry.label_comp_id   CD 
_pdbx_struct_special_symmetry.label_seq_id    . 
# 
_phasing.method   MR 
# 
_pdbx_entry_details.entry_id                 5QRY 
_pdbx_entry_details.has_ligand_of_interest   Y 
_pdbx_entry_details.compound_details         ? 
_pdbx_entry_details.source_details           ? 
_pdbx_entry_details.nonpolymer_details       ? 
_pdbx_entry_details.sequence_details         ? 
# 
loop_
_pdbx_distant_solvent_atoms.id 
_pdbx_distant_solvent_atoms.PDB_model_num 
_pdbx_distant_solvent_atoms.auth_atom_id 
_pdbx_distant_solvent_atoms.label_alt_id 
_pdbx_distant_solvent_atoms.auth_asym_id 
_pdbx_distant_solvent_atoms.auth_comp_id 
_pdbx_distant_solvent_atoms.auth_seq_id 
_pdbx_distant_solvent_atoms.PDB_ins_code 
_pdbx_distant_solvent_atoms.neighbor_macromolecule_distance 
_pdbx_distant_solvent_atoms.neighbor_ligand_distance 
1 1 O ? A HOH 471 ? 6.31 . 
2 1 O ? A HOH 472 ? 6.32 . 
# 
_pdbx_unobs_or_zero_occ_residues.id               1 
_pdbx_unobs_or_zero_occ_residues.PDB_model_num    1 
_pdbx_unobs_or_zero_occ_residues.polymer_flag     Y 
_pdbx_unobs_or_zero_occ_residues.occupancy_flag   1 
_pdbx_unobs_or_zero_occ_residues.auth_asym_id     A 
_pdbx_unobs_or_zero_occ_residues.auth_comp_id     GLY 
_pdbx_unobs_or_zero_occ_residues.auth_seq_id      40 
_pdbx_unobs_or_zero_occ_residues.PDB_ins_code     ? 
_pdbx_unobs_or_zero_occ_residues.label_asym_id    A 
_pdbx_unobs_or_zero_occ_residues.label_comp_id    GLY 
_pdbx_unobs_or_zero_occ_residues.label_seq_id     1 
# 
loop_
_chem_comp_atom.comp_id 
_chem_comp_atom.atom_id 
_chem_comp_atom.type_symbol 
_chem_comp_atom.pdbx_aromatic_flag 
_chem_comp_atom.pdbx_stereo_config 
_chem_comp_atom.pdbx_ordinal 
ALA N    N  N N 1   
ALA CA   C  N S 2   
ALA C    C  N N 3   
ALA O    O  N N 4   
ALA CB   C  N N 5   
ALA OXT  O  N N 6   
ALA H    H  N N 7   
ALA H2   H  N N 8   
ALA HA   H  N N 9   
ALA HB1  H  N N 10  
ALA HB2  H  N N 11  
ALA HB3  H  N N 12  
ALA HXT  H  N N 13  
ARG N    N  N N 14  
ARG CA   C  N S 15  
ARG C    C  N N 16  
ARG O    O  N N 17  
ARG CB   C  N N 18  
ARG CG   C  N N 19  
ARG CD   C  N N 20  
ARG NE   N  N N 21  
ARG CZ   C  N N 22  
ARG NH1  N  N N 23  
ARG NH2  N  N N 24  
ARG OXT  O  N N 25  
ARG H    H  N N 26  
ARG H2   H  N N 27  
ARG HA   H  N N 28  
ARG HB2  H  N N 29  
ARG HB3  H  N N 30  
ARG HG2  H  N N 31  
ARG HG3  H  N N 32  
ARG HD2  H  N N 33  
ARG HD3  H  N N 34  
ARG HE   H  N N 35  
ARG HH11 H  N N 36  
ARG HH12 H  N N 37  
ARG HH21 H  N N 38  
ARG HH22 H  N N 39  
ARG HXT  H  N N 40  
ASN N    N  N N 41  
ASN CA   C  N S 42  
ASN C    C  N N 43  
ASN O    O  N N 44  
ASN CB   C  N N 45  
ASN CG   C  N N 46  
ASN OD1  O  N N 47  
ASN ND2  N  N N 48  
ASN OXT  O  N N 49  
ASN H    H  N N 50  
ASN H2   H  N N 51  
ASN HA   H  N N 52  
ASN HB2  H  N N 53  
ASN HB3  H  N N 54  
ASN HD21 H  N N 55  
ASN HD22 H  N N 56  
ASN HXT  H  N N 57  
ASP N    N  N N 58  
ASP CA   C  N S 59  
ASP C    C  N N 60  
ASP O    O  N N 61  
ASP CB   C  N N 62  
ASP CG   C  N N 63  
ASP OD1  O  N N 64  
ASP OD2  O  N N 65  
ASP OXT  O  N N 66  
ASP H    H  N N 67  
ASP H2   H  N N 68  
ASP HA   H  N N 69  
ASP HB2  H  N N 70  
ASP HB3  H  N N 71  
ASP HD2  H  N N 72  
ASP HXT  H  N N 73  
CD  CD   CD N N 74  
CYS N    N  N N 75  
CYS CA   C  N R 76  
CYS C    C  N N 77  
CYS O    O  N N 78  
CYS CB   C  N N 79  
CYS SG   S  N N 80  
CYS OXT  O  N N 81  
CYS H    H  N N 82  
CYS H2   H  N N 83  
CYS HA   H  N N 84  
CYS HB2  H  N N 85  
CYS HB3  H  N N 86  
CYS HG   H  N N 87  
CYS HXT  H  N N 88  
GLN N    N  N N 89  
GLN CA   C  N S 90  
GLN C    C  N N 91  
GLN O    O  N N 92  
GLN CB   C  N N 93  
GLN CG   C  N N 94  
GLN CD   C  N N 95  
GLN OE1  O  N N 96  
GLN NE2  N  N N 97  
GLN OXT  O  N N 98  
GLN H    H  N N 99  
GLN H2   H  N N 100 
GLN HA   H  N N 101 
GLN HB2  H  N N 102 
GLN HB3  H  N N 103 
GLN HG2  H  N N 104 
GLN HG3  H  N N 105 
GLN HE21 H  N N 106 
GLN HE22 H  N N 107 
GLN HXT  H  N N 108 
GLU N    N  N N 109 
GLU CA   C  N S 110 
GLU C    C  N N 111 
GLU O    O  N N 112 
GLU CB   C  N N 113 
GLU CG   C  N N 114 
GLU CD   C  N N 115 
GLU OE1  O  N N 116 
GLU OE2  O  N N 117 
GLU OXT  O  N N 118 
GLU H    H  N N 119 
GLU H2   H  N N 120 
GLU HA   H  N N 121 
GLU HB2  H  N N 122 
GLU HB3  H  N N 123 
GLU HG2  H  N N 124 
GLU HG3  H  N N 125 
GLU HE2  H  N N 126 
GLU HXT  H  N N 127 
GLY N    N  N N 128 
GLY CA   C  N N 129 
GLY C    C  N N 130 
GLY O    O  N N 131 
GLY OXT  O  N N 132 
GLY H    H  N N 133 
GLY H2   H  N N 134 
GLY HA2  H  N N 135 
GLY HA3  H  N N 136 
GLY HXT  H  N N 137 
HIS N    N  N N 138 
HIS CA   C  N S 139 
HIS C    C  N N 140 
HIS O    O  N N 141 
HIS CB   C  N N 142 
HIS CG   C  Y N 143 
HIS ND1  N  Y N 144 
HIS CD2  C  Y N 145 
HIS CE1  C  Y N 146 
HIS NE2  N  Y N 147 
HIS OXT  O  N N 148 
HIS H    H  N N 149 
HIS H2   H  N N 150 
HIS HA   H  N N 151 
HIS HB2  H  N N 152 
HIS HB3  H  N N 153 
HIS HD1  H  N N 154 
HIS HD2  H  N N 155 
HIS HE1  H  N N 156 
HIS HE2  H  N N 157 
HIS HXT  H  N N 158 
HOH O    O  N N 159 
HOH H1   H  N N 160 
HOH H2   H  N N 161 
ILE N    N  N N 162 
ILE CA   C  N S 163 
ILE C    C  N N 164 
ILE O    O  N N 165 
ILE CB   C  N S 166 
ILE CG1  C  N N 167 
ILE CG2  C  N N 168 
ILE CD1  C  N N 169 
ILE OXT  O  N N 170 
ILE H    H  N N 171 
ILE H2   H  N N 172 
ILE HA   H  N N 173 
ILE HB   H  N N 174 
ILE HG12 H  N N 175 
ILE HG13 H  N N 176 
ILE HG21 H  N N 177 
ILE HG22 H  N N 178 
ILE HG23 H  N N 179 
ILE HD11 H  N N 180 
ILE HD12 H  N N 181 
ILE HD13 H  N N 182 
ILE HXT  H  N N 183 
LEU N    N  N N 184 
LEU CA   C  N S 185 
LEU C    C  N N 186 
LEU O    O  N N 187 
LEU CB   C  N N 188 
LEU CG   C  N N 189 
LEU CD1  C  N N 190 
LEU CD2  C  N N 191 
LEU OXT  O  N N 192 
LEU H    H  N N 193 
LEU H2   H  N N 194 
LEU HA   H  N N 195 
LEU HB2  H  N N 196 
LEU HB3  H  N N 197 
LEU HG   H  N N 198 
LEU HD11 H  N N 199 
LEU HD12 H  N N 200 
LEU HD13 H  N N 201 
LEU HD21 H  N N 202 
LEU HD22 H  N N 203 
LEU HD23 H  N N 204 
LEU HXT  H  N N 205 
LYS N    N  N N 206 
LYS CA   C  N S 207 
LYS C    C  N N 208 
LYS O    O  N N 209 
LYS CB   C  N N 210 
LYS CG   C  N N 211 
LYS CD   C  N N 212 
LYS CE   C  N N 213 
LYS NZ   N  N N 214 
LYS OXT  O  N N 215 
LYS H    H  N N 216 
LYS H2   H  N N 217 
LYS HA   H  N N 218 
LYS HB2  H  N N 219 
LYS HB3  H  N N 220 
LYS HG2  H  N N 221 
LYS HG3  H  N N 222 
LYS HD2  H  N N 223 
LYS HD3  H  N N 224 
LYS HE2  H  N N 225 
LYS HE3  H  N N 226 
LYS HZ1  H  N N 227 
LYS HZ2  H  N N 228 
LYS HZ3  H  N N 229 
LYS HXT  H  N N 230 
MET N    N  N N 231 
MET CA   C  N S 232 
MET C    C  N N 233 
MET O    O  N N 234 
MET CB   C  N N 235 
MET CG   C  N N 236 
MET SD   S  N N 237 
MET CE   C  N N 238 
MET OXT  O  N N 239 
MET H    H  N N 240 
MET H2   H  N N 241 
MET HA   H  N N 242 
MET HB2  H  N N 243 
MET HB3  H  N N 244 
MET HG2  H  N N 245 
MET HG3  H  N N 246 
MET HE1  H  N N 247 
MET HE2  H  N N 248 
MET HE3  H  N N 249 
MET HXT  H  N N 250 
NZD N1   N  N N 251 
NZD N3   N  N N 252 
NZD C4   C  N N 253 
NZD C5   C  N N 254 
NZD C6   C  N N 255 
NZD C7   C  Y N 256 
NZD C8   C  Y N 257 
NZD C10  C  Y N 258 
NZD C1   C  N N 259 
NZD C11  C  Y N 260 
NZD C12  C  Y N 261 
NZD C2   C  N N 262 
NZD C3   C  N N 263 
NZD C9   C  Y N 264 
NZD N2   N  N N 265 
NZD O1   O  N N 266 
NZD H2   H  N N 267 
NZD H3   H  N N 268 
NZD H4   H  N N 269 
NZD H5   H  N N 270 
NZD H6   H  N N 271 
NZD H7   H  N N 272 
NZD H8   H  N N 273 
NZD H9   H  N N 274 
NZD H10  H  N N 275 
NZD H11  H  N N 276 
NZD H12  H  N N 277 
NZD H13  H  N N 278 
NZD H14  H  N N 279 
NZD H15  H  N N 280 
NZD H16  H  N N 281 
NZD H17  H  N N 282 
NZD H18  H  N N 283 
PHE N    N  N N 284 
PHE CA   C  N S 285 
PHE C    C  N N 286 
PHE O    O  N N 287 
PHE CB   C  N N 288 
PHE CG   C  Y N 289 
PHE CD1  C  Y N 290 
PHE CD2  C  Y N 291 
PHE CE1  C  Y N 292 
PHE CE2  C  Y N 293 
PHE CZ   C  Y N 294 
PHE OXT  O  N N 295 
PHE H    H  N N 296 
PHE H2   H  N N 297 
PHE HA   H  N N 298 
PHE HB2  H  N N 299 
PHE HB3  H  N N 300 
PHE HD1  H  N N 301 
PHE HD2  H  N N 302 
PHE HE1  H  N N 303 
PHE HE2  H  N N 304 
PHE HZ   H  N N 305 
PHE HXT  H  N N 306 
PRO N    N  N N 307 
PRO CA   C  N S 308 
PRO C    C  N N 309 
PRO O    O  N N 310 
PRO CB   C  N N 311 
PRO CG   C  N N 312 
PRO CD   C  N N 313 
PRO OXT  O  N N 314 
PRO H    H  N N 315 
PRO HA   H  N N 316 
PRO HB2  H  N N 317 
PRO HB3  H  N N 318 
PRO HG2  H  N N 319 
PRO HG3  H  N N 320 
PRO HD2  H  N N 321 
PRO HD3  H  N N 322 
PRO HXT  H  N N 323 
SER N    N  N N 324 
SER CA   C  N S 325 
SER C    C  N N 326 
SER O    O  N N 327 
SER CB   C  N N 328 
SER OG   O  N N 329 
SER OXT  O  N N 330 
SER H    H  N N 331 
SER H2   H  N N 332 
SER HA   H  N N 333 
SER HB2  H  N N 334 
SER HB3  H  N N 335 
SER HG   H  N N 336 
SER HXT  H  N N 337 
THR N    N  N N 338 
THR CA   C  N S 339 
THR C    C  N N 340 
THR O    O  N N 341 
THR CB   C  N R 342 
THR OG1  O  N N 343 
THR CG2  C  N N 344 
THR OXT  O  N N 345 
THR H    H  N N 346 
THR H2   H  N N 347 
THR HA   H  N N 348 
THR HB   H  N N 349 
THR HG1  H  N N 350 
THR HG21 H  N N 351 
THR HG22 H  N N 352 
THR HG23 H  N N 353 
THR HXT  H  N N 354 
TRP N    N  N N 355 
TRP CA   C  N S 356 
TRP C    C  N N 357 
TRP O    O  N N 358 
TRP CB   C  N N 359 
TRP CG   C  Y N 360 
TRP CD1  C  Y N 361 
TRP CD2  C  Y N 362 
TRP NE1  N  Y N 363 
TRP CE2  C  Y N 364 
TRP CE3  C  Y N 365 
TRP CZ2  C  Y N 366 
TRP CZ3  C  Y N 367 
TRP CH2  C  Y N 368 
TRP OXT  O  N N 369 
TRP H    H  N N 370 
TRP H2   H  N N 371 
TRP HA   H  N N 372 
TRP HB2  H  N N 373 
TRP HB3  H  N N 374 
TRP HD1  H  N N 375 
TRP HE1  H  N N 376 
TRP HE3  H  N N 377 
TRP HZ2  H  N N 378 
TRP HZ3  H  N N 379 
TRP HH2  H  N N 380 
TRP HXT  H  N N 381 
TYR N    N  N N 382 
TYR CA   C  N S 383 
TYR C    C  N N 384 
TYR O    O  N N 385 
TYR CB   C  N N 386 
TYR CG   C  Y N 387 
TYR CD1  C  Y N 388 
TYR CD2  C  Y N 389 
TYR CE1  C  Y N 390 
TYR CE2  C  Y N 391 
TYR CZ   C  Y N 392 
TYR OH   O  N N 393 
TYR OXT  O  N N 394 
TYR H    H  N N 395 
TYR H2   H  N N 396 
TYR HA   H  N N 397 
TYR HB2  H  N N 398 
TYR HB3  H  N N 399 
TYR HD1  H  N N 400 
TYR HD2  H  N N 401 
TYR HE1  H  N N 402 
TYR HE2  H  N N 403 
TYR HH   H  N N 404 
TYR HXT  H  N N 405 
VAL N    N  N N 406 
VAL CA   C  N S 407 
VAL C    C  N N 408 
VAL O    O  N N 409 
VAL CB   C  N N 410 
VAL CG1  C  N N 411 
VAL CG2  C  N N 412 
VAL OXT  O  N N 413 
VAL H    H  N N 414 
VAL H2   H  N N 415 
VAL HA   H  N N 416 
VAL HB   H  N N 417 
VAL HG11 H  N N 418 
VAL HG12 H  N N 419 
VAL HG13 H  N N 420 
VAL HG21 H  N N 421 
VAL HG22 H  N N 422 
VAL HG23 H  N N 423 
VAL HXT  H  N N 424 
# 
loop_
_chem_comp_bond.comp_id 
_chem_comp_bond.atom_id_1 
_chem_comp_bond.atom_id_2 
_chem_comp_bond.value_order 
_chem_comp_bond.pdbx_aromatic_flag 
_chem_comp_bond.pdbx_stereo_config 
_chem_comp_bond.pdbx_ordinal 
ALA N   CA   sing N N 1   
ALA N   H    sing N N 2   
ALA N   H2   sing N N 3   
ALA CA  C    sing N N 4   
ALA CA  CB   sing N N 5   
ALA CA  HA   sing N N 6   
ALA C   O    doub N N 7   
ALA C   OXT  sing N N 8   
ALA CB  HB1  sing N N 9   
ALA CB  HB2  sing N N 10  
ALA CB  HB3  sing N N 11  
ALA OXT HXT  sing N N 12  
ARG N   CA   sing N N 13  
ARG N   H    sing N N 14  
ARG N   H2   sing N N 15  
ARG CA  C    sing N N 16  
ARG CA  CB   sing N N 17  
ARG CA  HA   sing N N 18  
ARG C   O    doub N N 19  
ARG C   OXT  sing N N 20  
ARG CB  CG   sing N N 21  
ARG CB  HB2  sing N N 22  
ARG CB  HB3  sing N N 23  
ARG CG  CD   sing N N 24  
ARG CG  HG2  sing N N 25  
ARG CG  HG3  sing N N 26  
ARG CD  NE   sing N N 27  
ARG CD  HD2  sing N N 28  
ARG CD  HD3  sing N N 29  
ARG NE  CZ   sing N N 30  
ARG NE  HE   sing N N 31  
ARG CZ  NH1  sing N N 32  
ARG CZ  NH2  doub N N 33  
ARG NH1 HH11 sing N N 34  
ARG NH1 HH12 sing N N 35  
ARG NH2 HH21 sing N N 36  
ARG NH2 HH22 sing N N 37  
ARG OXT HXT  sing N N 38  
ASN N   CA   sing N N 39  
ASN N   H    sing N N 40  
ASN N   H2   sing N N 41  
ASN CA  C    sing N N 42  
ASN CA  CB   sing N N 43  
ASN CA  HA   sing N N 44  
ASN C   O    doub N N 45  
ASN C   OXT  sing N N 46  
ASN CB  CG   sing N N 47  
ASN CB  HB2  sing N N 48  
ASN CB  HB3  sing N N 49  
ASN CG  OD1  doub N N 50  
ASN CG  ND2  sing N N 51  
ASN ND2 HD21 sing N N 52  
ASN ND2 HD22 sing N N 53  
ASN OXT HXT  sing N N 54  
ASP N   CA   sing N N 55  
ASP N   H    sing N N 56  
ASP N   H2   sing N N 57  
ASP CA  C    sing N N 58  
ASP CA  CB   sing N N 59  
ASP CA  HA   sing N N 60  
ASP C   O    doub N N 61  
ASP C   OXT  sing N N 62  
ASP CB  CG   sing N N 63  
ASP CB  HB2  sing N N 64  
ASP CB  HB3  sing N N 65  
ASP CG  OD1  doub N N 66  
ASP CG  OD2  sing N N 67  
ASP OD2 HD2  sing N N 68  
ASP OXT HXT  sing N N 69  
CYS N   CA   sing N N 70  
CYS N   H    sing N N 71  
CYS N   H2   sing N N 72  
CYS CA  C    sing N N 73  
CYS CA  CB   sing N N 74  
CYS CA  HA   sing N N 75  
CYS C   O    doub N N 76  
CYS C   OXT  sing N N 77  
CYS CB  SG   sing N N 78  
CYS CB  HB2  sing N N 79  
CYS CB  HB3  sing N N 80  
CYS SG  HG   sing N N 81  
CYS OXT HXT  sing N N 82  
GLN N   CA   sing N N 83  
GLN N   H    sing N N 84  
GLN N   H2   sing N N 85  
GLN CA  C    sing N N 86  
GLN CA  CB   sing N N 87  
GLN CA  HA   sing N N 88  
GLN C   O    doub N N 89  
GLN C   OXT  sing N N 90  
GLN CB  CG   sing N N 91  
GLN CB  HB2  sing N N 92  
GLN CB  HB3  sing N N 93  
GLN CG  CD   sing N N 94  
GLN CG  HG2  sing N N 95  
GLN CG  HG3  sing N N 96  
GLN CD  OE1  doub N N 97  
GLN CD  NE2  sing N N 98  
GLN NE2 HE21 sing N N 99  
GLN NE2 HE22 sing N N 100 
GLN OXT HXT  sing N N 101 
GLU N   CA   sing N N 102 
GLU N   H    sing N N 103 
GLU N   H2   sing N N 104 
GLU CA  C    sing N N 105 
GLU CA  CB   sing N N 106 
GLU CA  HA   sing N N 107 
GLU C   O    doub N N 108 
GLU C   OXT  sing N N 109 
GLU CB  CG   sing N N 110 
GLU CB  HB2  sing N N 111 
GLU CB  HB3  sing N N 112 
GLU CG  CD   sing N N 113 
GLU CG  HG2  sing N N 114 
GLU CG  HG3  sing N N 115 
GLU CD  OE1  doub N N 116 
GLU CD  OE2  sing N N 117 
GLU OE2 HE2  sing N N 118 
GLU OXT HXT  sing N N 119 
GLY N   CA   sing N N 120 
GLY N   H    sing N N 121 
GLY N   H2   sing N N 122 
GLY CA  C    sing N N 123 
GLY CA  HA2  sing N N 124 
GLY CA  HA3  sing N N 125 
GLY C   O    doub N N 126 
GLY C   OXT  sing N N 127 
GLY OXT HXT  sing N N 128 
HIS N   CA   sing N N 129 
HIS N   H    sing N N 130 
HIS N   H2   sing N N 131 
HIS CA  C    sing N N 132 
HIS CA  CB   sing N N 133 
HIS CA  HA   sing N N 134 
HIS C   O    doub N N 135 
HIS C   OXT  sing N N 136 
HIS CB  CG   sing N N 137 
HIS CB  HB2  sing N N 138 
HIS CB  HB3  sing N N 139 
HIS CG  ND1  sing Y N 140 
HIS CG  CD2  doub Y N 141 
HIS ND1 CE1  doub Y N 142 
HIS ND1 HD1  sing N N 143 
HIS CD2 NE2  sing Y N 144 
HIS CD2 HD2  sing N N 145 
HIS CE1 NE2  sing Y N 146 
HIS CE1 HE1  sing N N 147 
HIS NE2 HE2  sing N N 148 
HIS OXT HXT  sing N N 149 
HOH O   H1   sing N N 150 
HOH O   H2   sing N N 151 
ILE N   CA   sing N N 152 
ILE N   H    sing N N 153 
ILE N   H2   sing N N 154 
ILE CA  C    sing N N 155 
ILE CA  CB   sing N N 156 
ILE CA  HA   sing N N 157 
ILE C   O    doub N N 158 
ILE C   OXT  sing N N 159 
ILE CB  CG1  sing N N 160 
ILE CB  CG2  sing N N 161 
ILE CB  HB   sing N N 162 
ILE CG1 CD1  sing N N 163 
ILE CG1 HG12 sing N N 164 
ILE CG1 HG13 sing N N 165 
ILE CG2 HG21 sing N N 166 
ILE CG2 HG22 sing N N 167 
ILE CG2 HG23 sing N N 168 
ILE CD1 HD11 sing N N 169 
ILE CD1 HD12 sing N N 170 
ILE CD1 HD13 sing N N 171 
ILE OXT HXT  sing N N 172 
LEU N   CA   sing N N 173 
LEU N   H    sing N N 174 
LEU N   H2   sing N N 175 
LEU CA  C    sing N N 176 
LEU CA  CB   sing N N 177 
LEU CA  HA   sing N N 178 
LEU C   O    doub N N 179 
LEU C   OXT  sing N N 180 
LEU CB  CG   sing N N 181 
LEU CB  HB2  sing N N 182 
LEU CB  HB3  sing N N 183 
LEU CG  CD1  sing N N 184 
LEU CG  CD2  sing N N 185 
LEU CG  HG   sing N N 186 
LEU CD1 HD11 sing N N 187 
LEU CD1 HD12 sing N N 188 
LEU CD1 HD13 sing N N 189 
LEU CD2 HD21 sing N N 190 
LEU CD2 HD22 sing N N 191 
LEU CD2 HD23 sing N N 192 
LEU OXT HXT  sing N N 193 
LYS N   CA   sing N N 194 
LYS N   H    sing N N 195 
LYS N   H2   sing N N 196 
LYS CA  C    sing N N 197 
LYS CA  CB   sing N N 198 
LYS CA  HA   sing N N 199 
LYS C   O    doub N N 200 
LYS C   OXT  sing N N 201 
LYS CB  CG   sing N N 202 
LYS CB  HB2  sing N N 203 
LYS CB  HB3  sing N N 204 
LYS CG  CD   sing N N 205 
LYS CG  HG2  sing N N 206 
LYS CG  HG3  sing N N 207 
LYS CD  CE   sing N N 208 
LYS CD  HD2  sing N N 209 
LYS CD  HD3  sing N N 210 
LYS CE  NZ   sing N N 211 
LYS CE  HE2  sing N N 212 
LYS CE  HE3  sing N N 213 
LYS NZ  HZ1  sing N N 214 
LYS NZ  HZ2  sing N N 215 
LYS NZ  HZ3  sing N N 216 
LYS OXT HXT  sing N N 217 
MET N   CA   sing N N 218 
MET N   H    sing N N 219 
MET N   H2   sing N N 220 
MET CA  C    sing N N 221 
MET CA  CB   sing N N 222 
MET CA  HA   sing N N 223 
MET C   O    doub N N 224 
MET C   OXT  sing N N 225 
MET CB  CG   sing N N 226 
MET CB  HB2  sing N N 227 
MET CB  HB3  sing N N 228 
MET CG  SD   sing N N 229 
MET CG  HG2  sing N N 230 
MET CG  HG3  sing N N 231 
MET SD  CE   sing N N 232 
MET CE  HE1  sing N N 233 
MET CE  HE2  sing N N 234 
MET CE  HE3  sing N N 235 
MET OXT HXT  sing N N 236 
NZD C11 C10  doub Y N 237 
NZD C11 C12  sing Y N 238 
NZD C10 C9   sing Y N 239 
NZD C12 C7   doub Y N 240 
NZD C9  C8   doub Y N 241 
NZD C7  C8   sing Y N 242 
NZD C7  N3   sing N N 243 
NZD N3  C6   sing N N 244 
NZD O1  C6   doub N N 245 
NZD C6  N2   sing N N 246 
NZD N2  C3   sing N N 247 
NZD N2  C4   sing N N 248 
NZD C3  C2   sing N N 249 
NZD C5  N1   sing N N 250 
NZD C5  C4   sing N N 251 
NZD N1  C2   sing N N 252 
NZD N1  C1   sing N N 253 
NZD N3  H2   sing N N 254 
NZD C4  H3   sing N N 255 
NZD C4  H4   sing N N 256 
NZD C5  H5   sing N N 257 
NZD C5  H6   sing N N 258 
NZD C8  H7   sing N N 259 
NZD C10 H8   sing N N 260 
NZD C1  H9   sing N N 261 
NZD C1  H10  sing N N 262 
NZD C1  H11  sing N N 263 
NZD C11 H12  sing N N 264 
NZD C12 H13  sing N N 265 
NZD C2  H14  sing N N 266 
NZD C2  H15  sing N N 267 
NZD C3  H16  sing N N 268 
NZD C3  H17  sing N N 269 
NZD C9  H18  sing N N 270 
PHE N   CA   sing N N 271 
PHE N   H    sing N N 272 
PHE N   H2   sing N N 273 
PHE CA  C    sing N N 274 
PHE CA  CB   sing N N 275 
PHE CA  HA   sing N N 276 
PHE C   O    doub N N 277 
PHE C   OXT  sing N N 278 
PHE CB  CG   sing N N 279 
PHE CB  HB2  sing N N 280 
PHE CB  HB3  sing N N 281 
PHE CG  CD1  doub Y N 282 
PHE CG  CD2  sing Y N 283 
PHE CD1 CE1  sing Y N 284 
PHE CD1 HD1  sing N N 285 
PHE CD2 CE2  doub Y N 286 
PHE CD2 HD2  sing N N 287 
PHE CE1 CZ   doub Y N 288 
PHE CE1 HE1  sing N N 289 
PHE CE2 CZ   sing Y N 290 
PHE CE2 HE2  sing N N 291 
PHE CZ  HZ   sing N N 292 
PHE OXT HXT  sing N N 293 
PRO N   CA   sing N N 294 
PRO N   CD   sing N N 295 
PRO N   H    sing N N 296 
PRO CA  C    sing N N 297 
PRO CA  CB   sing N N 298 
PRO CA  HA   sing N N 299 
PRO C   O    doub N N 300 
PRO C   OXT  sing N N 301 
PRO CB  CG   sing N N 302 
PRO CB  HB2  sing N N 303 
PRO CB  HB3  sing N N 304 
PRO CG  CD   sing N N 305 
PRO CG  HG2  sing N N 306 
PRO CG  HG3  sing N N 307 
PRO CD  HD2  sing N N 308 
PRO CD  HD3  sing N N 309 
PRO OXT HXT  sing N N 310 
SER N   CA   sing N N 311 
SER N   H    sing N N 312 
SER N   H2   sing N N 313 
SER CA  C    sing N N 314 
SER CA  CB   sing N N 315 
SER CA  HA   sing N N 316 
SER C   O    doub N N 317 
SER C   OXT  sing N N 318 
SER CB  OG   sing N N 319 
SER CB  HB2  sing N N 320 
SER CB  HB3  sing N N 321 
SER OG  HG   sing N N 322 
SER OXT HXT  sing N N 323 
THR N   CA   sing N N 324 
THR N   H    sing N N 325 
THR N   H2   sing N N 326 
THR CA  C    sing N N 327 
THR CA  CB   sing N N 328 
THR CA  HA   sing N N 329 
THR C   O    doub N N 330 
THR C   OXT  sing N N 331 
THR CB  OG1  sing N N 332 
THR CB  CG2  sing N N 333 
THR CB  HB   sing N N 334 
THR OG1 HG1  sing N N 335 
THR CG2 HG21 sing N N 336 
THR CG2 HG22 sing N N 337 
THR CG2 HG23 sing N N 338 
THR OXT HXT  sing N N 339 
TRP N   CA   sing N N 340 
TRP N   H    sing N N 341 
TRP N   H2   sing N N 342 
TRP CA  C    sing N N 343 
TRP CA  CB   sing N N 344 
TRP CA  HA   sing N N 345 
TRP C   O    doub N N 346 
TRP C   OXT  sing N N 347 
TRP CB  CG   sing N N 348 
TRP CB  HB2  sing N N 349 
TRP CB  HB3  sing N N 350 
TRP CG  CD1  doub Y N 351 
TRP CG  CD2  sing Y N 352 
TRP CD1 NE1  sing Y N 353 
TRP CD1 HD1  sing N N 354 
TRP CD2 CE2  doub Y N 355 
TRP CD2 CE3  sing Y N 356 
TRP NE1 CE2  sing Y N 357 
TRP NE1 HE1  sing N N 358 
TRP CE2 CZ2  sing Y N 359 
TRP CE3 CZ3  doub Y N 360 
TRP CE3 HE3  sing N N 361 
TRP CZ2 CH2  doub Y N 362 
TRP CZ2 HZ2  sing N N 363 
TRP CZ3 CH2  sing Y N 364 
TRP CZ3 HZ3  sing N N 365 
TRP CH2 HH2  sing N N 366 
TRP OXT HXT  sing N N 367 
TYR N   CA   sing N N 368 
TYR N   H    sing N N 369 
TYR N   H2   sing N N 370 
TYR CA  C    sing N N 371 
TYR CA  CB   sing N N 372 
TYR CA  HA   sing N N 373 
TYR C   O    doub N N 374 
TYR C   OXT  sing N N 375 
TYR CB  CG   sing N N 376 
TYR CB  HB2  sing N N 377 
TYR CB  HB3  sing N N 378 
TYR CG  CD1  doub Y N 379 
TYR CG  CD2  sing Y N 380 
TYR CD1 CE1  sing Y N 381 
TYR CD1 HD1  sing N N 382 
TYR CD2 CE2  doub Y N 383 
TYR CD2 HD2  sing N N 384 
TYR CE1 CZ   doub Y N 385 
TYR CE1 HE1  sing N N 386 
TYR CE2 CZ   sing Y N 387 
TYR CE2 HE2  sing N N 388 
TYR CZ  OH   sing N N 389 
TYR OH  HH   sing N N 390 
TYR OXT HXT  sing N N 391 
VAL N   CA   sing N N 392 
VAL N   H    sing N N 393 
VAL N   H2   sing N N 394 
VAL CA  C    sing N N 395 
VAL CA  CB   sing N N 396 
VAL CA  HA   sing N N 397 
VAL C   O    doub N N 398 
VAL C   OXT  sing N N 399 
VAL CB  CG1  sing N N 400 
VAL CB  CG2  sing N N 401 
VAL CB  HB   sing N N 402 
VAL CG1 HG11 sing N N 403 
VAL CG1 HG12 sing N N 404 
VAL CG1 HG13 sing N N 405 
VAL CG2 HG21 sing N N 406 
VAL CG2 HG22 sing N N 407 
VAL CG2 HG23 sing N N 408 
VAL OXT HXT  sing N N 409 
# 
_pdbx_deposit_group.group_id            G_1002080 
_pdbx_deposit_group.group_description   
;Human Brachyury screened against the DSI-poised Fragment Library by X-ray Crystallography at the XChem facility of Diamond Light Source beamline I04-1
;
_pdbx_deposit_group.group_title         'PanDDA analysis group deposition' 
_pdbx_deposit_group.group_type          'changed state' 
# 
_pdbx_entity_instance_feature.ordinal        1 
_pdbx_entity_instance_feature.comp_id        NZD 
_pdbx_entity_instance_feature.asym_id        ? 
_pdbx_entity_instance_feature.seq_num        ? 
_pdbx_entity_instance_feature.auth_comp_id   NZD 
_pdbx_entity_instance_feature.auth_asym_id   ? 
_pdbx_entity_instance_feature.auth_seq_num   ? 
_pdbx_entity_instance_feature.feature_type   'SUBJECT OF INVESTIGATION' 
_pdbx_entity_instance_feature.details        ? 
# 
_atom_sites.entry_id                    5QRY 
_atom_sites.fract_transf_matrix[1][1]   0.01134193 
_atom_sites.fract_transf_matrix[1][2]   -0.00427663 
_atom_sites.fract_transf_matrix[1][3]   0.01140003 
_atom_sites.fract_transf_matrix[2][1]   0.00946010 
_atom_sites.fract_transf_matrix[2][2]   -0.00671308 
_atom_sites.fract_transf_matrix[2][3]   -0.01193025 
_atom_sites.fract_transf_matrix[3][1]   0.00417860 
_atom_sites.fract_transf_matrix[3][2]   0.00796592 
_atom_sites.fract_transf_matrix[3][3]   -0.00116896 
_atom_sites.fract_transf_vector[1]      0.344525 
_atom_sites.fract_transf_vector[2]      -0.022979 
_atom_sites.fract_transf_vector[3]      0.060328 
# 
loop_
_atom_type.symbol 
C  
CD 
N  
O  
S  
# 
loop_
_atom_site.group_PDB 
_atom_site.id 
_atom_site.type_symbol 
_atom_site.label_atom_id 
_atom_site.label_alt_id 
_atom_site.label_comp_id 
_atom_site.label_asym_id 
_atom_site.label_entity_id 
_atom_site.label_seq_id 
_atom_site.pdbx_PDB_ins_code 
_atom_site.Cartn_x 
_atom_site.Cartn_y 
_atom_site.Cartn_z 
_atom_site.occupancy 
_atom_site.B_iso_or_equiv 
_atom_site.pdbx_formal_charge 
_atom_site.auth_seq_id 
_atom_site.auth_comp_id 
_atom_site.auth_asym_id 
_atom_site.auth_atom_id 
_atom_site.pdbx_PDB_model_num 
ATOM   1    N  N   . GLU A 1 2   ? 8.383   7.782   21.794  1.00 73.96  ? 41  GLU A N   1 
ATOM   2    C  CA  . GLU A 1 2   ? 8.086   6.579   20.958  1.00 67.78  ? 41  GLU A CA  1 
ATOM   3    C  C   . GLU A 1 2   ? 7.487   7.129   19.630  1.00 65.89  ? 41  GLU A C   1 
ATOM   4    O  O   . GLU A 1 2   ? 6.593   8.014   19.644  1.00 57.25  ? 41  GLU A O   1 
ATOM   5    C  CB  . GLU A 1 2   ? 7.290   5.558   21.822  1.00 67.03  ? 41  GLU A CB  1 
ATOM   6    C  CG  . GLU A 1 2   ? 7.829   4.093   21.900  1.00 63.76  ? 41  GLU A CG  1 
ATOM   7    C  CD  . GLU A 1 2   ? 8.591   3.563   23.135  1.00 71.82  ? 41  GLU A CD  1 
ATOM   8    O  OE1 . GLU A 1 2   ? 8.296   2.422   23.661  1.00 55.20  ? 41  GLU A OE1 1 
ATOM   9    O  OE2 . GLU A 1 2   ? 9.543   4.235   23.545  1.00 72.58  ? 41  GLU A OE2 1 
ATOM   10   N  N   . LEU A 1 3   ? 8.085   6.740   18.502  1.00 56.08  ? 42  LEU A N   1 
ATOM   11   C  CA  . LEU A 1 3   ? 7.598   6.958   17.111  1.00 54.62  ? 42  LEU A CA  1 
ATOM   12   C  C   . LEU A 1 3   ? 6.213   6.310   16.932  1.00 50.35  ? 42  LEU A C   1 
ATOM   13   O  O   . LEU A 1 3   ? 6.124   5.110   17.159  1.00 48.63  ? 42  LEU A O   1 
ATOM   14   C  CB  . LEU A 1 3   ? 8.653   6.309   16.215  1.00 52.09  ? 42  LEU A CB  1 
ATOM   15   C  CG  . LEU A 1 3   ? 8.454   6.385   14.707  1.00 54.44  ? 42  LEU A CG  1 
ATOM   16   C  CD1 . LEU A 1 3   ? 7.701   7.643   14.294  1.00 58.50  ? 42  LEU A CD1 1 
ATOM   17   C  CD2 . LEU A 1 3   ? 9.808   6.314   14.009  1.00 55.85  ? 42  LEU A CD2 1 
ATOM   18   N  N   . ARG A 1 4   ? 5.164   7.076   16.617  1.00 45.01  ? 43  ARG A N   1 
ATOM   19   C  CA  . ARG A 1 4   ? 3.782   6.555   16.447  1.00 40.46  ? 43  ARG A CA  1 
ATOM   20   C  C   . ARG A 1 4   ? 3.416   6.621   14.953  1.00 44.90  ? 43  ARG A C   1 
ATOM   21   O  O   . ARG A 1 4   ? 3.733   7.632   14.308  1.00 39.38  ? 43  ARG A O   1 
ATOM   22   C  CB  . ARG A 1 4   ? 2.804   7.334   17.326  1.00 39.97  ? 43  ARG A CB  1 
ATOM   23   N  N   . VAL A 1 5   ? 2.811   5.564   14.417  1.00 40.37  ? 44  VAL A N   1 
ATOM   24   C  CA  . VAL A 1 5   ? 2.332   5.512   13.000  1.00 41.41  ? 44  VAL A CA  1 
ATOM   25   C  C   . VAL A 1 5   ? 0.856   5.146   13.037  1.00 43.26  ? 44  VAL A C   1 
ATOM   26   O  O   . VAL A 1 5   ? 0.578   4.083   13.604  1.00 42.10  ? 44  VAL A O   1 
ATOM   27   C  CB  . VAL A 1 5   ? 3.134   4.487   12.179  1.00 42.35  ? 44  VAL A CB  1 
ATOM   28   C  CG1 . VAL A 1 5   ? 2.607   4.366   10.749  1.00 41.38  ? 44  VAL A CG1 1 
ATOM   29   C  CG2 . VAL A 1 5   ? 4.612   4.803   12.178  1.00 43.67  ? 44  VAL A CG2 1 
ATOM   30   N  N   . GLY A 1 6   ? -0.015  5.977   12.453  1.00 40.22  ? 45  GLY A N   1 
ATOM   31   C  CA  . GLY A 1 6   ? -1.478  5.811   12.389  1.00 43.01  ? 45  GLY A CA  1 
ATOM   32   C  C   . GLY A 1 6   ? -1.972  5.837   10.949  1.00 41.13  ? 45  GLY A C   1 
ATOM   33   O  O   . GLY A 1 6   ? -1.414  6.588   10.116  1.00 39.82  ? 45  GLY A O   1 
ATOM   34   N  N   . LEU A 1 7   ? -2.988  5.031   10.641  1.00 38.12  ? 46  LEU A N   1 
ATOM   35   C  CA  . LEU A 1 7   ? -3.685  5.129   9.342   1.00 34.85  ? 46  LEU A CA  1 
ATOM   36   C  C   . LEU A 1 7   ? -4.713  6.267   9.402   1.00 37.04  ? 46  LEU A C   1 
ATOM   37   O  O   . LEU A 1 7   ? -5.499  6.277   10.364  1.00 37.28  ? 46  LEU A O   1 
ATOM   38   C  CB  . LEU A 1 7   ? -4.358  3.776   9.105   1.00 33.14  ? 46  LEU A CB  1 
ATOM   39   C  CG  . LEU A 1 7   ? -5.174  3.694   7.824   1.00 30.69  ? 46  LEU A CG  1 
ATOM   40   C  CD1 . LEU A 1 7   ? -4.286  3.912   6.632   1.00 30.26  ? 46  LEU A CD1 1 
ATOM   41   C  CD2 . LEU A 1 7   ? -5.898  2.372   7.748   1.00 31.98  ? 46  LEU A CD2 1 
ATOM   42   N  N   . GLU A 1 8   ? -4.692  7.203   8.443   1.00 32.90  ? 47  GLU A N   1 
ATOM   43   C  CA  . GLU A 1 8   ? -5.712  8.267   8.267   1.00 35.10  ? 47  GLU A CA  1 
ATOM   44   C  C   . GLU A 1 8   ? -6.873  7.636   7.497   1.00 40.43  ? 47  GLU A C   1 
ATOM   45   O  O   . GLU A 1 8   ? -6.598  6.731   6.666   1.00 34.70  ? 47  GLU A O   1 
ATOM   46   C  CB  . GLU A 1 8   ? -5.128  9.521   7.591   1.00 40.32  ? 47  GLU A CB  1 
ATOM   47   C  CG  . GLU A 1 8   ? -6.152  10.640  7.289   1.00 47.38  ? 47  GLU A CG  1 
ATOM   48   C  CD  . GLU A 1 8   ? -6.547  11.595  8.428   1.00 52.06  ? 47  GLU A CD  1 
ATOM   49   O  OE1 . GLU A 1 8   ? -6.219  11.278  9.563   1.00 50.71  ? 47  GLU A OE1 1 
ATOM   50   O  OE2 . GLU A 1 8   ? -7.212  12.659  8.180   1.00 60.45  ? 47  GLU A OE2 1 
ATOM   51   N  N   . GLU A 1 9   ? -8.101  8.022   7.850   1.00 37.10  ? 48  GLU A N   1 
ATOM   52   C  CA  . GLU A 1 9   ? -9.364  7.557   7.224   1.00 38.86  ? 48  GLU A CA  1 
ATOM   53   C  C   . GLU A 1 9   ? -9.474  6.031   7.333   1.00 34.87  ? 48  GLU A C   1 
ATOM   54   O  O   . GLU A 1 9   ? -9.936  5.406   6.356   1.00 36.62  ? 48  GLU A O   1 
ATOM   55   C  CB  . GLU A 1 9   ? -9.435  7.881   5.728   1.00 44.11  ? 48  GLU A CB  1 
ATOM   56   C  CG  . GLU A 1 9   ? -9.194  9.326   5.335   1.00 52.40  ? 48  GLU A CG  1 
ATOM   57   C  CD  . GLU A 1 9   ? -9.289  9.564   3.828   1.00 55.28  ? 48  GLU A CD  1 
ATOM   58   O  OE1 . GLU A 1 9   ? -10.024 8.811   3.142   1.00 60.13  ? 48  GLU A OE1 1 
ATOM   59   O  OE2 . GLU A 1 9   ? -8.610  10.472  3.330   1.00 55.84  ? 48  GLU A OE2 1 
ATOM   60   N  N   . SER A 1 10  ? -9.194  5.449   8.501   1.00 33.12  ? 49  SER A N   1 
ATOM   61   C  CA  . SER A 1 10  ? -9.395  3.991   8.715   1.00 34.93  ? 49  SER A CA  1 
ATOM   62   C  C   . SER A 1 10  ? -10.878 3.606   8.594   1.00 29.41  ? 49  SER A C   1 
ATOM   63   O  O   . SER A 1 10  ? -11.112 2.501   8.082   1.00 34.51  ? 49  SER A O   1 
ATOM   64   C  CB  . SER A 1 10  ? -8.773  3.525   10.028  1.00 39.57  ? 49  SER A CB  1 
ATOM   65   O  OG  . SER A 1 10  ? -9.348  4.249   11.097  1.00 44.04  ? 49  SER A OG  1 
ATOM   66   N  N   . GLU A 1 11  ? -11.827 4.410   9.122   1.00 33.41  ? 50  GLU A N   1 
ATOM   67   C  CA  . GLU A 1 11  ? -13.311 4.352   8.887   1.00 40.15  ? 50  GLU A CA  1 
ATOM   68   C  C   . GLU A 1 11  ? -13.600 3.770   7.500   1.00 36.17  ? 50  GLU A C   1 
ATOM   69   O  O   . GLU A 1 11  ? -14.295 2.711   7.381   1.00 39.23  ? 50  GLU A O   1 
ATOM   70   C  CB  . GLU A 1 11  ? -13.922 5.763   8.903   1.00 42.56  ? 50  GLU A CB  1 
ATOM   71   C  CG  . GLU A 1 11  ? -15.114 5.974   7.944   1.00 50.88  ? 50  GLU A CG  1 
ATOM   72   C  CD  . GLU A 1 11  ? -16.376 5.322   8.483   1.00 52.51  ? 50  GLU A CD  1 
ATOM   73   O  OE1 . GLU A 1 11  ? -17.346 5.107   7.735   1.00 49.51  ? 50  GLU A OE1 1 
ATOM   74   O  OE2 . GLU A 1 11  ? -16.362 5.016   9.686   1.00 69.21  ? 50  GLU A OE2 1 
ATOM   75   N  N   . LEU A 1 12  ? -13.052 4.441   6.493   1.00 34.06  ? 51  LEU A N   1 
ATOM   76   C  CA  . LEU A 1 12  ? -13.399 4.184   5.079   1.00 37.29  ? 51  LEU A CA  1 
ATOM   77   C  C   . LEU A 1 12  ? -12.668 2.938   4.579   1.00 33.19  ? 51  LEU A C   1 
ATOM   78   O  O   . LEU A 1 12  ? -13.248 2.119   3.837   1.00 33.58  ? 51  LEU A O   1 
ATOM   79   C  CB  . LEU A 1 12  ? -12.977 5.377   4.225   1.00 38.26  ? 51  LEU A CB  1 
ATOM   80   C  CG  . LEU A 1 12  ? -13.329 5.175   2.747   1.00 41.10  ? 51  LEU A CG  1 
ATOM   81   C  CD1 . LEU A 1 12  ? -14.832 4.961   2.579   1.00 41.42  ? 51  LEU A CD1 1 
ATOM   82   C  CD2 . LEU A 1 12  ? -12.824 6.317   1.905   1.00 37.03  ? 51  LEU A CD2 1 
ATOM   83   N  N   . TRP A 1 13  ? -11.367 2.855   4.827   1.00 28.13  ? 52  TRP A N   1 
ATOM   84   C  CA  . TRP A 1 13  ? -10.645 1.605   4.494   1.00 26.51  ? 52  TRP A CA  1 
ATOM   85   C  C   . TRP A 1 13  ? -11.408 0.392   5.033   1.00 31.14  ? 52  TRP A C   1 
ATOM   86   O  O   . TRP A 1 13  ? -11.502 -0.611  4.284   1.00 30.03  ? 52  TRP A O   1 
ATOM   87   C  CB  . TRP A 1 13  ? -9.241  1.628   5.075   1.00 22.90  ? 52  TRP A CB  1 
ATOM   88   C  CG  . TRP A 1 13  ? -8.254  2.389   4.263   1.00 24.76  ? 52  TRP A CG  1 
ATOM   89   C  CD1 . TRP A 1 13  ? -7.744  3.610   4.552   1.00 23.52  ? 52  TRP A CD1 1 
ATOM   90   C  CD2 . TRP A 1 13  ? -7.610  1.967   3.049   1.00 24.70  ? 52  TRP A CD2 1 
ATOM   91   N  NE1 . TRP A 1 13  ? -6.835  3.996   3.614   1.00 25.08  ? 52  TRP A NE1 1 
ATOM   92   C  CE2 . TRP A 1 13  ? -6.727  3.004   2.671   1.00 22.70  ? 52  TRP A CE2 1 
ATOM   93   C  CE3 . TRP A 1 13  ? -7.741  0.858   2.205   1.00 22.56  ? 52  TRP A CE3 1 
ATOM   94   C  CZ2 . TRP A 1 13  ? -5.960  2.943   1.518   1.00 22.69  ? 52  TRP A CZ2 1 
ATOM   95   C  CZ3 . TRP A 1 13  ? -6.954  0.784   1.088   1.00 23.17  ? 52  TRP A CZ3 1 
ATOM   96   C  CH2 . TRP A 1 13  ? -6.066  1.814   0.747   1.00 24.31  ? 52  TRP A CH2 1 
ATOM   97   N  N   . LEU A 1 14  ? -11.928 0.456   6.265   1.00 30.60  ? 53  LEU A N   1 
ATOM   98   C  CA  . LEU A 1 14  ? -12.624 -0.720  6.870   1.00 36.78  ? 53  LEU A CA  1 
ATOM   99   C  C   . LEU A 1 14  ? -13.890 -1.088  6.079   1.00 36.48  ? 53  LEU A C   1 
ATOM   100  O  O   . LEU A 1 14  ? -14.177 -2.292  5.964   1.00 36.21  ? 53  LEU A O   1 
ATOM   101  C  CB  . LEU A 1 14  ? -12.938 -0.445  8.347   1.00 39.00  ? 53  LEU A CB  1 
ATOM   102  C  CG  . LEU A 1 14  ? -11.905 -0.949  9.364   1.00 44.18  ? 53  LEU A CG  1 
ATOM   103  C  CD1 . LEU A 1 14  ? -10.533 -1.194  8.752   1.00 52.52  ? 53  LEU A CD1 1 
ATOM   104  C  CD2 . LEU A 1 14  ? -11.814 -0.007  10.561  1.00 47.58  ? 53  LEU A CD2 1 
ATOM   105  N  N   . ARG A 1 15  ? -14.625 -0.114  5.539   1.00 34.25  ? 54  ARG A N   1 
ATOM   106  C  CA  . ARG A 1 15  ? -15.781 -0.427  4.658   1.00 39.53  ? 54  ARG A CA  1 
ATOM   107  C  C   . ARG A 1 15  ? -15.291 -1.232  3.446   1.00 30.95  ? 54  ARG A C   1 
ATOM   108  O  O   . ARG A 1 15  ? -16.023 -2.197  3.059   1.00 34.39  ? 54  ARG A O   1 
ATOM   109  C  CB  . ARG A 1 15  ? -16.511 0.835   4.198   1.00 45.01  ? 54  ARG A CB  1 
ATOM   110  C  CG  . ARG A 1 15  ? -16.705 1.868   5.302   1.00 56.51  ? 54  ARG A CG  1 
ATOM   111  C  CD  . ARG A 1 15  ? -18.137 2.106   5.710   1.00 60.31  ? 54  ARG A CD  1 
ATOM   112  N  NE  . ARG A 1 15  ? -18.998 2.495   4.599   1.00 62.53  ? 54  ARG A NE  1 
ATOM   113  C  CZ  . ARG A 1 15  ? -19.226 3.742   4.192   1.00 63.66  ? 54  ARG A CZ  1 
ATOM   114  N  NH1 . ARG A 1 15  ? -18.620 4.777   4.753   1.00 66.29  ? 54  ARG A NH1 1 
ATOM   115  N  NH2 . ARG A 1 15  ? -20.056 3.938   3.190   1.00 62.34  ? 54  ARG A NH2 1 
ATOM   116  N  N   . PHE A 1 16  ? -14.143 -0.887  2.871   1.00 25.77  ? 55  PHE A N   1 
ATOM   117  C  CA  . PHE A 1 16  ? -13.567 -1.619  1.702   1.00 25.61  ? 55  PHE A CA  1 
ATOM   118  C  C   . PHE A 1 16  ? -13.136 -3.006  2.133   1.00 30.61  ? 55  PHE A C   1 
ATOM   119  O  O   . PHE A 1 16  ? -13.471 -3.995  1.486   1.00 30.23  ? 55  PHE A O   1 
ATOM   120  C  CB  . PHE A 1 16  ? -12.384 -0.945  1.002   1.00 26.10  ? 55  PHE A CB  1 
ATOM   121  C  CG  . PHE A 1 16  ? -12.799 0.221   0.137   1.00 26.78  ? 55  PHE A CG  1 
ATOM   122  C  CD1 . PHE A 1 16  ? -13.131 0.009   -1.190  1.00 27.72  ? 55  PHE A CD1 1 
ATOM   123  C  CD2 . PHE A 1 16  ? -12.957 1.488   0.669   1.00 26.36  ? 55  PHE A CD2 1 
ATOM   124  C  CE1 . PHE A 1 16  ? -13.574 1.071   -1.972  1.00 27.53  ? 55  PHE A CE1 1 
ATOM   125  C  CE2 . PHE A 1 16  ? -13.352 2.550   -0.118  1.00 28.43  ? 55  PHE A CE2 1 
ATOM   126  C  CZ  . PHE A 1 16  ? -13.696 2.332   -1.422  1.00 26.50  ? 55  PHE A CZ  1 
ATOM   127  N  N   . LYS A 1 17  ? -12.382 -3.068  3.243   1.00 28.32  ? 56  LYS A N   1 
ATOM   128  C  CA  . LYS A 1 17  ? -11.923 -4.370  3.769   1.00 28.64  ? 56  LYS A CA  1 
ATOM   129  C  C   . LYS A 1 17  ? -13.117 -5.273  4.042   1.00 29.56  ? 56  LYS A C   1 
ATOM   130  O  O   . LYS A 1 17  ? -12.952 -6.492  3.726   1.00 30.22  ? 56  LYS A O   1 
ATOM   131  C  CB  . LYS A 1 17  ? -10.984 -4.185  4.969   1.00 29.57  ? 56  LYS A CB  1 
ATOM   132  C  CG  . LYS A 1 17  ? -10.494 -5.519  5.533   1.00 31.19  ? 56  LYS A CG  1 
ATOM   133  C  CD  . LYS A 1 17  ? -9.137  -5.554  6.111   1.00 38.14  ? 56  LYS A CD  1 
ATOM   134  C  CE  . LYS A 1 17  ? -8.854  -6.909  6.714   1.00 30.99  ? 56  LYS A CE  1 
ATOM   135  N  NZ  . LYS A 1 17  ? -7.670  -6.800  7.591   1.00 34.34  ? 56  LYS A NZ  1 
ATOM   136  N  N   . GLU A 1 18  ? -14.235 -4.799  4.628   1.00 31.66  ? 57  GLU A N   1 
ATOM   137  C  CA  . GLU A 1 18  ? -15.334 -5.748  4.989   1.00 33.62  ? 57  GLU A CA  1 
ATOM   138  C  C   . GLU A 1 18  ? -15.865 -6.395  3.692   1.00 32.81  ? 57  GLU A C   1 
ATOM   139  O  O   . GLU A 1 18  ? -16.318 -7.549  3.782   1.00 35.06  ? 57  GLU A O   1 
ATOM   140  C  CB  . GLU A 1 18  ? -16.442 -5.182  5.887   1.00 42.04  ? 57  GLU A CB  1 
ATOM   141  C  CG  . GLU A 1 18  ? -17.061 -3.855  5.509   1.00 53.96  ? 57  GLU A CG  1 
ATOM   142  C  CD  . GLU A 1 18  ? -17.774 -3.154  6.675   1.00 65.53  ? 57  GLU A CD  1 
ATOM   143  O  OE1 . GLU A 1 18  ? -17.614 -3.628  7.836   1.00 68.67  ? 57  GLU A OE1 1 
ATOM   144  O  OE2 . GLU A 1 18  ? -18.487 -2.123  6.444   1.00 49.33  ? 57  GLU A OE2 1 
ATOM   145  N  N   . LEU A 1 19  ? -15.703 -5.766  2.519   1.00 33.23  ? 58  LEU A N   1 
ATOM   146  C  CA  . LEU A 1 19  ? -16.204 -6.343  1.221   1.00 36.16  ? 58  LEU A CA  1 
ATOM   147  C  C   . LEU A 1 19  ? -15.152 -7.197  0.538   1.00 32.44  ? 58  LEU A C   1 
ATOM   148  O  O   . LEU A 1 19  ? -15.451 -7.765  -0.534  1.00 33.25  ? 58  LEU A O   1 
ATOM   149  C  CB  . LEU A 1 19  ? -16.609 -5.219  0.267   1.00 32.70  ? 58  LEU A CB  1 
ATOM   150  C  CG  . LEU A 1 19  ? -17.667 -4.258  0.788   1.00 35.98  ? 58  LEU A CG  1 
ATOM   151  C  CD1 . LEU A 1 19  ? -17.794 -3.071  -0.175  1.00 37.61  ? 58  LEU A CD1 1 
ATOM   152  C  CD2 . LEU A 1 19  ? -19.019 -4.941  0.974   1.00 36.08  ? 58  LEU A CD2 1 
ATOM   153  N  N   . THR A 1 20  ? -13.927 -7.255  1.079   1.00 28.75  ? 59  THR A N   1 
ATOM   154  C  CA  . THR A 1 20  ? -12.696 -7.654  0.364   1.00 24.56  ? 59  THR A CA  1 
ATOM   155  C  C   . THR A 1 20  ? -12.281 -6.593  -0.652  1.00 26.83  ? 59  THR A C   1 
ATOM   156  O  O   . THR A 1 20  ? -12.880 -6.491  -1.773  1.00 27.60  ? 59  THR A O   1 
ATOM   157  C  CB  . THR A 1 20  ? -12.737 -9.019  -0.326  1.00 28.84  ? 59  THR A CB  1 
ATOM   158  O  OG1 . THR A 1 20  ? -13.227 -9.981  0.590   1.00 30.92  ? 59  THR A OG1 1 
ATOM   159  C  CG2 . THR A 1 20  ? -11.411 -9.487  -0.849  1.00 31.20  ? 59  THR A CG2 1 
ATOM   160  N  N   . ASN A 1 21  ? -11.242 -5.826  -0.332  1.00 26.74  ? 60  ASN A N   1 
ATOM   161  C  CA  . ASN A 1 21  ? -10.842 -4.701  -1.201  1.00 25.25  ? 60  ASN A CA  1 
ATOM   162  C  C   . ASN A 1 21  ? -10.149 -5.242  -2.466  1.00 27.36  ? 60  ASN A C   1 
ATOM   163  O  O   . ASN A 1 21  ? -9.475  -6.280  -2.485  1.00 25.47  ? 60  ASN A O   1 
ATOM   164  C  CB  . ASN A 1 21  ? -9.997  -3.693  -0.410  1.00 23.94  ? 60  ASN A CB  1 
ATOM   165  C  CG  . ASN A 1 21  ? -9.872  -2.323  -1.032  1.00 28.96  ? 60  ASN A CG  1 
ATOM   166  O  OD1 . ASN A 1 21  ? -10.448 -2.057  -2.125  1.00 28.41  ? 60  ASN A OD1 1 
ATOM   167  N  ND2 . ASN A 1 21  ? -9.214  -1.428  -0.289  1.00 25.08  ? 60  ASN A ND2 1 
ATOM   168  N  N   . GLU A 1 22  ? -10.273 -4.516  -3.563  1.00 24.80  ? 61  GLU A N   1 
ATOM   169  C  CA  . GLU A 1 22  ? -9.584  -4.846  -4.829  1.00 24.15  ? 61  GLU A CA  1 
ATOM   170  C  C   . GLU A 1 22  ? -8.897  -3.585  -5.313  1.00 23.73  ? 61  GLU A C   1 
ATOM   171  O  O   . GLU A 1 22  ? -9.545  -2.495  -5.151  1.00 28.41  ? 61  GLU A O   1 
ATOM   172  C  CB  . GLU A 1 22  ? -10.649 -5.257  -5.877  1.00 24.94  ? 61  GLU A CB  1 
ATOM   173  C  CG  . GLU A 1 22  ? -11.558 -6.374  -5.446  1.00 26.75  ? 61  GLU A CG  1 
ATOM   174  C  CD  . GLU A 1 22  ? -12.574 -6.817  -6.496  1.00 27.62  ? 61  GLU A CD  1 
ATOM   175  O  OE1 . GLU A 1 22  ? -13.545 -7.402  -6.093  1.00 26.87  ? 61  GLU A OE1 1 
ATOM   176  O  OE2 . GLU A 1 22  ? -12.294 -6.626  -7.644  1.00 33.90  ? 61  GLU A OE2 1 
ATOM   177  N  N   . MET A 1 23  ? -7.735  -3.680  -5.928  1.00 24.95  ? 62  MET A N   1 
ATOM   178  C  CA  . MET A 1 23  ? -7.000  -2.562  -6.540  1.00 27.33  ? 62  MET A CA  1 
ATOM   179  C  C   . MET A 1 23  ? -6.641  -2.926  -7.974  1.00 26.88  ? 62  MET A C   1 
ATOM   180  O  O   . MET A 1 23  ? -6.122  -3.998  -8.216  1.00 25.55  ? 62  MET A O   1 
ATOM   181  C  CB  . MET A 1 23  ? -5.682  -2.208  -5.820  1.00 25.95  ? 62  MET A CB  1 
ATOM   182  C  CG  . MET A 1 23  ? -5.945  -1.654  -4.482  1.00 28.63  ? 62  MET A CG  1 
ATOM   183  S  SD  . MET A 1 23  ? -6.470  0.099   -4.518  1.00 26.92  ? 62  MET A SD  1 
ATOM   184  C  CE  . MET A 1 23  ? -6.702  0.238   -2.745  1.00 29.73  ? 62  MET A CE  1 
ATOM   185  N  N   . ILE A 1 24  ? -6.993  -2.058  -8.929  1.00 27.89  ? 63  ILE A N   1 
ATOM   186  C  CA  . ILE A 1 24  ? -6.664  -2.336  -10.347 1.00 28.24  ? 63  ILE A CA  1 
ATOM   187  C  C   . ILE A 1 24  ? -5.180  -2.166  -10.612 1.00 32.13  ? 63  ILE A C   1 
ATOM   188  O  O   . ILE A 1 24  ? -4.576  -1.164  -10.140 1.00 33.40  ? 63  ILE A O   1 
ATOM   189  C  CB  . ILE A 1 24  ? -7.439  -1.408  -11.299 1.00 35.23  ? 63  ILE A CB  1 
ATOM   190  C  CG1 . ILE A 1 24  ? -8.934  -1.438  -11.016 1.00 41.18  ? 63  ILE A CG1 1 
ATOM   191  C  CG2 . ILE A 1 24  ? -7.078  -1.810  -12.724 1.00 36.40  ? 63  ILE A CG2 1 
ATOM   192  C  CD1 . ILE A 1 24  ? -9.612  -2.634  -11.546 1.00 41.25  ? 63  ILE A CD1 1 
ATOM   193  N  N   . VAL A 1 25  ? -4.638  -3.105  -11.372 1.00 32.28  ? 64  VAL A N   1 
ATOM   194  C  CA  . VAL A 1 25  ? -3.270  -3.058  -11.937 1.00 34.57  ? 64  VAL A CA  1 
ATOM   195  C  C   . VAL A 1 25  ? -3.406  -3.005  -13.465 1.00 37.13  ? 64  VAL A C   1 
ATOM   196  O  O   . VAL A 1 25  ? -4.360  -3.570  -13.991 1.00 37.46  ? 64  VAL A O   1 
ATOM   197  C  CB  . VAL A 1 25  ? -2.459  -4.248  -11.424 1.00 34.99  ? 64  VAL A CB  1 
ATOM   198  C  CG1 . VAL A 1 25  ? -2.361  -4.159  -9.913  1.00 35.61  ? 64  VAL A CG1 1 
ATOM   199  C  CG2 . VAL A 1 25  ? -3.078  -5.574  -11.812 1.00 37.42  ? 64  VAL A CG2 1 
ATOM   200  N  N   . THR A 1 26  ? -2.552  -2.237  -14.118 1.00 39.27  ? 65  THR A N   1 
ATOM   201  C  CA  . THR A 1 26  ? -2.599  -2.027  -15.593 1.00 41.89  ? 65  THR A CA  1 
ATOM   202  C  C   . THR A 1 26  ? -1.161  -2.141  -16.067 1.00 49.24  ? 65  THR A C   1 
ATOM   203  O  O   . THR A 1 26  ? -0.265  -2.093  -15.196 1.00 42.39  ? 65  THR A O   1 
ATOM   204  C  CB  . THR A 1 26  ? -3.185  -0.663  -15.983 1.00 33.65  ? 65  THR A CB  1 
ATOM   205  O  OG1 . THR A 1 26  ? -2.222  0.321   -15.614 1.00 38.13  ? 65  THR A OG1 1 
ATOM   206  C  CG2 . THR A 1 26  ? -4.542  -0.369  -15.380 1.00 37.09  ? 65  THR A CG2 1 
ATOM   207  N  N   . LYS A 1 27  ? -0.921  -2.226  -17.377 1.00 46.57  ? 66  LYS A N   1 
ATOM   208  C  CA  . LYS A 1 27  ? 0.464   -2.377  -17.891 1.00 48.11  ? 66  LYS A CA  1 
ATOM   209  C  C   . LYS A 1 27  ? 1.254   -1.108  -17.563 1.00 45.37  ? 66  LYS A C   1 
ATOM   210  O  O   . LYS A 1 27  ? 2.463   -1.244  -17.277 1.00 45.55  ? 66  LYS A O   1 
ATOM   211  C  CB  . LYS A 1 27  ? 0.468   -2.683  -19.393 1.00 50.82  ? 66  LYS A CB  1 
ATOM   212  C  CG  . LYS A 1 27  ? 1.813   -2.552  -20.101 1.00 52.95  ? 66  LYS A CG  1 
ATOM   213  C  CD  . LYS A 1 27  ? 1.770   -3.142  -21.503 1.00 63.24  ? 66  LYS A CD  1 
ATOM   214  C  CE  . LYS A 1 27  ? 2.767   -2.512  -22.451 1.00 68.03  ? 66  LYS A CE  1 
ATOM   215  N  NZ  . LYS A 1 27  ? 2.266   -1.213  -22.957 1.00 72.24  ? 66  LYS A NZ  1 
ATOM   216  N  N   . ASN A 1 28  ? 0.601   0.061   -17.597 1.00 47.97  ? 67  ASN A N   1 
ATOM   217  C  CA  . ASN A 1 28  ? 1.249   1.392   -17.456 1.00 52.88  ? 67  ASN A CA  1 
ATOM   218  C  C   . ASN A 1 28  ? 1.255   1.821   -15.983 1.00 50.29  ? 67  ASN A C   1 
ATOM   219  O  O   . ASN A 1 28  ? 2.081   2.690   -15.605 1.00 42.42  ? 67  ASN A O   1 
ATOM   220  C  CB  . ASN A 1 28  ? 0.562   2.444   -18.331 1.00 56.79  ? 67  ASN A CB  1 
ATOM   221  C  CG  . ASN A 1 28  ? 1.185   2.579   -19.708 1.00 64.53  ? 67  ASN A CG  1 
ATOM   222  O  OD1 . ASN A 1 28  ? 1.684   1.609   -20.279 1.00 60.74  ? 67  ASN A OD1 1 
ATOM   223  N  ND2 . ASN A 1 28  ? 1.167   3.790   -20.244 1.00 71.64  ? 67  ASN A ND2 1 
ATOM   224  N  N   . GLY A 1 29  ? 0.355   1.244   -15.180 1.00 48.01  ? 68  GLY A N   1 
ATOM   225  C  CA  . GLY A 1 29  ? 0.301   1.510   -13.736 1.00 40.00  ? 68  GLY A CA  1 
ATOM   226  C  C   . GLY A 1 29  ? -0.884  2.376   -13.410 1.00 37.64  ? 68  GLY A C   1 
ATOM   227  O  O   . GLY A 1 29  ? -1.154  3.356   -14.161 1.00 41.49  ? 68  GLY A O   1 
ATOM   228  N  N   . ARG A 1 30  ? -1.626  1.982   -12.390 1.00 30.48  ? 69  ARG A N   1 
ATOM   229  C  CA  . ARG A 1 30  ? -2.859  2.631   -11.903 1.00 31.40  ? 69  ARG A CA  1 
ATOM   230  C  C   . ARG A 1 30  ? -2.657  3.126   -10.485 1.00 34.38  ? 69  ARG A C   1 
ATOM   231  O  O   . ARG A 1 30  ? -2.134  2.343   -9.637  1.00 30.40  ? 69  ARG A O   1 
ATOM   232  C  CB  . ARG A 1 30  ? -4.047  1.671   -11.999 1.00 33.24  ? 69  ARG A CB  1 
ATOM   233  C  CG  . ARG A 1 30  ? -5.366  2.229   -11.497 1.00 33.80  ? 69  ARG A CG  1 
ATOM   234  C  CD  . ARG A 1 30  ? -5.963  3.311   -12.417 1.00 37.25  ? 69  ARG A CD  1 
ATOM   235  N  NE  . ARG A 1 30  ? -6.195  2.772   -13.744 1.00 43.57  ? 69  ARG A NE  1 
ATOM   236  C  CZ  . ARG A 1 30  ? -7.280  2.083   -14.117 1.00 44.85  ? 69  ARG A CZ  1 
ATOM   237  N  NH1 . ARG A 1 30  ? -7.365  1.627   -15.356 1.00 52.11  ? 69  ARG A NH1 1 
ATOM   238  N  NH2 . ARG A 1 30  ? -8.272  1.875   -13.270 1.00 47.91  ? 69  ARG A NH2 1 
ATOM   239  N  N   . ARG A 1 31  ? -3.075  4.355   -10.221 1.00 32.38  ? 70  ARG A N   1 
ATOM   240  C  CA  . ARG A 1 31  ? -3.076  4.935   -8.860  1.00 33.01  ? 70  ARG A CA  1 
ATOM   241  C  C   . ARG A 1 31  ? -4.165  4.264   -8.012  1.00 30.79  ? 70  ARG A C   1 
ATOM   242  O  O   . ARG A 1 31  ? -5.136  3.699   -8.535  1.00 32.16  ? 70  ARG A O   1 
ATOM   243  C  CB  . ARG A 1 31  ? -3.160  6.458   -8.898  1.00 34.85  ? 70  ARG A CB  1 
ATOM   244  C  CG  . ARG A 1 31  ? -1.797  7.070   -9.150  1.00 43.21  ? 70  ARG A CG  1 
ATOM   245  C  CD  . ARG A 1 31  ? -1.802  8.194   -10.139 1.00 55.14  ? 70  ARG A CD  1 
ATOM   246  N  NE  . ARG A 1 31  ? -2.124  9.482   -9.547  1.00 60.22  ? 70  ARG A NE  1 
ATOM   247  C  CZ  . ARG A 1 31  ? -2.493  10.547  -10.265 1.00 70.10  ? 70  ARG A CZ  1 
ATOM   248  N  NH1 . ARG A 1 31  ? -2.611  10.458  -11.587 1.00 72.82  ? 70  ARG A NH1 1 
ATOM   249  N  NH2 . ARG A 1 31  ? -2.749  11.695  -9.659  1.00 67.61  ? 70  ARG A NH2 1 
ATOM   250  N  N   . MET A 1 32  ? -3.902  4.199   -6.713  1.00 31.16  ? 71  MET A N   1 
ATOM   251  C  CA  . MET A 1 32  ? -4.752  3.547   -5.701  1.00 26.80  ? 71  MET A CA  1 
ATOM   252  C  C   . MET A 1 32  ? -5.905  4.466   -5.300  1.00 25.23  ? 71  MET A C   1 
ATOM   253  O  O   . MET A 1 32  ? -5.676  5.698   -5.177  1.00 30.22  ? 71  MET A O   1 
ATOM   254  C  CB  . MET A 1 32  ? -3.910  3.261   -4.435  1.00 27.40  ? 71  MET A CB  1 
ATOM   255  C  CG  . MET A 1 32  ? -2.854  2.217   -4.689  1.00 28.14  ? 71  MET A CG  1 
ATOM   256  S  SD  . MET A 1 32  ? -1.815  1.930   -3.217  1.00 26.87  ? 71  MET A SD  1 
ATOM   257  C  CE  . MET A 1 32  ? -3.022  1.320   -2.064  1.00 30.79  ? 71  MET A CE  1 
ATOM   258  N  N   . PHE A 1 33  ? -7.049  3.866   -4.997  1.00 26.39  ? 72  PHE A N   1 
ATOM   259  C  CA  . PHE A 1 33  ? -8.165  4.468   -4.233  1.00 27.36  ? 72  PHE A CA  1 
ATOM   260  C  C   . PHE A 1 33  ? -8.736  3.394   -3.335  1.00 30.11  ? 72  PHE A C   1 
ATOM   261  O  O   . PHE A 1 33  ? -9.120  2.320   -3.834  1.00 34.00  ? 72  PHE A O   1 
ATOM   262  C  CB  . PHE A 1 33  ? -9.343  4.970   -5.105  1.00 29.57  ? 72  PHE A CB  1 
ATOM   263  C  CG  . PHE A 1 33  ? -10.334 5.758   -4.272  1.00 29.97  ? 72  PHE A CG  1 
ATOM   264  C  CD1 . PHE A 1 33  ? -10.015 7.050   -3.884  1.00 32.92  ? 72  PHE A CD1 1 
ATOM   265  C  CD2 . PHE A 1 33  ? -11.456 5.169   -3.713  1.00 31.90  ? 72  PHE A CD2 1 
ATOM   266  C  CE1 . PHE A 1 33  ? -10.838 7.756   -3.018  1.00 34.14  ? 72  PHE A CE1 1 
ATOM   267  C  CE2 . PHE A 1 33  ? -12.288 5.868   -2.845  1.00 35.30  ? 72  PHE A CE2 1 
ATOM   268  C  CZ  . PHE A 1 33  ? -11.989 7.178   -2.521  1.00 34.31  ? 72  PHE A CZ  1 
ATOM   269  N  N   . PRO A 1 34  ? -8.889  3.645   -2.028  1.00 29.08  ? 73  PRO A N   1 
ATOM   270  C  CA  . PRO A 1 34  ? -8.341  4.834   -1.369  1.00 30.06  ? 73  PRO A CA  1 
ATOM   271  C  C   . PRO A 1 34  ? -6.803  4.928   -1.465  1.00 25.95  ? 73  PRO A C   1 
ATOM   272  O  O   . PRO A 1 34  ? -6.114  3.987   -1.752  1.00 27.65  ? 73  PRO A O   1 
ATOM   273  C  CB  . PRO A 1 34  ? -8.834  4.735   0.073   1.00 35.72  ? 73  PRO A CB  1 
ATOM   274  C  CG  . PRO A 1 34  ? -9.941  3.705   0.050   1.00 32.64  ? 73  PRO A CG  1 
ATOM   275  C  CD  . PRO A 1 34  ? -9.646  2.797   -1.108  1.00 32.52  ? 73  PRO A CD  1 
ATOM   276  N  N   . VAL A 1 35  ? -6.315  6.135   -1.247  1.00 30.31  ? 74  VAL A N   1 
ATOM   277  C  CA  . VAL A 1 35  ? -4.884  6.456   -1.113  1.00 30.16  ? 74  VAL A CA  1 
ATOM   278  C  C   . VAL A 1 35  ? -4.490  6.124   0.328   1.00 26.62  ? 74  VAL A C   1 
ATOM   279  O  O   . VAL A 1 35  ? -5.218  6.494   1.269   1.00 27.94  ? 74  VAL A O   1 
ATOM   280  C  CB  . VAL A 1 35  ? -4.669  7.948   -1.414  1.00 33.72  ? 74  VAL A CB  1 
ATOM   281  C  CG1 . VAL A 1 35  ? -3.265  8.385   -1.066  1.00 33.33  ? 74  VAL A CG1 1 
ATOM   282  C  CG2 . VAL A 1 35  ? -5.015  8.274   -2.864  1.00 35.10  ? 74  VAL A CG2 1 
ATOM   283  N  N   . LEU A 1 36  ? -3.350  5.506   0.459   1.00 27.54  ? 75  LEU A N   1 
ATOM   284  C  CA  . LEU A 1 36  ? -2.764  5.274   1.800   1.00 27.73  ? 75  LEU A CA  1 
ATOM   285  C  C   . LEU A 1 36  ? -2.262  6.621   2.345   1.00 26.27  ? 75  LEU A C   1 
ATOM   286  O  O   . LEU A 1 36  ? -1.334  7.258   1.724   1.00 26.48  ? 75  LEU A O   1 
ATOM   287  C  CB  . LEU A 1 36  ? -1.662  4.239   1.694   1.00 29.76  ? 75  LEU A CB  1 
ATOM   288  C  CG  . LEU A 1 36  ? -0.918  3.954   3.000   1.00 33.88  ? 75  LEU A CG  1 
ATOM   289  C  CD1 . LEU A 1 36  ? -1.818  3.243   3.981   1.00 36.81  ? 75  LEU A CD1 1 
ATOM   290  C  CD2 . LEU A 1 36  ? 0.321   3.123   2.752   1.00 38.22  ? 75  LEU A CD2 1 
ATOM   291  N  N   . LYS A 1 37  ? -2.815  7.051   3.467   1.00 27.12  ? 76  LYS A N   1 
ATOM   292  C  CA  . LYS A 1 37  ? -2.355  8.308   4.156   1.00 28.66  ? 76  LYS A CA  1 
ATOM   293  C  C   . LYS A 1 37  ? -2.037  7.972   5.610   1.00 31.51  ? 76  LYS A C   1 
ATOM   294  O  O   . LYS A 1 37  ? -2.899  7.325   6.272   1.00 33.50  ? 76  LYS A O   1 
ATOM   295  C  CB  . LYS A 1 37  ? -3.449  9.375   4.120   1.00 35.20  ? 76  LYS A CB  1 
ATOM   296  C  CG  . LYS A 1 37  ? -3.902  9.728   2.714   1.00 36.69  ? 76  LYS A CG  1 
ATOM   297  C  CD  . LYS A 1 37  ? -5.058  10.691  2.654   1.00 41.97  ? 76  LYS A CD  1 
ATOM   298  C  CE  . LYS A 1 37  ? -5.536  10.865  1.226   1.00 46.52  ? 76  LYS A CE  1 
ATOM   299  N  NZ  . LYS A 1 37  ? -6.258  12.149  1.056   1.00 52.54  ? 76  LYS A NZ  1 
ATOM   300  N  N   . VAL A 1 38  ? -0.862  8.383   6.076   1.00 32.99  ? 77  VAL A N   1 
ATOM   301  C  CA  . VAL A 1 38  ? -0.332  7.916   7.382   1.00 34.63  ? 77  VAL A CA  1 
ATOM   302  C  C   . VAL A 1 38  ? -0.102  9.137   8.271   1.00 37.44  ? 77  VAL A C   1 
ATOM   303  O  O   . VAL A 1 38  ? 0.514   10.089  7.816   1.00 30.71  ? 77  VAL A O   1 
ATOM   304  C  CB  . VAL A 1 38  ? 0.940   7.083   7.182   1.00 38.71  ? 77  VAL A CB  1 
ATOM   305  C  CG1 . VAL A 1 38  ? 0.724   5.988   6.142   1.00 41.91  ? 77  VAL A CG1 1 
ATOM   306  C  CG2 . VAL A 1 38  ? 2.109   7.933   6.785   1.00 45.67  ? 77  VAL A CG2 1 
ATOM   307  N  N   . ASN A 1 39  ? -0.572  9.061   9.506   1.00 35.57  ? 78  ASN A N   1 
ATOM   308  C  CA  . ASN A 1 39  ? -0.288  10.047  10.563  1.00 38.89  ? 78  ASN A CA  1 
ATOM   309  C  C   . ASN A 1 39  ? 0.993   9.590   11.263  1.00 34.19  ? 78  ASN A C   1 
ATOM   310  O  O   . ASN A 1 39  ? 1.123   8.386   11.651  1.00 35.18  ? 78  ASN A O   1 
ATOM   311  C  CB  . ASN A 1 39  ? -1.534  10.222  11.430  1.00 44.24  ? 78  ASN A CB  1 
ATOM   312  C  CG  . ASN A 1 39  ? -2.695  10.737  10.615  1.00 51.44  ? 78  ASN A CG  1 
ATOM   313  O  OD1 . ASN A 1 39  ? -2.578  11.750  9.928   1.00 53.22  ? 78  ASN A OD1 1 
ATOM   314  N  ND2 . ASN A 1 39  ? -3.807  10.025  10.654  1.00 57.72  ? 78  ASN A ND2 1 
ATOM   315  N  N   . VAL A 1 40  ? 1.988   10.466  11.341  1.00 35.73  ? 79  VAL A N   1 
ATOM   316  C  CA  . VAL A 1 40  ? 3.245   10.106  12.048  1.00 36.27  ? 79  VAL A CA  1 
ATOM   317  C  C   . VAL A 1 40  ? 3.543   11.164  13.111  1.00 39.71  ? 79  VAL A C   1 
ATOM   318  O  O   . VAL A 1 40  ? 3.461   12.360  12.806  1.00 41.17  ? 79  VAL A O   1 
ATOM   319  C  CB  . VAL A 1 40  ? 4.410   9.962   11.065  1.00 38.39  ? 79  VAL A CB  1 
ATOM   320  C  CG1 . VAL A 1 40  ? 5.702   9.796   11.798  1.00 37.76  ? 79  VAL A CG1 1 
ATOM   321  C  CG2 . VAL A 1 40  ? 4.185   8.798   10.104  1.00 41.90  ? 79  VAL A CG2 1 
ATOM   322  N  N   . SER A 1 41  ? 3.881   10.707  14.310  1.00 39.42  ? 80  SER A N   1 
ATOM   323  C  CA  . SER A 1 41  ? 4.371   11.569  15.413  1.00 40.31  ? 80  SER A CA  1 
ATOM   324  C  C   . SER A 1 41  ? 5.615   10.936  16.019  1.00 37.71  ? 80  SER A C   1 
ATOM   325  O  O   . SER A 1 41  ? 5.905   9.731   15.794  1.00 42.04  ? 80  SER A O   1 
ATOM   326  C  CB  . SER A 1 41  ? 3.279   11.826  16.435  1.00 43.29  ? 80  SER A CB  1 
ATOM   327  O  OG  . SER A 1 41  ? 2.803   10.628  17.030  1.00 44.68  ? 80  SER A OG  1 
ATOM   328  N  N   . GLY A 1 42  ? 6.379   11.736  16.754  1.00 42.93  ? 81  GLY A N   1 
ATOM   329  C  CA  . GLY A 1 42  ? 7.521   11.223  17.512  1.00 35.36  ? 81  GLY A CA  1 
ATOM   330  C  C   . GLY A 1 42  ? 8.795   11.181  16.704  1.00 36.68  ? 81  GLY A C   1 
ATOM   331  O  O   . GLY A 1 42  ? 9.778   10.684  17.224  1.00 40.97  ? 81  GLY A O   1 
ATOM   332  N  N   . LEU A 1 43  ? 8.818   11.701  15.470  1.00 37.46  ? 82  LEU A N   1 
ATOM   333  C  CA  . LEU A 1 43  ? 10.098  11.875  14.746  1.00 37.73  ? 82  LEU A CA  1 
ATOM   334  C  C   . LEU A 1 43  ? 10.852  13.049  15.398  1.00 39.34  ? 82  LEU A C   1 
ATOM   335  O  O   . LEU A 1 43  ? 10.196  13.897  16.019  1.00 37.62  ? 82  LEU A O   1 
ATOM   336  C  CB  . LEU A 1 43  ? 9.826   12.180  13.275  1.00 40.79  ? 82  LEU A CB  1 
ATOM   337  C  CG  . LEU A 1 43  ? 9.199   11.033  12.479  1.00 42.04  ? 82  LEU A CG  1 
ATOM   338  C  CD1 . LEU A 1 43  ? 9.068   11.431  11.015  1.00 45.79  ? 82  LEU A CD1 1 
ATOM   339  C  CD2 . LEU A 1 43  ? 10.028  9.768   12.618  1.00 40.93  ? 82  LEU A CD2 1 
ATOM   340  N  N   . ASP A 1 44  ? 12.172  13.089  15.230  1.00 40.50  ? 83  ASP A N   1 
ATOM   341  C  CA  . ASP A 1 44  ? 13.007  14.286  15.531  1.00 38.69  ? 83  ASP A CA  1 
ATOM   342  C  C   . ASP A 1 44  ? 12.736  15.307  14.428  1.00 44.57  ? 83  ASP A C   1 
ATOM   343  O  O   . ASP A 1 44  ? 13.026  15.036  13.268  1.00 40.70  ? 83  ASP A O   1 
ATOM   344  C  CB  . ASP A 1 44  ? 14.471  13.889  15.646  1.00 46.01  ? 83  ASP A CB  1 
ATOM   345  C  CG  . ASP A 1 44  ? 15.418  15.032  15.987  1.00 44.53  ? 83  ASP A CG  1 
ATOM   346  O  OD1 . ASP A 1 44  ? 15.119  16.185  15.638  1.00 50.54  ? 83  ASP A OD1 1 
ATOM   347  O  OD2 . ASP A 1 44  ? 16.453  14.732  16.543  1.00 48.23  ? 83  ASP A OD2 1 
ATOM   348  N  N   . PRO A 1 45  ? 12.113  16.463  14.743  1.00 40.38  ? 84  PRO A N   1 
ATOM   349  C  CA  . PRO A 1 45  ? 11.738  17.447  13.736  1.00 42.04  ? 84  PRO A CA  1 
ATOM   350  C  C   . PRO A 1 45  ? 12.932  17.806  12.854  1.00 43.25  ? 84  PRO A C   1 
ATOM   351  O  O   . PRO A 1 45  ? 12.717  18.154  11.730  1.00 41.28  ? 84  PRO A O   1 
ATOM   352  C  CB  . PRO A 1 45  ? 11.268  18.670  14.542  1.00 44.10  ? 84  PRO A CB  1 
ATOM   353  C  CG  . PRO A 1 45  ? 10.886  18.131  15.903  1.00 45.22  ? 84  PRO A CG  1 
ATOM   354  C  CD  . PRO A 1 45  ? 11.727  16.887  16.102  1.00 46.15  ? 84  PRO A CD  1 
ATOM   355  N  N   . ASN A 1 46  ? 14.146  17.651  13.385  1.00 45.10  ? 85  ASN A N   1 
ATOM   356  C  CA  . ASN A 1 46  ? 15.403  18.178  12.802  1.00 43.26  ? 85  ASN A CA  1 
ATOM   357  C  C   . ASN A 1 46  ? 16.180  17.078  12.086  1.00 40.38  ? 85  ASN A C   1 
ATOM   358  O  O   . ASN A 1 46  ? 17.151  17.412  11.377  1.00 43.10  ? 85  ASN A O   1 
ATOM   359  C  CB  . ASN A 1 46  ? 16.189  18.893  13.897  1.00 45.81  ? 85  ASN A CB  1 
ATOM   360  C  CG  . ASN A 1 46  ? 15.549  20.231  14.153  1.00 46.60  ? 85  ASN A CG  1 
ATOM   361  O  OD1 . ASN A 1 46  ? 15.560  21.077  13.270  1.00 54.64  ? 85  ASN A OD1 1 
ATOM   362  N  ND2 . ASN A 1 46  ? 14.941  20.404  15.315  1.00 52.38  ? 85  ASN A ND2 1 
ATOM   363  N  N   . ALA A 1 47  ? 15.784  15.812  12.271  1.00 41.47  ? 86  ALA A N   1 
ATOM   364  C  CA  . ALA A 1 47  ? 16.400  14.642  11.612  1.00 36.79  ? 86  ALA A CA  1 
ATOM   365  C  C   . ALA A 1 47  ? 15.815  14.494  10.208  1.00 34.22  ? 86  ALA A C   1 
ATOM   366  O  O   . ALA A 1 47  ? 14.770  15.112  9.902   1.00 35.83  ? 86  ALA A O   1 
ATOM   367  C  CB  . ALA A 1 47  ? 16.236  13.385  12.447  1.00 37.16  ? 86  ALA A CB  1 
ATOM   368  N  N   . MET A 1 48  ? 16.536  13.761  9.372   1.00 40.14  ? 87  MET A N   1 
ATOM   369  C  CA  . MET A 1 48  ? 16.242  13.554  7.932   1.00 35.98  ? 87  MET A CA  1 
ATOM   370  C  C   . MET A 1 48  ? 15.670  12.136  7.762   1.00 33.10  ? 87  MET A C   1 
ATOM   371  O  O   . MET A 1 48  ? 16.199  11.255  8.370   1.00 33.57  ? 87  MET A O   1 
ATOM   372  C  CB  . MET A 1 48  ? 17.537  13.702  7.130   1.00 41.24  ? 87  MET A CB  1 
ATOM   373  C  CG  . MET A 1 48  ? 18.248  15.046  7.360   1.00 50.62  ? 87  MET A CG  1 
ATOM   374  S  SD  . MET A 1 48  ? 18.069  16.164  5.966   1.00 52.66  ? 87  MET A SD  1 
ATOM   375  C  CE  . MET A 1 48  ? 16.475  15.588  5.389   1.00 35.93  ? 87  MET A CE  1 
ATOM   376  N  N   . TYR A 1 49  ? 14.572  11.979  7.014   1.00 31.31  ? 88  TYR A N   1 
ATOM   377  C  CA  . TYR A 1 49  ? 13.863  10.680  6.852   1.00 31.47  ? 88  TYR A CA  1 
ATOM   378  C  C   . TYR A 1 49  ? 13.395  10.528  5.396   1.00 32.51  ? 88  TYR A C   1 
ATOM   379  O  O   . TYR A 1 49  ? 13.082  11.529  4.742   1.00 30.07  ? 88  TYR A O   1 
ATOM   380  C  CB  . TYR A 1 49  ? 12.647  10.583  7.778   1.00 28.37  ? 88  TYR A CB  1 
ATOM   381  C  CG  . TYR A 1 49  ? 12.907  10.717  9.259   1.00 35.54  ? 88  TYR A CG  1 
ATOM   382  C  CD1 . TYR A 1 49  ? 13.143  9.612   10.072  1.00 32.04  ? 88  TYR A CD1 1 
ATOM   383  C  CD2 . TYR A 1 49  ? 12.865  11.958  9.867   1.00 34.20  ? 88  TYR A CD2 1 
ATOM   384  C  CE1 . TYR A 1 49  ? 13.401  9.750   11.430  1.00 38.53  ? 88  TYR A CE1 1 
ATOM   385  C  CE2 . TYR A 1 49  ? 13.116  12.114  11.224  1.00 37.10  ? 88  TYR A CE2 1 
ATOM   386  C  CZ  . TYR A 1 49  ? 13.386  11.009  12.011  1.00 36.79  ? 88  TYR A CZ  1 
ATOM   387  O  OH  . TYR A 1 49  ? 13.594  11.190  13.350  1.00 36.58  ? 88  TYR A OH  1 
ATOM   388  N  N   . SER A 1 50  ? 13.397  9.290   4.889   1.00 28.07  ? 89  SER A N   1 
ATOM   389  C  CA  . SER A 1 50  ? 12.736  8.875   3.635   1.00 26.22  ? 89  SER A CA  1 
ATOM   390  C  C   . SER A 1 50  ? 11.590  7.928   3.985   1.00 31.35  ? 89  SER A C   1 
ATOM   391  O  O   . SER A 1 50  ? 11.714  7.223   5.005   1.00 27.52  ? 89  SER A O   1 
ATOM   392  C  CB  . SER A 1 50  ? 13.703  8.302   2.695   1.00 30.06  ? 89  SER A CB  1 
ATOM   393  O  OG  . SER A 1 50  ? 14.585  9.328   2.310   1.00 32.66  ? 89  SER A OG  1 
ATOM   394  N  N   . PHE A 1 51  ? 10.445  8.107   3.342   1.00 27.24  ? 90  PHE A N   1 
ATOM   395  C  CA  . PHE A 1 51  ? 9.256   7.258   3.551   1.00 25.86  ? 90  PHE A CA  1 
ATOM   396  C  C   . PHE A 1 51  ? 9.185   6.325   2.358   1.00 29.83  ? 90  PHE A C   1 
ATOM   397  O  O   . PHE A 1 51  ? 9.149   6.789   1.155   1.00 26.25  ? 90  PHE A O   1 
ATOM   398  C  CB  . PHE A 1 51  ? 7.985   8.056   3.756   1.00 28.89  ? 90  PHE A CB  1 
ATOM   399  C  CG  . PHE A 1 51  ? 7.742   8.504   5.164   1.00 28.64  ? 90  PHE A CG  1 
ATOM   400  C  CD1 . PHE A 1 51  ? 6.609   8.108   5.851   1.00 30.20  ? 90  PHE A CD1 1 
ATOM   401  C  CD2 . PHE A 1 51  ? 8.671   9.290   5.820   1.00 27.88  ? 90  PHE A CD2 1 
ATOM   402  C  CE1 . PHE A 1 51  ? 6.360   8.578   7.125   1.00 33.73  ? 90  PHE A CE1 1 
ATOM   403  C  CE2 . PHE A 1 51  ? 8.422   9.750   7.096   1.00 31.22  ? 90  PHE A CE2 1 
ATOM   404  C  CZ  . PHE A 1 51  ? 7.286   9.368   7.760   1.00 30.94  ? 90  PHE A CZ  1 
ATOM   405  N  N   . LEU A 1 52  ? 9.136   5.027   2.661   1.00 26.75  ? 91  LEU A N   1 
ATOM   406  C  CA  . LEU A 1 52  ? 9.124   3.973   1.632   1.00 26.26  ? 91  LEU A CA  1 
ATOM   407  C  C   . LEU A 1 52  ? 7.815   3.204   1.782   1.00 28.72  ? 91  LEU A C   1 
ATOM   408  O  O   . LEU A 1 52  ? 7.367   3.039   2.918   1.00 25.56  ? 91  LEU A O   1 
ATOM   409  C  CB  . LEU A 1 52  ? 10.297  3.039   1.868   1.00 28.77  ? 91  LEU A CB  1 
ATOM   410  C  CG  . LEU A 1 52  ? 11.656  3.438   1.304   1.00 32.77  ? 91  LEU A CG  1 
ATOM   411  C  CD1 . LEU A 1 52  ? 12.018  4.852   1.647   1.00 34.79  ? 91  LEU A CD1 1 
ATOM   412  C  CD2 . LEU A 1 52  ? 12.708  2.447   1.782   1.00 31.12  ? 91  LEU A CD2 1 
ATOM   413  N  N   . LEU A 1 53  ? 7.296   2.687   0.670   1.00 24.26  ? 92  LEU A N   1 
ATOM   414  C  CA  . LEU A 1 53  ? 6.033   1.919   0.650   1.00 25.46  ? 92  LEU A CA  1 
ATOM   415  C  C   . LEU A 1 53  ? 6.320   0.629   -0.106  1.00 23.53  ? 92  LEU A C   1 
ATOM   416  O  O   . LEU A 1 53  ? 6.919   0.652   -1.197  1.00 24.09  ? 92  LEU A O   1 
ATOM   417  C  CB  . LEU A 1 53  ? 4.916   2.725   -0.016  1.00 24.94  ? 92  LEU A CB  1 
ATOM   418  C  CG  . LEU A 1 53  ? 3.678   1.921   -0.364  1.00 24.38  ? 92  LEU A CG  1 
ATOM   419  C  CD1 . LEU A 1 53  ? 2.920   1.472   0.850   1.00 25.65  ? 92  LEU A CD1 1 
ATOM   420  C  CD2 . LEU A 1 53  ? 2.749   2.782   -1.243  1.00 23.71  ? 92  LEU A CD2 1 
ATOM   421  N  N   . ASP A 1 54  ? 5.950   -0.513  0.476   1.00 24.18  ? 93  ASP A N   1 
ATOM   422  C  CA  . ASP A 1 54  ? 5.985   -1.787  -0.277  1.00 23.16  ? 93  ASP A CA  1 
ATOM   423  C  C   . ASP A 1 54  ? 4.725   -2.572  0.058   1.00 19.08  ? 93  ASP A C   1 
ATOM   424  O  O   . ASP A 1 54  ? 3.834   -2.122  0.782   1.00 22.47  ? 93  ASP A O   1 
ATOM   425  C  CB  . ASP A 1 54  ? 7.292   -2.568  -0.095  1.00 24.48  ? 93  ASP A CB  1 
ATOM   426  C  CG  . ASP A 1 54  ? 7.586   -2.987  1.330   1.00 25.33  ? 93  ASP A CG  1 
ATOM   427  O  OD1 . ASP A 1 54  ? 6.681   -2.891  2.174   1.00 25.19  ? 93  ASP A OD1 1 
ATOM   428  O  OD2 . ASP A 1 54  ? 8.761   -3.386  1.551   1.00 27.65  ? 93  ASP A OD2 1 
ATOM   429  N  N   . PHE A 1 55  ? 4.578   -3.687  -0.629  1.00 23.59  ? 94  PHE A N   1 
ATOM   430  C  CA  . PHE A 1 55  ? 3.359   -4.522  -0.580  1.00 22.24  ? 94  PHE A CA  1 
ATOM   431  C  C   . PHE A 1 55  ? 3.799   -5.947  -0.259  1.00 23.31  ? 94  PHE A C   1 
ATOM   432  O  O   . PHE A 1 55  ? 4.396   -6.559  -1.090  1.00 25.90  ? 94  PHE A O   1 
ATOM   433  C  CB  . PHE A 1 55  ? 2.602   -4.442  -1.900  1.00 22.15  ? 94  PHE A CB  1 
ATOM   434  C  CG  . PHE A 1 55  ? 2.186   -3.035  -2.233  1.00 22.57  ? 94  PHE A CG  1 
ATOM   435  C  CD1 . PHE A 1 55  ? 0.980   -2.540  -1.763  1.00 23.99  ? 94  PHE A CD1 1 
ATOM   436  C  CD2 . PHE A 1 55  ? 3.069   -2.179  -2.869  1.00 26.03  ? 94  PHE A CD2 1 
ATOM   437  C  CE1 . PHE A 1 55  ? 0.603   -1.227  -2.045  1.00 24.99  ? 94  PHE A CE1 1 
ATOM   438  C  CE2 . PHE A 1 55  ? 2.701   -0.870  -3.128  1.00 26.31  ? 94  PHE A CE2 1 
ATOM   439  C  CZ  . PHE A 1 55  ? 1.490   -0.392  -2.671  1.00 25.44  ? 94  PHE A CZ  1 
ATOM   440  N  N   . VAL A 1 56  ? 3.423   -6.428  0.910   1.00 25.18  ? 95  VAL A N   1 
ATOM   441  C  CA  . VAL A 1 56  ? 3.738   -7.839  1.296   1.00 25.05  ? 95  VAL A CA  1 
ATOM   442  C  C   . VAL A 1 56  ? 2.684   -8.739  0.688   1.00 21.13  ? 95  VAL A C   1 
ATOM   443  O  O   . VAL A 1 56  ? 1.507   -8.495  0.988   1.00 22.20  ? 95  VAL A O   1 
ATOM   444  C  CB  . VAL A 1 56  ? 3.691   -7.941  2.822   1.00 25.44  ? 95  VAL A CB  1 
ATOM   445  C  CG1 . VAL A 1 56  ? 3.989   -9.382  3.267   1.00 23.51  ? 95  VAL A CG1 1 
ATOM   446  C  CG2 . VAL A 1 56  ? 4.645   -6.923  3.473   1.00 29.70  ? 95  VAL A CG2 1 
ATOM   447  N  N   . ALA A 1 57  ? 3.065   -9.875  0.119   1.00 23.83  ? 96  ALA A N   1 
ATOM   448  C  CA  . ALA A 1 57  ? 2.089   -10.896 -0.293  1.00 25.00  ? 96  ALA A CA  1 
ATOM   449  C  C   . ALA A 1 57  ? 1.569   -11.559 0.957   1.00 26.08  ? 96  ALA A C   1 
ATOM   450  O  O   . ALA A 1 57  ? 2.394   -12.163 1.677   1.00 23.61  ? 96  ALA A O   1 
ATOM   451  C  CB  . ALA A 1 57  ? 2.731   -11.872 -1.270  1.00 25.66  ? 96  ALA A CB  1 
ATOM   452  N  N   . ALA A 1 58  ? 0.289   -11.369 1.265   1.00 23.79  ? 97  ALA A N   1 
ATOM   453  C  CA  . ALA A 1 58  ? -0.329  -11.722 2.560   1.00 23.91  ? 97  ALA A CA  1 
ATOM   454  C  C   . ALA A 1 58  ? -0.391  -13.246 2.717   1.00 27.34  ? 97  ALA A C   1 
ATOM   455  O  O   . ALA A 1 58  ? -0.438  -13.757 3.882   1.00 26.84  ? 97  ALA A O   1 
ATOM   456  C  CB  . ALA A 1 58  ? -1.678  -11.121 2.675   1.00 28.07  ? 97  ALA A CB  1 
ATOM   457  N  N   . ASP A 1 59  ? -0.437  -13.918 1.584   1.00 26.56  ? 98  ASP A N   1 
ATOM   458  C  CA  . ASP A 1 59  ? -0.411  -15.398 1.505   1.00 26.45  ? 98  ASP A CA  1 
ATOM   459  C  C   . ASP A 1 59  ? 0.261   -15.747 0.186   1.00 30.75  ? 98  ASP A C   1 
ATOM   460  O  O   . ASP A 1 59  ? 0.546   -14.862 -0.640  1.00 31.28  ? 98  ASP A O   1 
ATOM   461  C  CB  . ASP A 1 59  ? -1.811  -15.948 1.773   1.00 25.95  ? 98  ASP A CB  1 
ATOM   462  C  CG  . ASP A 1 59  ? -2.754  -15.492 0.637   1.00 27.03  ? 98  ASP A CG  1 
ATOM   463  O  OD1 . ASP A 1 59  ? -2.462  -15.846 -0.501  1.00 30.32  ? 98  ASP A OD1 1 
ATOM   464  O  OD2 . ASP A 1 59  ? -3.690  -14.781 0.953   1.00 32.78  ? 98  ASP A OD2 1 
ATOM   465  N  N   . ASN A 1 60  ? 0.492   -17.029 -0.008  1.00 29.19  ? 99  ASN A N   1 
ATOM   466  C  CA  . ASN A 1 60  ? 1.222   -17.524 -1.171  1.00 29.90  ? 99  ASN A CA  1 
ATOM   467  C  C   . ASN A 1 60  ? 0.251   -18.012 -2.242  1.00 32.37  ? 99  ASN A C   1 
ATOM   468  O  O   . ASN A 1 60  ? 0.719   -18.756 -3.112  1.00 35.70  ? 99  ASN A O   1 
ATOM   469  C  CB  . ASN A 1 60  ? 2.103   -18.687 -0.740  1.00 34.77  ? 99  ASN A CB  1 
ATOM   470  C  CG  . ASN A 1 60  ? 3.208   -18.212 0.164   1.00 37.38  ? 99  ASN A CG  1 
ATOM   471  O  OD1 . ASN A 1 60  ? 3.649   -18.966 1.025   1.00 44.69  ? 99  ASN A OD1 1 
ATOM   472  N  ND2 . ASN A 1 60  ? 3.650   -16.990 -0.025  1.00 30.43  ? 99  ASN A ND2 1 
ATOM   473  N  N   . HIS A 1 61  ? -1.030  -17.671 -2.162  1.00 33.43  ? 100 HIS A N   1 
ATOM   474  C  CA  . HIS A 1 61  ? -2.035  -18.265 -3.078  1.00 30.68  ? 100 HIS A CA  1 
ATOM   475  C  C   . HIS A 1 61  ? -2.539  -17.271 -4.145  1.00 36.43  ? 100 HIS A C   1 
ATOM   476  O  O   . HIS A 1 61  ? -2.461  -16.018 -3.965  1.00 32.16  ? 100 HIS A O   1 
ATOM   477  C  CB  . HIS A 1 61  ? -3.192  -18.833 -2.275  1.00 31.51  ? 100 HIS A CB  1 
ATOM   478  C  CG  . HIS A 1 61  ? -2.824  -19.945 -1.346  1.00 37.99  ? 100 HIS A CG  1 
ATOM   479  N  ND1 . HIS A 1 61  ? -3.198  -21.274 -1.601  1.00 39.34  ? 100 HIS A ND1 1 
ATOM   480  C  CD2 . HIS A 1 61  ? -2.175  -19.937 -0.157  1.00 35.08  ? 100 HIS A CD2 1 
ATOM   481  C  CE1 . HIS A 1 61  ? -2.779  -22.031 -0.600  1.00 44.25  ? 100 HIS A CE1 1 
ATOM   482  N  NE2 . HIS A 1 61  ? -2.149  -21.230 0.314   1.00 32.88  ? 100 HIS A NE2 1 
ATOM   483  N  N   . ARG A 1 62  ? -3.052  -17.858 -5.221  1.00 37.12  ? 101 ARG A N   1 
ATOM   484  C  CA  . ARG A 1 62  ? -3.811  -17.177 -6.301  1.00 36.66  ? 101 ARG A CA  1 
ATOM   485  C  C   . ARG A 1 62  ? -5.279  -17.226 -5.887  1.00 33.20  ? 101 ARG A C   1 
ATOM   486  O  O   . ARG A 1 62  ? -5.770  -18.298 -5.387  1.00 38.80  ? 101 ARG A O   1 
ATOM   487  C  CB  . ARG A 1 62  ? -3.462  -17.882 -7.617  1.00 44.26  ? 101 ARG A CB  1 
ATOM   488  C  CG  . ARG A 1 62  ? -4.473  -17.721 -8.751  1.00 53.09  ? 101 ARG A CG  1 
ATOM   489  C  CD  . ARG A 1 62  ? -3.896  -18.161 -10.091 1.00 56.50  ? 101 ARG A CD  1 
ATOM   490  N  NE  . ARG A 1 62  ? -2.796  -17.267 -10.422 1.00 67.76  ? 101 ARG A NE  1 
ATOM   491  C  CZ  . ARG A 1 62  ? -2.904  -16.119 -11.089 1.00 74.91  ? 101 ARG A CZ  1 
ATOM   492  N  NH1 . ARG A 1 62  ? -4.069  -15.719 -11.572 1.00 71.40  ? 101 ARG A NH1 1 
ATOM   493  N  NH2 . ARG A 1 62  ? -1.827  -15.376 -11.289 1.00 81.69  ? 101 ARG A NH2 1 
ATOM   494  N  N   . TRP A 1 63  ? -5.972  -16.090 -5.985  1.00 31.78  ? 102 TRP A N   1 
ATOM   495  C  CA  . TRP A 1 63  ? -7.371  -15.960 -5.563  1.00 27.91  ? 102 TRP A CA  1 
ATOM   496  C  C   . TRP A 1 63  ? -8.240  -15.817 -6.821  1.00 32.97  ? 102 TRP A C   1 
ATOM   497  O  O   . TRP A 1 63  ? -7.789  -15.207 -7.779  1.00 35.39  ? 102 TRP A O   1 
ATOM   498  C  CB  . TRP A 1 63  ? -7.533  -14.740 -4.646  1.00 30.26  ? 102 TRP A CB  1 
ATOM   499  C  CG  . TRP A 1 63  ? -6.896  -14.940 -3.302  1.00 28.39  ? 102 TRP A CG  1 
ATOM   500  C  CD1 . TRP A 1 63  ? -5.561  -14.885 -3.021  1.00 30.91  ? 102 TRP A CD1 1 
ATOM   501  C  CD2 . TRP A 1 63  ? -7.569  -15.180 -2.058  1.00 27.27  ? 102 TRP A CD2 1 
ATOM   502  N  NE1 . TRP A 1 63  ? -5.373  -15.068 -1.683  1.00 27.64  ? 102 TRP A NE1 1 
ATOM   503  C  CE2 . TRP A 1 63  ? -6.561  -15.310 -1.069  1.00 28.91  ? 102 TRP A CE2 1 
ATOM   504  C  CE3 . TRP A 1 63  ? -8.900  -15.343 -1.664  1.00 29.65  ? 102 TRP A CE3 1 
ATOM   505  C  CZ2 . TRP A 1 63  ? -6.853  -15.536 0.270   1.00 30.28  ? 102 TRP A CZ2 1 
ATOM   506  C  CZ3 . TRP A 1 63  ? -9.200  -15.563 -0.340  1.00 32.07  ? 102 TRP A CZ3 1 
ATOM   507  C  CH2 . TRP A 1 63  ? -8.179  -15.650 0.623   1.00 30.57  ? 102 TRP A CH2 1 
ATOM   508  N  N   . LYS A 1 64  ? -9.461  -16.305 -6.745  1.00 34.23  ? 103 LYS A N   1 
ATOM   509  C  CA  . LYS A 1 64  ? -10.431 -16.317 -7.867  1.00 39.41  ? 103 LYS A CA  1 
ATOM   510  C  C   . LYS A 1 64  ? -11.788 -15.943 -7.286  1.00 36.28  ? 103 LYS A C   1 
ATOM   511  O  O   . LYS A 1 64  ? -12.098 -16.348 -6.181  1.00 33.16  ? 103 LYS A O   1 
ATOM   512  C  CB  . LYS A 1 64  ? -10.404 -17.685 -8.554  1.00 49.84  ? 103 LYS A CB  1 
ATOM   513  C  CG  . LYS A 1 64  ? -9.827  -18.815 -7.707  1.00 64.45  ? 103 LYS A CG  1 
ATOM   514  C  CD  . LYS A 1 64  ? -10.246 -20.214 -8.131  1.00 72.81  ? 103 LYS A CD  1 
ATOM   515  C  CE  . LYS A 1 64  ? -10.010 -21.248 -7.048  1.00 77.27  ? 103 LYS A CE  1 
ATOM   516  N  NZ  . LYS A 1 64  ? -10.899 -22.425 -7.214  1.00 78.70  ? 103 LYS A NZ  1 
ATOM   517  N  N   . TYR A 1 65  ? -12.585 -15.172 -8.019  1.00 37.83  ? 104 TYR A N   1 
ATOM   518  C  CA  . TYR A 1 65  ? -13.909 -14.715 -7.543  1.00 37.09  ? 104 TYR A CA  1 
ATOM   519  C  C   . TYR A 1 65  ? -14.892 -15.747 -8.097  1.00 39.07  ? 104 TYR A C   1 
ATOM   520  O  O   . TYR A 1 65  ? -15.081 -15.750 -9.301  1.00 42.46  ? 104 TYR A O   1 
ATOM   521  C  CB  . TYR A 1 65  ? -14.195 -13.281 -8.004  1.00 33.99  ? 104 TYR A CB  1 
ATOM   522  C  CG  . TYR A 1 65  ? -15.366 -12.600 -7.339  1.00 34.31  ? 104 TYR A CG  1 
ATOM   523  C  CD1 . TYR A 1 65  ? -15.345 -12.221 -6.017  1.00 35.13  ? 104 TYR A CD1 1 
ATOM   524  C  CD2 . TYR A 1 65  ? -16.517 -12.273 -8.060  1.00 36.96  ? 104 TYR A CD2 1 
ATOM   525  C  CE1 . TYR A 1 65  ? -16.404 -11.576 -5.406  1.00 38.36  ? 104 TYR A CE1 1 
ATOM   526  C  CE2 . TYR A 1 65  ? -17.584 -11.626 -7.452  1.00 35.13  ? 104 TYR A CE2 1 
ATOM   527  C  CZ  . TYR A 1 65  ? -17.539 -11.257 -6.138  1.00 39.01  ? 104 TYR A CZ  1 
ATOM   528  O  OH  . TYR A 1 65  ? -18.617 -10.642 -5.563  1.00 40.74  ? 104 TYR A OH  1 
ATOM   529  N  N   . VAL A 1 66  ? -15.351 -16.645 -7.236  1.00 41.99  ? 105 VAL A N   1 
ATOM   530  C  CA  . VAL A 1 66  ? -16.113 -17.876 -7.596  1.00 48.40  ? 105 VAL A CA  1 
ATOM   531  C  C   . VAL A 1 66  ? -17.493 -17.699 -6.987  1.00 45.12  ? 105 VAL A C   1 
ATOM   532  O  O   . VAL A 1 66  ? -17.603 -17.658 -5.728  1.00 42.61  ? 105 VAL A O   1 
ATOM   533  C  CB  . VAL A 1 66  ? -15.429 -19.160 -7.088  1.00 44.22  ? 105 VAL A CB  1 
ATOM   534  C  CG1 . VAL A 1 66  ? -16.336 -20.377 -7.216  1.00 48.20  ? 105 VAL A CG1 1 
ATOM   535  C  CG2 . VAL A 1 66  ? -14.110 -19.410 -7.803  1.00 45.16  ? 105 VAL A CG2 1 
ATOM   536  N  N   . ASN A 1 67  ? -18.498 -17.561 -7.854  1.00 50.75  ? 106 ASN A N   1 
ATOM   537  C  CA  . ASN A 1 67  ? -19.915 -17.475 -7.435  1.00 52.35  ? 106 ASN A CA  1 
ATOM   538  C  C   . ASN A 1 67  ? -20.028 -16.404 -6.358  1.00 48.51  ? 106 ASN A C   1 
ATOM   539  O  O   . ASN A 1 67  ? -20.526 -16.724 -5.289  1.00 45.16  ? 106 ASN A O   1 
ATOM   540  C  CB  . ASN A 1 67  ? -20.425 -18.842 -6.970  1.00 61.77  ? 106 ASN A CB  1 
ATOM   541  C  CG  . ASN A 1 67  ? -20.336 -19.874 -8.079  1.00 62.62  ? 106 ASN A CG  1 
ATOM   542  O  OD1 . ASN A 1 67  ? -20.700 -19.590 -9.217  1.00 63.47  ? 106 ASN A OD1 1 
ATOM   543  N  ND2 . ASN A 1 67  ? -19.830 -21.058 -7.772  1.00 56.79  ? 106 ASN A ND2 1 
ATOM   544  N  N   . GLY A 1 68  ? -19.542 -15.191 -6.650  1.00 48.96  ? 107 GLY A N   1 
ATOM   545  C  CA  . GLY A 1 68  ? -19.731 -13.993 -5.810  1.00 45.30  ? 107 GLY A CA  1 
ATOM   546  C  C   . GLY A 1 68  ? -18.869 -13.999 -4.555  1.00 42.57  ? 107 GLY A C   1 
ATOM   547  O  O   . GLY A 1 68  ? -19.160 -13.242 -3.627  1.00 39.77  ? 107 GLY A O   1 
ATOM   548  N  N   . GLU A 1 69  ? -17.845 -14.836 -4.486  1.00 41.04  ? 108 GLU A N   1 
ATOM   549  C  CA  . GLU A 1 69  ? -17.032 -14.912 -3.245  1.00 45.46  ? 108 GLU A CA  1 
ATOM   550  C  C   . GLU A 1 69  ? -15.584 -15.157 -3.659  1.00 36.66  ? 108 GLU A C   1 
ATOM   551  O  O   . GLU A 1 69  ? -15.361 -15.952 -4.559  1.00 37.09  ? 108 GLU A O   1 
ATOM   552  C  CB  . GLU A 1 69  ? -17.682 -15.901 -2.271  1.00 50.45  ? 108 GLU A CB  1 
ATOM   553  C  CG  . GLU A 1 69  ? -17.151 -17.333 -2.277  1.00 65.41  ? 108 GLU A CG  1 
ATOM   554  C  CD  . GLU A 1 69  ? -17.350 -18.069 -0.947  1.00 71.80  ? 108 GLU A CD  1 
ATOM   555  O  OE1 . GLU A 1 69  ? -16.803 -17.602 0.080   1.00 72.00  ? 108 GLU A OE1 1 
ATOM   556  O  OE2 . GLU A 1 69  ? -18.058 -19.104 -0.920  1.00 72.80  ? 108 GLU A OE2 1 
ATOM   557  N  N   . TRP A 1 70  ? -14.619 -14.446 -3.058  1.00 38.77  ? 109 TRP A N   1 
ATOM   558  C  CA  . TRP A 1 70  ? -13.173 -14.679 -3.323  1.00 34.36  ? 109 TRP A CA  1 
ATOM   559  C  C   . TRP A 1 70  ? -12.733 -15.966 -2.609  1.00 36.65  ? 109 TRP A C   1 
ATOM   560  O  O   . TRP A 1 70  ? -13.037 -16.096 -1.427  1.00 40.28  ? 109 TRP A O   1 
ATOM   561  C  CB  . TRP A 1 70  ? -12.314 -13.501 -2.830  1.00 34.05  ? 109 TRP A CB  1 
ATOM   562  C  CG  . TRP A 1 70  ? -12.349 -12.305 -3.722  1.00 29.96  ? 109 TRP A CG  1 
ATOM   563  C  CD1 . TRP A 1 70  ? -13.033 -11.140 -3.502  1.00 32.39  ? 109 TRP A CD1 1 
ATOM   564  C  CD2 . TRP A 1 70  ? -11.670 -12.148 -4.972  1.00 27.76  ? 109 TRP A CD2 1 
ATOM   565  N  NE1 . TRP A 1 70  ? -12.865 -10.298 -4.559  1.00 32.50  ? 109 TRP A NE1 1 
ATOM   566  C  CE2 . TRP A 1 70  ? -12.020 -10.870 -5.471  1.00 29.77  ? 109 TRP A CE2 1 
ATOM   567  C  CE3 . TRP A 1 70  ? -10.781 -12.917 -5.714  1.00 26.38  ? 109 TRP A CE3 1 
ATOM   568  C  CZ2 . TRP A 1 70  ? -11.485 -10.382 -6.649  1.00 32.61  ? 109 TRP A CZ2 1 
ATOM   569  C  CZ3 . TRP A 1 70  ? -10.282 -12.452 -6.907  1.00 35.30  ? 109 TRP A CZ3 1 
ATOM   570  C  CH2 . TRP A 1 70  ? -10.647 -11.186 -7.379  1.00 33.25  ? 109 TRP A CH2 1 
ATOM   571  N  N   . VAL A 1 71  ? -12.015 -16.847 -3.295  1.00 32.49  ? 110 VAL A N   1 
ATOM   572  C  CA  . VAL A 1 71  ? -11.566 -18.159 -2.724  1.00 37.87  ? 110 VAL A CA  1 
ATOM   573  C  C   . VAL A 1 71  ? -10.154 -18.421 -3.190  1.00 32.31  ? 110 VAL A C   1 
ATOM   574  O  O   . VAL A 1 71  ? -9.754  -18.119 -4.312  1.00 34.30  ? 110 VAL A O   1 
ATOM   575  C  CB  . VAL A 1 71  ? -12.509 -19.329 -3.072  1.00 41.43  ? 110 VAL A CB  1 
ATOM   576  C  CG1 . VAL A 1 71  ? -13.889 -19.119 -2.482  1.00 44.52  ? 110 VAL A CG1 1 
ATOM   577  C  CG2 . VAL A 1 71  ? -12.572 -19.574 -4.549  1.00 45.22  ? 110 VAL A CG2 1 
ATOM   578  N  N   . PRO A 1 72  ? -9.278  -18.881 -2.274  1.00 36.20  ? 111 PRO A N   1 
ATOM   579  C  CA  . PRO A 1 72  ? -7.914  -19.147 -2.658  1.00 34.91  ? 111 PRO A CA  1 
ATOM   580  C  C   . PRO A 1 72  ? -7.773  -20.466 -3.405  1.00 37.56  ? 111 PRO A C   1 
ATOM   581  O  O   . PRO A 1 72  ? -8.514  -21.376 -3.075  1.00 44.18  ? 111 PRO A O   1 
ATOM   582  C  CB  . PRO A 1 72  ? -7.171  -19.239 -1.321  1.00 34.29  ? 111 PRO A CB  1 
ATOM   583  C  CG  . PRO A 1 72  ? -8.212  -19.610 -0.304  1.00 31.76  ? 111 PRO A CG  1 
ATOM   584  C  CD  . PRO A 1 72  ? -9.550  -19.144 -0.859  1.00 38.01  ? 111 PRO A CD  1 
ATOM   585  N  N   . GLY A 1 73  ? -6.788  -20.522 -4.297  1.00 38.54  ? 112 GLY A N   1 
ATOM   586  C  CA  . GLY A 1 73  ? -6.351  -21.751 -4.976  1.00 41.27  ? 112 GLY A CA  1 
ATOM   587  C  C   . GLY A 1 73  ? -5.711  -22.732 -4.003  1.00 45.38  ? 112 GLY A C   1 
ATOM   588  O  O   . GLY A 1 73  ? -5.527  -22.410 -2.787  1.00 45.13  ? 112 GLY A O   1 
ATOM   589  N  N   . GLY A 1 74  ? -5.377  -23.920 -4.502  1.00 43.39  ? 113 GLY A N   1 
ATOM   590  C  CA  . GLY A 1 74  ? -4.811  -24.979 -3.657  1.00 47.12  ? 113 GLY A CA  1 
ATOM   591  C  C   . GLY A 1 74  ? -3.337  -25.165 -3.932  1.00 48.72  ? 113 GLY A C   1 
ATOM   592  O  O   . GLY A 1 74  ? -2.783  -26.128 -3.370  1.00 61.26  ? 113 GLY A O   1 
ATOM   593  N  N   . LYS A 1 75  ? -2.725  -24.306 -4.758  1.00 46.63  ? 114 LYS A N   1 
ATOM   594  C  CA  . LYS A 1 75  ? -1.342  -24.524 -5.270  1.00 51.32  ? 114 LYS A CA  1 
ATOM   595  C  C   . LYS A 1 75  ? -0.418  -23.360 -4.898  1.00 45.42  ? 114 LYS A C   1 
ATOM   596  O  O   . LYS A 1 75  ? 0.137   -22.704 -5.777  1.00 43.95  ? 114 LYS A O   1 
ATOM   597  C  CB  . LYS A 1 75  ? -1.367  -24.743 -6.784  1.00 58.08  ? 114 LYS A CB  1 
ATOM   598  C  CG  . LYS A 1 75  ? -0.282  -25.684 -7.294  1.00 68.47  ? 114 LYS A CG  1 
ATOM   599  C  CD  . LYS A 1 75  ? -0.181  -26.975 -6.479  1.00 71.69  ? 114 LYS A CD  1 
ATOM   600  C  CE  . LYS A 1 75  ? 0.247   -28.193 -7.275  1.00 78.47  ? 114 LYS A CE  1 
ATOM   601  N  NZ  . LYS A 1 75  ? 1.690   -28.152 -7.603  1.00 84.12  ? 114 LYS A NZ  1 
ATOM   602  N  N   . PRO A 1 76  ? -0.156  -23.126 -3.590  1.00 48.18  ? 115 PRO A N   1 
ATOM   603  C  CA  . PRO A 1 76  ? 0.696   -22.017 -3.164  1.00 46.37  ? 115 PRO A CA  1 
ATOM   604  C  C   . PRO A 1 76  ? 2.061   -22.046 -3.873  1.00 53.05  ? 115 PRO A C   1 
ATOM   605  O  O   . PRO A 1 76  ? 2.580   -23.117 -4.149  1.00 52.38  ? 115 PRO A O   1 
ATOM   606  C  CB  . PRO A 1 76  ? 0.856   -22.155 -1.635  1.00 49.49  ? 115 PRO A CB  1 
ATOM   607  C  CG  . PRO A 1 76  ? 0.203   -23.483 -1.276  1.00 52.84  ? 115 PRO A CG  1 
ATOM   608  C  CD  . PRO A 1 76  ? -0.701  -23.867 -2.443  1.00 50.01  ? 115 PRO A CD  1 
ATOM   609  N  N   . GLU A 1 77  ? 2.579   -20.860 -4.198  1.00 49.44  ? 116 GLU A N   1 
ATOM   610  C  CA  . GLU A 1 77  ? 3.957   -20.656 -4.710  1.00 51.93  ? 116 GLU A CA  1 
ATOM   611  C  C   . GLU A 1 77  ? 4.580   -19.565 -3.850  1.00 55.57  ? 116 GLU A C   1 
ATOM   612  O  O   . GLU A 1 77  ? 3.876   -18.668 -3.400  1.00 60.41  ? 116 GLU A O   1 
ATOM   613  C  CB  . GLU A 1 77  ? 3.932   -20.263 -6.187  1.00 57.94  ? 116 GLU A CB  1 
ATOM   614  C  CG  . GLU A 1 77  ? 3.051   -21.155 -7.048  1.00 65.38  ? 116 GLU A CG  1 
ATOM   615  C  CD  . GLU A 1 77  ? 2.831   -20.623 -8.458  1.00 74.50  ? 116 GLU A CD  1 
ATOM   616  O  OE1 . GLU A 1 77  ? 3.788   -20.071 -9.030  1.00 77.97  ? 116 GLU A OE1 1 
ATOM   617  O  OE2 . GLU A 1 77  ? 1.697   -20.732 -8.977  1.00 79.43  ? 116 GLU A OE2 1 
ATOM   618  N  N   . PRO A 1 78  ? 5.899   -19.589 -3.576  1.00 52.80  ? 117 PRO A N   1 
ATOM   619  C  CA  . PRO A 1 78  ? 6.524   -18.529 -2.791  1.00 56.23  ? 117 PRO A CA  1 
ATOM   620  C  C   . PRO A 1 78  ? 6.397   -17.228 -3.599  1.00 54.98  ? 117 PRO A C   1 
ATOM   621  O  O   . PRO A 1 78  ? 6.399   -17.270 -4.827  1.00 47.25  ? 117 PRO A O   1 
ATOM   622  C  CB  . PRO A 1 78  ? 7.986   -18.955 -2.588  1.00 54.46  ? 117 PRO A CB  1 
ATOM   623  C  CG  . PRO A 1 78  ? 8.065   -20.377 -3.135  1.00 56.56  ? 117 PRO A CG  1 
ATOM   624  C  CD  . PRO A 1 78  ? 6.878   -20.566 -4.067  1.00 56.28  ? 117 PRO A CD  1 
ATOM   625  N  N   . GLN A 1 79  ? 6.236   -16.125 -2.875  1.00 49.02  ? 118 GLN A N   1 
ATOM   626  C  CA  . GLN A 1 79  ? 6.061   -14.808 -3.517  1.00 57.39  ? 118 GLN A CA  1 
ATOM   627  C  C   . GLN A 1 79  ? 7.278   -13.939 -3.209  1.00 61.35  ? 118 GLN A C   1 
ATOM   628  O  O   . GLN A 1 79  ? 7.447   -13.565 -2.044  1.00 59.61  ? 118 GLN A O   1 
ATOM   629  C  CB  . GLN A 1 79  ? 4.791   -14.184 -2.945  1.00 45.41  ? 118 GLN A CB  1 
ATOM   630  C  CG  . GLN A 1 79  ? 3.576   -15.089 -3.012  1.00 50.61  ? 118 GLN A CG  1 
ATOM   631  C  CD  . GLN A 1 79  ? 3.069   -15.251 -4.421  1.00 52.63  ? 118 GLN A CD  1 
ATOM   632  O  OE1 . GLN A 1 79  ? 3.027   -14.307 -5.200  1.00 58.47  ? 118 GLN A OE1 1 
ATOM   633  N  NE2 . GLN A 1 79  ? 2.696   -16.464 -4.774  1.00 53.00  ? 118 GLN A NE2 1 
ATOM   634  N  N   . ALA A 1 80  ? 8.061   -13.618 -4.235  1.00 73.24  ? 119 ALA A N   1 
ATOM   635  C  CA  . ALA A 1 80  ? 9.249   -12.752 -4.062  1.00 76.63  ? 119 ALA A CA  1 
ATOM   636  C  C   . ALA A 1 80  ? 8.740   -11.375 -3.686  1.00 73.59  ? 119 ALA A C   1 
ATOM   637  O  O   . ALA A 1 80  ? 7.810   -10.922 -4.344  1.00 66.68  ? 119 ALA A O   1 
ATOM   638  C  CB  . ALA A 1 80  ? 10.062  -12.674 -5.325  1.00 79.14  ? 119 ALA A CB  1 
ATOM   639  N  N   . PRO A 1 81  ? 9.434   -10.630 -2.813  1.00 68.09  ? 120 PRO A N   1 
ATOM   640  C  CA  . PRO A 1 81  ? 8.955   -9.354  -2.336  1.00 61.52  ? 120 PRO A CA  1 
ATOM   641  C  C   . PRO A 1 81  ? 8.761   -8.304  -3.434  1.00 49.01  ? 120 PRO A C   1 
ATOM   642  O  O   . PRO A 1 81  ? 9.413   -8.344  -4.454  1.00 48.43  ? 120 PRO A O   1 
ATOM   643  C  CB  . PRO A 1 81  ? 10.127  -8.879  -1.472  1.00 30.00  ? 120 PRO A CB  1 
ATOM   644  C  CG  . PRO A 1 81  ? 11.303  -9.600  -2.054  1.00 30.00  ? 120 PRO A CG  1 
ATOM   645  C  CD  . PRO A 1 81  ? 10.728  -10.975 -2.262  1.00 30.00  ? 120 PRO A CD  1 
ATOM   646  N  N   . SER A 1 82  ? 7.843   -7.373  -3.183  1.00 43.73  ? 121 SER A N   1 
ATOM   647  C  CA  . SER A 1 82  ? 7.623   -6.278  -4.156  1.00 38.93  ? 121 SER A CA  1 
ATOM   648  C  C   . SER A 1 82  ? 8.759   -5.285  -4.057  1.00 33.52  ? 121 SER A C   1 
ATOM   649  O  O   . SER A 1 82  ? 9.450   -5.219  -3.059  1.00 35.82  ? 121 SER A O   1 
ATOM   650  C  CB  . SER A 1 82  ? 6.311   -5.559  -3.988  1.00 30.00  ? 121 SER A CB  1 
ATOM   651  O  OG  . SER A 1 82  ? 6.423   -4.428  -3.127  1.00 30.00  ? 121 SER A OG  1 
ATOM   652  N  N   . CYS A 1 83  ? 8.859   -4.459  -5.082  1.00 31.31  ? 122 CYS A N   1 
ATOM   653  C  CA  . CYS A 1 83  ? 9.811   -3.339  -5.073  1.00 33.06  ? 122 CYS A CA  1 
ATOM   654  C  C   . CYS A 1 83  ? 9.290   -2.243  -4.139  1.00 29.89  ? 122 CYS A C   1 
ATOM   655  O  O   . CYS A 1 83  ? 8.139   -2.212  -3.770  1.00 28.99  ? 122 CYS A O   1 
ATOM   656  C  CB  . CYS A 1 83  ? 10.057  -2.788  -6.468  1.00 36.82  ? 122 CYS A CB  1 
ATOM   657  S  SG  . CYS A 1 83  ? 11.096  -3.887  -7.459  1.00 45.35  ? 122 CYS A SG  1 
ATOM   658  N  N   . VAL A 1 84  ? 10.192  -1.365  -3.772  1.00 29.29  ? 123 VAL A N   1 
ATOM   659  C  CA  . VAL A 1 84  ? 9.868   -0.271  -2.841  1.00 28.88  ? 123 VAL A CA  1 
ATOM   660  C  C   . VAL A 1 84  ? 9.570   0.991   -3.668  1.00 24.75  ? 123 VAL A C   1 
ATOM   661  O  O   . VAL A 1 84  ? 10.321  1.292   -4.616  1.00 30.84  ? 123 VAL A O   1 
ATOM   662  C  CB  . VAL A 1 84  ? 11.009  -0.089  -1.823  1.00 34.11  ? 123 VAL A CB  1 
ATOM   663  C  CG1 . VAL A 1 84  ? 12.336  0.311   -2.445  1.00 36.98  ? 123 VAL A CG1 1 
ATOM   664  C  CG2 . VAL A 1 84  ? 10.604  0.860   -0.727  1.00 38.47  ? 123 VAL A CG2 1 
ATOM   665  N  N   . TYR A 1 85  ? 8.570   1.726   -3.228  1.00 27.41  ? 124 TYR A N   1 
ATOM   666  C  CA  . TYR A 1 85  ? 8.217   3.063   -3.758  1.00 24.14  ? 124 TYR A CA  1 
ATOM   667  C  C   . TYR A 1 85  ? 8.742   4.070   -2.745  1.00 26.89  ? 124 TYR A C   1 
ATOM   668  O  O   . TYR A 1 85  ? 8.339   3.973   -1.552  1.00 25.85  ? 124 TYR A O   1 
ATOM   669  C  CB  . TYR A 1 85  ? 6.708   3.214   -3.912  1.00 25.32  ? 124 TYR A CB  1 
ATOM   670  C  CG  . TYR A 1 85  ? 6.236   4.585   -4.329  1.00 27.47  ? 124 TYR A CG  1 
ATOM   671  C  CD1 . TYR A 1 85  ? 6.289   5.005   -5.657  1.00 30.32  ? 124 TYR A CD1 1 
ATOM   672  C  CD2 . TYR A 1 85  ? 5.707   5.441   -3.377  1.00 27.21  ? 124 TYR A CD2 1 
ATOM   673  C  CE1 . TYR A 1 85  ? 5.922   6.288   -6.003  1.00 27.59  ? 124 TYR A CE1 1 
ATOM   674  C  CE2 . TYR A 1 85  ? 5.251   6.707   -3.715  1.00 28.24  ? 124 TYR A CE2 1 
ATOM   675  C  CZ  . TYR A 1 85  ? 5.394   7.123   -5.030  1.00 29.44  ? 124 TYR A CZ  1 
ATOM   676  O  OH  . TYR A 1 85  ? 4.938   8.355   -5.352  1.00 28.21  ? 124 TYR A OH  1 
ATOM   677  N  N   . ILE A 1 86  ? 9.531   5.047   -3.204  1.00 25.41  ? 125 ILE A N   1 
ATOM   678  C  CA  . ILE A 1 86  ? 9.987   6.185   -2.348  1.00 28.46  ? 125 ILE A CA  1 
ATOM   679  C  C   . ILE A 1 86  ? 8.977   7.336   -2.455  1.00 28.70  ? 125 ILE A C   1 
ATOM   680  O  O   . ILE A 1 86  ? 8.692   7.831   -3.598  1.00 25.58  ? 125 ILE A O   1 
ATOM   681  C  CB  . ILE A 1 86  ? 11.403  6.573   -2.764  1.00 30.72  ? 125 ILE A CB  1 
ATOM   682  C  CG1 . ILE A 1 86  ? 12.315  5.340   -2.772  1.00 36.96  ? 125 ILE A CG1 1 
ATOM   683  C  CG2 . ILE A 1 86  ? 11.937  7.688   -1.869  1.00 29.97  ? 125 ILE A CG2 1 
ATOM   684  C  CD1 . ILE A 1 86  ? 13.638  5.586   -3.423  1.00 39.00  ? 125 ILE A CD1 1 
ATOM   685  N  N   . HIS A 1 87  ? 8.398   7.757   -1.326  1.00 25.70  ? 126 HIS A N   1 
ATOM   686  C  CA  . HIS A 1 87  ? 7.550   8.958   -1.280  1.00 28.24  ? 126 HIS A CA  1 
ATOM   687  C  C   . HIS A 1 87  ? 8.319   10.089  -1.950  1.00 27.23  ? 126 HIS A C   1 
ATOM   688  O  O   . HIS A 1 87  ? 9.461   10.356  -1.628  1.00 26.03  ? 126 HIS A O   1 
ATOM   689  C  CB  . HIS A 1 87  ? 7.120   9.330   0.129   1.00 24.92  ? 126 HIS A CB  1 
ATOM   690  C  CG  . HIS A 1 87  ? 5.975   10.272  0.083   1.00 29.18  ? 126 HIS A CG  1 
ATOM   691  N  ND1 . HIS A 1 87  ? 6.173   11.638  -0.205  1.00 28.70  ? 126 HIS A ND1 1 
ATOM   692  C  CD2 . HIS A 1 87  ? 4.640   10.091  0.143   1.00 29.95  ? 126 HIS A CD2 1 
ATOM   693  C  CE1 . HIS A 1 87  ? 5.006   12.241  -0.255  1.00 29.55  ? 126 HIS A CE1 1 
ATOM   694  N  NE2 . HIS A 1 87  ? 4.037   11.323  -0.051  1.00 33.13  ? 126 HIS A NE2 1 
ATOM   695  N  N   . PRO A 1 88  ? 7.697   10.809  -2.903  1.00 27.19  ? 127 PRO A N   1 
ATOM   696  C  CA  . PRO A 1 88  ? 8.469   11.832  -3.632  1.00 29.25  ? 127 PRO A CA  1 
ATOM   697  C  C   . PRO A 1 88  ? 8.910   13.031  -2.772  1.00 30.76  ? 127 PRO A C   1 
ATOM   698  O  O   . PRO A 1 88  ? 9.885   13.713  -3.163  1.00 31.55  ? 127 PRO A O   1 
ATOM   699  C  CB  . PRO A 1 88  ? 7.518   12.156  -4.786  1.00 27.66  ? 127 PRO A CB  1 
ATOM   700  C  CG  . PRO A 1 88  ? 6.129   11.946  -4.212  1.00 29.08  ? 127 PRO A CG  1 
ATOM   701  C  CD  . PRO A 1 88  ? 6.315   10.676  -3.371  1.00 26.28  ? 127 PRO A CD  1 
ATOM   702  N  N   . ASP A 1 89  ? 8.312   13.265  -1.598  1.00 29.37  ? 128 ASP A N   1 
ATOM   703  C  CA  . ASP A 1 89  ? 8.821   14.300  -0.656  1.00 30.96  ? 128 ASP A CA  1 
ATOM   704  C  C   . ASP A 1 89  ? 10.161  13.853  -0.061  1.00 29.01  ? 128 ASP A C   1 
ATOM   705  O  O   . ASP A 1 89  ? 10.845  14.675  0.600   1.00 28.35  ? 128 ASP A O   1 
ATOM   706  C  CB  . ASP A 1 89  ? 7.833   14.665  0.453   1.00 30.75  ? 128 ASP A CB  1 
ATOM   707  C  CG  . ASP A 1 89  ? 6.486   15.221  0.040   1.00 31.93  ? 128 ASP A CG  1 
ATOM   708  O  OD1 . ASP A 1 89  ? 6.221   15.321  -1.164  1.00 33.56  ? 128 ASP A OD1 1 
ATOM   709  O  OD2 . ASP A 1 89  ? 5.665   15.457  0.944   1.00 30.95  ? 128 ASP A OD2 1 
ATOM   710  N  N   . SER A 1 90  ? 10.590  12.589  -0.243  1.00 28.76  ? 129 SER A N   1 
ATOM   711  C  CA  . SER A 1 90  ? 11.829  12.093  0.415   1.00 26.73  ? 129 SER A CA  1 
ATOM   712  C  C   . SER A 1 90  ? 13.052  12.653  -0.289  1.00 27.82  ? 129 SER A C   1 
ATOM   713  O  O   . SER A 1 90  ? 13.024  12.844  -1.495  1.00 30.85  ? 129 SER A O   1 
ATOM   714  C  CB  . SER A 1 90  ? 11.950  10.600  0.386   1.00 28.29  ? 129 SER A CB  1 
ATOM   715  O  OG  . SER A 1 90  ? 10.771  9.996   0.860   1.00 26.84  ? 129 SER A OG  1 
ATOM   716  N  N   . PRO A 1 91  ? 14.206  12.859  0.380   1.00 29.65  ? 130 PRO A N   1 
ATOM   717  C  CA  . PRO A 1 91  ? 14.336  12.871  1.834   1.00 30.87  ? 130 PRO A CA  1 
ATOM   718  C  C   . PRO A 1 91  ? 13.800  14.166  2.437   1.00 32.35  ? 130 PRO A C   1 
ATOM   719  O  O   . PRO A 1 91  ? 13.769  15.184  1.730   1.00 32.74  ? 130 PRO A O   1 
ATOM   720  C  CB  . PRO A 1 91  ? 15.844  12.794  2.034   1.00 31.48  ? 130 PRO A CB  1 
ATOM   721  C  CG  . PRO A 1 91  ? 16.409  13.466  0.816   1.00 32.90  ? 130 PRO A CG  1 
ATOM   722  C  CD  . PRO A 1 91  ? 15.462  13.123  -0.302  1.00 33.23  ? 130 PRO A CD  1 
ATOM   723  N  N   . ASN A 1 92  ? 13.362  14.164  3.687   1.00 30.32  ? 131 ASN A N   1 
ATOM   724  C  CA  . ASN A 1 92  ? 12.776  15.401  4.244   1.00 28.60  ? 131 ASN A CA  1 
ATOM   725  C  C   . ASN A 1 92  ? 12.876  15.414  5.765   1.00 31.50  ? 131 ASN A C   1 
ATOM   726  O  O   . ASN A 1 92  ? 13.199  14.395  6.348   1.00 31.54  ? 131 ASN A O   1 
ATOM   727  C  CB  . ASN A 1 92  ? 11.377  15.683  3.688   1.00 32.40  ? 131 ASN A CB  1 
ATOM   728  C  CG  . ASN A 1 92  ? 11.239  17.139  3.266   1.00 34.94  ? 131 ASN A CG  1 
ATOM   729  O  OD1 . ASN A 1 92  ? 11.617  18.036  4.019   1.00 33.96  ? 131 ASN A OD1 1 
ATOM   730  N  ND2 . ASN A 1 92  ? 10.665  17.362  2.096   1.00 31.24  ? 131 ASN A ND2 1 
ATOM   731  N  N   . PHE A 1 93  ? 12.796  16.601  6.364   1.00 33.88  ? 132 PHE A N   1 
ATOM   732  C  CA  . PHE A 1 93  ? 12.897  16.738  7.832   1.00 36.24  ? 132 PHE A CA  1 
ATOM   733  C  C   . PHE A 1 93  ? 11.688  16.063  8.484   1.00 30.88  ? 132 PHE A C   1 
ATOM   734  O  O   . PHE A 1 93  ? 10.558  16.066  7.900   1.00 34.77  ? 132 PHE A O   1 
ATOM   735  C  CB  . PHE A 1 93  ? 13.018  18.212  8.225   1.00 41.52  ? 132 PHE A CB  1 
ATOM   736  C  CG  . PHE A 1 93  ? 14.301  18.811  7.706   1.00 37.84  ? 132 PHE A CG  1 
ATOM   737  C  CD1 . PHE A 1 93  ? 15.513  18.525  8.311   1.00 42.99  ? 132 PHE A CD1 1 
ATOM   738  C  CD2 . PHE A 1 93  ? 14.304  19.599  6.565   1.00 42.46  ? 132 PHE A CD2 1 
ATOM   739  C  CE1 . PHE A 1 93  ? 16.707  19.022  7.810   1.00 45.14  ? 132 PHE A CE1 1 
ATOM   740  C  CE2 . PHE A 1 93  ? 15.500  20.117  6.075   1.00 40.78  ? 132 PHE A CE2 1 
ATOM   741  C  CZ  . PHE A 1 93  ? 16.693  19.835  6.697   1.00 42.54  ? 132 PHE A CZ  1 
ATOM   742  N  N   . GLY A 1 94  ? 11.899  15.519  9.672   1.00 35.63  ? 133 GLY A N   1 
ATOM   743  C  CA  . GLY A 1 94  ? 10.795  15.087  10.548  1.00 35.39  ? 133 GLY A CA  1 
ATOM   744  C  C   . GLY A 1 94  ? 9.659   16.087  10.593  1.00 36.37  ? 133 GLY A C   1 
ATOM   745  O  O   . GLY A 1 94  ? 8.501   15.677  10.485  1.00 34.38  ? 133 GLY A O   1 
ATOM   746  N  N   . ALA A 1 95  ? 9.932   17.393  10.748  1.00 36.02  ? 134 ALA A N   1 
ATOM   747  C  CA  . ALA A 1 95  ? 8.863   18.419  10.820  1.00 37.50  ? 134 ALA A CA  1 
ATOM   748  C  C   . ALA A 1 95  ? 7.925   18.342  9.608   1.00 32.58  ? 134 ALA A C   1 
ATOM   749  O  O   . ALA A 1 95  ? 6.711   18.582  9.740   1.00 36.13  ? 134 ALA A O   1 
ATOM   750  C  CB  . ALA A 1 95  ? 9.495   19.785  10.887  1.00 38.20  ? 134 ALA A CB  1 
ATOM   751  N  N   . HIS A 1 96  ? 8.495   18.051  8.442   1.00 34.08  ? 135 HIS A N   1 
ATOM   752  C  CA  . HIS A 1 96  ? 7.787   18.019  7.145   1.00 35.05  ? 135 HIS A CA  1 
ATOM   753  C  C   . HIS A 1 96  ? 6.758   16.893  7.194   1.00 33.12  ? 135 HIS A C   1 
ATOM   754  O  O   . HIS A 1 96  ? 5.606   17.039  6.773   1.00 33.30  ? 135 HIS A O   1 
ATOM   755  C  CB  . HIS A 1 96  ? 8.801   17.780  6.014   1.00 33.69  ? 135 HIS A CB  1 
ATOM   756  C  CG  . HIS A 1 96  ? 8.107   17.654  4.716   1.00 35.92  ? 135 HIS A CG  1 
ATOM   757  N  ND1 . HIS A 1 96  ? 7.728   18.771  3.976   1.00 37.94  ? 135 HIS A ND1 1 
ATOM   758  C  CD2 . HIS A 1 96  ? 7.661   16.563  4.054   1.00 32.56  ? 135 HIS A CD2 1 
ATOM   759  C  CE1 . HIS A 1 96  ? 7.076   18.371  2.902   1.00 42.01  ? 135 HIS A CE1 1 
ATOM   760  N  NE2 . HIS A 1 96  ? 7.000   17.014  2.941   1.00 38.01  ? 135 HIS A NE2 1 
ATOM   761  N  N   . TRP A 1 97  ? 7.237   15.764  7.634   1.00 35.09  ? 136 TRP A N   1 
ATOM   762  C  CA  . TRP A 1 97  ? 6.444   14.521  7.630   1.00 31.43  ? 136 TRP A CA  1 
ATOM   763  C  C   . TRP A 1 97  ? 5.340   14.609  8.674   1.00 33.81  ? 136 TRP A C   1 
ATOM   764  O  O   . TRP A 1 97  ? 4.301   13.981  8.454   1.00 38.05  ? 136 TRP A O   1 
ATOM   765  C  CB  . TRP A 1 97  ? 7.391   13.367  7.924   1.00 31.04  ? 136 TRP A CB  1 
ATOM   766  C  CG  . TRP A 1 97  ? 8.426   13.113  6.879   1.00 30.18  ? 136 TRP A CG  1 
ATOM   767  C  CD1 . TRP A 1 97  ? 9.767   13.175  7.059   1.00 26.83  ? 136 TRP A CD1 1 
ATOM   768  C  CD2 . TRP A 1 97  ? 8.227   12.727  5.514   1.00 29.53  ? 136 TRP A CD2 1 
ATOM   769  N  NE1 . TRP A 1 97  ? 10.422  12.790  5.935   1.00 27.30  ? 136 TRP A NE1 1 
ATOM   770  C  CE2 . TRP A 1 97  ? 9.512   12.573  4.945   1.00 25.38  ? 136 TRP A CE2 1 
ATOM   771  C  CE3 . TRP A 1 97  ? 7.101   12.531  4.707   1.00 28.98  ? 136 TRP A CE3 1 
ATOM   772  C  CZ2 . TRP A 1 97  ? 9.716   12.144  3.639   1.00 25.46  ? 136 TRP A CZ2 1 
ATOM   773  C  CZ3 . TRP A 1 97  ? 7.297   12.151  3.406   1.00 27.07  ? 136 TRP A CZ3 1 
ATOM   774  C  CH2 . TRP A 1 97  ? 8.578   11.945  2.884   1.00 25.04  ? 136 TRP A CH2 1 
ATOM   775  N  N   . MET A 1 98  ? 5.564   15.346  9.779   1.00 34.43  ? 137 MET A N   1 
ATOM   776  C  CA  . MET A 1 98  ? 4.609   15.438  10.917  1.00 38.04  ? 137 MET A CA  1 
ATOM   777  C  C   . MET A 1 98  ? 3.582   16.562  10.714  1.00 38.63  ? 137 MET A C   1 
ATOM   778  O  O   . MET A 1 98  ? 2.542   16.466  11.361  1.00 37.63  ? 137 MET A O   1 
ATOM   779  C  CB  . MET A 1 98  ? 5.373   15.625  12.231  1.00 39.87  ? 137 MET A CB  1 
ATOM   780  C  CG  . MET A 1 98  ? 6.139   14.386  12.628  1.00 42.78  ? 137 MET A CG  1 
ATOM   781  S  SD  . MET A 1 98  ? 6.825   14.446  14.309  1.00 38.62  ? 137 MET A SD  1 
ATOM   782  C  CE  . MET A 1 98  ? 8.148   15.643  14.107  1.00 43.56  ? 137 MET A CE  1 
ATOM   783  N  N   . LYS A 1 99  ? 3.771   17.498  9.774   1.00 40.38  ? 138 LYS A N   1 
ATOM   784  C  CA  . LYS A 1 99  ? 2.860   18.678  9.589   1.00 42.37  ? 138 LYS A CA  1 
ATOM   785  C  C   . LYS A 1 99  ? 1.543   18.298  8.901   1.00 45.45  ? 138 LYS A C   1 
ATOM   786  O  O   . LYS A 1 99  ? 0.553   19.060  9.019   1.00 42.90  ? 138 LYS A O   1 
ATOM   787  C  CB  . LYS A 1 99  ? 3.569   19.838  8.873   1.00 44.16  ? 138 LYS A CB  1 
ATOM   788  C  CG  . LYS A 1 99  ? 3.958   19.660  7.407   1.00 48.15  ? 138 LYS A CG  1 
ATOM   789  C  CD  . LYS A 1 99  ? 4.805   20.834  6.844   1.00 57.04  ? 138 LYS A CD  1 
ATOM   790  C  CE  . LYS A 1 99  ? 5.248   20.702  5.390   1.00 60.87  ? 138 LYS A CE  1 
ATOM   791  N  NZ  . LYS A 1 99  ? 6.586   21.311  5.114   1.00 59.98  ? 138 LYS A NZ  1 
ATOM   792  N  N   . ALA A 1 100 ? 1.469   17.154  8.219   1.00 42.85  ? 139 ALA A N   1 
ATOM   793  C  CA  . ALA A 1 100 ? 0.212   16.683  7.603   1.00 36.20  ? 139 ALA A CA  1 
ATOM   794  C  C   . ALA A 1 100 ? 0.331   15.199  7.300   1.00 33.55  ? 139 ALA A C   1 
ATOM   795  O  O   . ALA A 1 100 ? 1.445   14.730  7.173   1.00 32.40  ? 139 ALA A O   1 
ATOM   796  C  CB  . ALA A 1 100 ? -0.068  17.470  6.346   1.00 39.98  ? 139 ALA A CB  1 
ATOM   797  N  N   . PRO A 1 101 ? -0.786  14.476  7.064   1.00 37.87  ? 140 PRO A N   1 
ATOM   798  C  CA  . PRO A 1 101 ? -0.711  13.059  6.745   1.00 35.85  ? 140 PRO A CA  1 
ATOM   799  C  C   . PRO A 1 101 ? 0.203   12.851  5.532   1.00 34.65  ? 140 PRO A C   1 
ATOM   800  O  O   . PRO A 1 101 ? 0.126   13.596  4.570   1.00 32.47  ? 140 PRO A O   1 
ATOM   801  C  CB  . PRO A 1 101 ? -2.148  12.655  6.406   1.00 38.69  ? 140 PRO A CB  1 
ATOM   802  C  CG  . PRO A 1 101 ? -3.010  13.695  7.092   1.00 40.04  ? 140 PRO A CG  1 
ATOM   803  C  CD  . PRO A 1 101 ? -2.177  14.966  7.080   1.00 40.61  ? 140 PRO A CD  1 
ATOM   804  N  N   . VAL A 1 102 ? 1.046   11.831  5.597   1.00 29.85  ? 141 VAL A N   1 
ATOM   805  C  CA  . VAL A 1 102 ? 1.940   11.441  4.474   1.00 30.82  ? 141 VAL A CA  1 
ATOM   806  C  C   . VAL A 1 102 ? 1.105   10.632  3.481   1.00 30.20  ? 141 VAL A C   1 
ATOM   807  O  O   . VAL A 1 102 ? 0.580   9.546   3.823   1.00 31.35  ? 141 VAL A O   1 
ATOM   808  C  CB  . VAL A 1 102 ? 3.186   10.689  4.969   1.00 27.41  ? 141 VAL A CB  1 
ATOM   809  C  CG1 . VAL A 1 102 ? 4.117   10.327  3.835   1.00 28.60  ? 141 VAL A CG1 1 
ATOM   810  C  CG2 . VAL A 1 102 ? 3.897   11.476  6.068   1.00 30.74  ? 141 VAL A CG2 1 
ATOM   811  N  N   . SER A 1 103 ? 0.884   11.188  2.305   1.00 30.03  ? 142 SER A N   1 
ATOM   812  C  CA  . SER A 1 103 ? -0.133  10.649  1.384   1.00 29.98  ? 142 SER A CA  1 
ATOM   813  C  C   . SER A 1 103 ? 0.584   10.008  0.193   1.00 29.75  ? 142 SER A C   1 
ATOM   814  O  O   . SER A 1 103 ? 1.304   10.702  -0.508  1.00 30.75  ? 142 SER A O   1 
ATOM   815  C  CB  . SER A 1 103 ? -1.062  11.746  0.992   1.00 31.57  ? 142 SER A CB  1 
ATOM   816  O  OG  . SER A 1 103 ? -1.914  11.325  -0.039  1.00 34.51  ? 142 SER A OG  1 
ATOM   817  N  N   . PHE A 1 104 ? 0.360   8.719   -0.060  1.00 26.01  ? 143 PHE A N   1 
ATOM   818  C  CA  . PHE A 1 104 ? 1.035   7.996   -1.182  1.00 25.84  ? 143 PHE A CA  1 
ATOM   819  C  C   . PHE A 1 104 ? 0.140   8.046   -2.428  1.00 32.07  ? 143 PHE A C   1 
ATOM   820  O  O   . PHE A 1 104 ? -0.179  7.011   -3.020  1.00 29.95  ? 143 PHE A O   1 
ATOM   821  C  CB  . PHE A 1 104 ? 1.381   6.565   -0.724  1.00 26.06  ? 143 PHE A CB  1 
ATOM   822  C  CG  . PHE A 1 104 ? 2.463   6.525   0.336   1.00 24.77  ? 143 PHE A CG  1 
ATOM   823  C  CD1 . PHE A 1 104 ? 3.800   6.408   -0.003  1.00 24.46  ? 143 PHE A CD1 1 
ATOM   824  C  CD2 . PHE A 1 104 ? 2.142   6.651   1.678   1.00 26.90  ? 143 PHE A CD2 1 
ATOM   825  C  CE1 . PHE A 1 104 ? 4.778   6.334   0.971   1.00 27.18  ? 143 PHE A CE1 1 
ATOM   826  C  CE2 . PHE A 1 104 ? 3.134   6.588   2.651   1.00 27.91  ? 143 PHE A CE2 1 
ATOM   827  C  CZ  . PHE A 1 104 ? 4.444   6.462   2.283   1.00 27.59  ? 143 PHE A CZ  1 
ATOM   828  N  N   . SER A 1 105 ? -0.235  9.251   -2.858  1.00 30.27  ? 144 SER A N   1 
ATOM   829  C  CA  . SER A 1 105 ? -1.249  9.466   -3.918  1.00 30.59  ? 144 SER A CA  1 
ATOM   830  C  C   . SER A 1 105 ? -0.686  9.126   -5.295  1.00 28.36  ? 144 SER A C   1 
ATOM   831  O  O   . SER A 1 105 ? -1.521  8.933   -6.205  1.00 33.06  ? 144 SER A O   1 
ATOM   832  C  CB  . SER A 1 105 ? -1.772  10.862  -3.881  1.00 30.98  ? 144 SER A CB  1 
ATOM   833  O  OG  . SER A 1 105 ? -0.722  11.773  -4.042  1.00 33.93  ? 144 SER A OG  1 
ATOM   834  N  N   . LYS A 1 106 ? 0.633   9.114   -5.441  1.00 26.56  ? 145 LYS A N   1 
ATOM   835  C  CA  . LYS A 1 106 ? 1.333   9.013   -6.748  1.00 27.24  ? 145 LYS A CA  1 
ATOM   836  C  C   . LYS A 1 106 ? 1.884   7.614   -7.050  1.00 29.68  ? 145 LYS A C   1 
ATOM   837  O  O   . LYS A 1 106 ? 2.347   7.365   -8.176  1.00 30.88  ? 145 LYS A O   1 
ATOM   838  C  CB  . LYS A 1 106 ? 2.433   10.079  -6.820  1.00 30.03  ? 145 LYS A CB  1 
ATOM   839  C  CG  . LYS A 1 106 ? 1.938   11.501  -6.676  1.00 28.64  ? 145 LYS A CG  1 
ATOM   840  C  CD  . LYS A 1 106 ? 0.891   11.860  -7.682  1.00 29.52  ? 145 LYS A CD  1 
ATOM   841  C  CE  . LYS A 1 106 ? 0.796   13.365  -7.822  1.00 31.07  ? 145 LYS A CE  1 
ATOM   842  N  NZ  . LYS A 1 106 ? -0.267  13.666  -8.792  1.00 35.73  ? 145 LYS A NZ  1 
ATOM   843  N  N   . VAL A 1 107 ? 1.774   6.660   -6.118  1.00 28.70  ? 146 VAL A N   1 
ATOM   844  C  CA  . VAL A 1 107 ? 2.230   5.297   -6.442  1.00 29.45  ? 146 VAL A CA  1 
ATOM   845  C  C   . VAL A 1 107 ? 1.268   4.703   -7.464  1.00 25.11  ? 146 VAL A C   1 
ATOM   846  O  O   . VAL A 1 107 ? 0.060   4.895   -7.326  1.00 27.53  ? 146 VAL A O   1 
ATOM   847  C  CB  . VAL A 1 107 ? 2.421   4.410   -5.196  1.00 27.02  ? 146 VAL A CB  1 
ATOM   848  C  CG1 . VAL A 1 107 ? 1.135   4.169   -4.427  1.00 26.90  ? 146 VAL A CG1 1 
ATOM   849  C  CG2 . VAL A 1 107 ? 3.096   3.108   -5.582  1.00 28.62  ? 146 VAL A CG2 1 
ATOM   850  N  N   . LYS A 1 108 ? 1.855   4.045   -8.443  1.00 28.73  ? 147 LYS A N   1 
ATOM   851  C  CA  . LYS A 1 108 ? 1.136   3.309   -9.509  1.00 29.55  ? 147 LYS A CA  1 
ATOM   852  C  C   . LYS A 1 108 ? 1.387   1.814   -9.398  1.00 30.15  ? 147 LYS A C   1 
ATOM   853  O  O   . LYS A 1 108 ? 2.537   1.405   -9.357  1.00 31.66  ? 147 LYS A O   1 
ATOM   854  C  CB  . LYS A 1 108 ? 1.623   3.788   -10.873 1.00 35.09  ? 147 LYS A CB  1 
ATOM   855  C  CG  . LYS A 1 108 ? 1.242   5.217   -11.197 1.00 39.17  ? 147 LYS A CG  1 
ATOM   856  C  CD  . LYS A 1 108 ? 1.916   5.717   -12.453 1.00 44.77  ? 147 LYS A CD  1 
ATOM   857  C  CE  . LYS A 1 108 ? 0.925   6.251   -13.453 1.00 46.54  ? 147 LYS A CE  1 
ATOM   858  N  NZ  . LYS A 1 108 ? 1.623   7.034   -14.499 1.00 45.41  ? 147 LYS A NZ  1 
ATOM   859  N  N   . LEU A 1 109 ? 0.312   1.048   -9.399  1.00 31.59  ? 148 LEU A N   1 
ATOM   860  C  CA  . LEU A 1 109 ? 0.352   -0.431  -9.334  1.00 32.31  ? 148 LEU A CA  1 
ATOM   861  C  C   . LEU A 1 109 ? 0.254   -0.963  -10.764 1.00 32.82  ? 148 LEU A C   1 
ATOM   862  O  O   . LEU A 1 109 ? -0.755  -0.620  -11.450 1.00 31.41  ? 148 LEU A O   1 
ATOM   863  C  CB  . LEU A 1 109 ? -0.810  -0.904  -8.466  1.00 27.82  ? 148 LEU A CB  1 
ATOM   864  C  CG  . LEU A 1 109 ? -0.851  -0.312  -7.049  1.00 28.29  ? 148 LEU A CG  1 
ATOM   865  C  CD1 . LEU A 1 109 ? -1.944  -0.941  -6.202  1.00 27.98  ? 148 LEU A CD1 1 
ATOM   866  C  CD2 . LEU A 1 109 ? 0.529   -0.416  -6.401  1.00 29.54  ? 148 LEU A CD2 1 
ATOM   867  N  N   . THR A 1 110 ? 1.197   -1.811  -11.146 1.00 32.04  ? 149 THR A N   1 
ATOM   868  C  CA  . THR A 1 110 ? 1.215   -2.468  -12.486 1.00 36.60  ? 149 THR A CA  1 
ATOM   869  C  C   . THR A 1 110 ? 1.282   -3.992  -12.368 1.00 38.13  ? 149 THR A C   1 
ATOM   870  O  O   . THR A 1 110 ? 1.697   -4.519  -11.291 1.00 35.55  ? 149 THR A O   1 
ATOM   871  C  CB  . THR A 1 110 ? 2.358   -1.937  -13.369 1.00 38.06  ? 149 THR A CB  1 
ATOM   872  O  OG1 . THR A 1 110 ? 2.289   -2.513  -14.678 1.00 38.78  ? 149 THR A OG1 1 
ATOM   873  C  CG2 . THR A 1 110 ? 3.741   -2.230  -12.833 1.00 33.79  ? 149 THR A CG2 1 
ATOM   874  N  N   . ASN A 1 111 ? 0.974   -4.676  -13.482 1.00 37.34  ? 150 ASN A N   1 
ATOM   875  C  CA  . ASN A 1 111 ? 1.173   -6.144  -13.645 1.00 42.08  ? 150 ASN A CA  1 
ATOM   876  C  C   . ASN A 1 111 ? 2.329   -6.447  -14.607 1.00 44.09  ? 150 ASN A C   1 
ATOM   877  O  O   . ASN A 1 111 ? 2.550   -7.624  -14.841 1.00 43.45  ? 150 ASN A O   1 
ATOM   878  C  CB  . ASN A 1 111 ? -0.121  -6.870  -14.046 1.00 43.53  ? 150 ASN A CB  1 
ATOM   879  C  CG  . ASN A 1 111 ? -0.799  -6.330  -15.290 1.00 43.91  ? 150 ASN A CG  1 
ATOM   880  O  OD1 . ASN A 1 111 ? -1.820  -6.866  -15.695 1.00 51.62  ? 150 ASN A OD1 1 
ATOM   881  N  ND2 . ASN A 1 111 ? -0.267  -5.291  -15.898 1.00 40.65  ? 150 ASN A ND2 1 
ATOM   882  N  N   . LYS A 1 112 ? 3.099   -5.459  -15.077 1.00 47.45  ? 151 LYS A N   1 
ATOM   883  C  CA  . LYS A 1 112 ? 4.193   -5.683  -16.074 1.00 59.30  ? 151 LYS A CA  1 
ATOM   884  C  C   . LYS A 1 112 ? 5.479   -4.998  -15.594 1.00 60.74  ? 151 LYS A C   1 
ATOM   885  O  O   . LYS A 1 112 ? 5.392   -3.821  -15.191 1.00 64.79  ? 151 LYS A O   1 
ATOM   886  C  CB  . LYS A 1 112 ? 3.768   -5.168  -17.459 1.00 63.74  ? 151 LYS A CB  1 
ATOM   887  C  CG  . LYS A 1 112 ? 2.475   -5.760  -18.030 1.00 68.54  ? 151 LYS A CG  1 
ATOM   888  C  CD  . LYS A 1 112 ? 2.649   -7.092  -18.751 1.00 72.76  ? 151 LYS A CD  1 
ATOM   889  C  CE  . LYS A 1 112 ? 1.400   -7.554  -19.473 1.00 73.88  ? 151 LYS A CE  1 
ATOM   890  N  NZ  . LYS A 1 112 ? 1.591   -8.888  -20.096 1.00 76.65  ? 151 LYS A NZ  1 
ATOM   891  N  N   . LEU A 1 113 ? 6.622   -5.701  -15.628 1.00 69.36  ? 152 LEU A N   1 
ATOM   892  C  CA  . LEU A 1 113 ? 7.959   -5.106  -15.329 1.00 70.93  ? 152 LEU A CA  1 
ATOM   893  C  C   . LEU A 1 113 ? 8.155   -3.911  -16.267 1.00 74.66  ? 152 LEU A C   1 
ATOM   894  O  O   . LEU A 1 113 ? 7.866   -4.049  -17.470 1.00 77.11  ? 152 LEU A O   1 
ATOM   895  C  CB  . LEU A 1 113 ? 9.102   -6.130  -15.440 1.00 71.21  ? 152 LEU A CB  1 
ATOM   896  C  CG  . LEU A 1 113 ? 9.024   -7.236  -16.502 1.00 71.93  ? 152 LEU A CG  1 
ATOM   897  C  CD1 . LEU A 1 113 ? 8.279   -8.464  -15.990 1.00 71.60  ? 152 LEU A CD1 1 
ATOM   898  C  CD2 . LEU A 1 113 ? 8.441   -6.758  -17.830 1.00 74.67  ? 152 LEU A CD2 1 
ATOM   899  N  N   . ASN A 1 114 ? 8.561   -2.766  -15.718 1.00 77.71  ? 153 ASN A N   1 
ATOM   900  C  CA  . ASN A 1 114 ? 8.440   -1.444  -16.391 1.00 89.08  ? 153 ASN A CA  1 
ATOM   901  C  C   . ASN A 1 114 ? 9.585   -0.531  -15.933 1.00 90.98  ? 153 ASN A C   1 
ATOM   902  O  O   . ASN A 1 114 ? 10.151  -0.788  -14.843 1.00 97.90  ? 153 ASN A O   1 
ATOM   903  C  CB  . ASN A 1 114 ? 7.074   -0.798  -16.119 1.00 92.18  ? 153 ASN A CB  1 
ATOM   904  C  CG  . ASN A 1 114 ? 5.910   -1.425  -16.870 1.00 94.65  ? 153 ASN A CG  1 
ATOM   905  O  OD1 . ASN A 1 114 ? 6.026   -1.813  -18.038 1.00 87.86  ? 153 ASN A OD1 1 
ATOM   906  N  ND2 . ASN A 1 114 ? 4.765   -1.509  -16.208 1.00 82.55  ? 153 ASN A ND2 1 
ATOM   907  N  N   . GLY A 1 115 ? 9.887   0.503   -16.732 1.00 93.19  ? 154 GLY A N   1 
ATOM   908  C  CA  . GLY A 1 115 ? 10.956  1.499   -16.498 1.00 90.59  ? 154 GLY A CA  1 
ATOM   909  C  C   . GLY A 1 115 ? 11.254  1.691   -15.023 1.00 79.90  ? 154 GLY A C   1 
ATOM   910  O  O   . GLY A 1 115 ? 12.431  1.617   -14.643 1.00 78.08  ? 154 GLY A O   1 
ATOM   911  N  N   . GLY A 1 116 ? 10.211  1.899   -14.221 1.00 73.58  ? 155 GLY A N   1 
ATOM   912  C  CA  . GLY A 1 116 ? 10.305  2.176   -12.777 1.00 68.59  ? 155 GLY A CA  1 
ATOM   913  C  C   . GLY A 1 116 ? 9.368   3.305   -12.431 1.00 66.38  ? 155 GLY A C   1 
ATOM   914  O  O   . GLY A 1 116 ? 8.624   3.746   -13.312 1.00 75.11  ? 155 GLY A O   1 
ATOM   915  N  N   . GLY A 1 117 ? 9.437   3.810   -11.211 1.00 69.15  ? 156 GLY A N   1 
ATOM   916  C  CA  . GLY A 1 117 ? 8.275   4.440   -10.569 1.00 61.17  ? 156 GLY A CA  1 
ATOM   917  C  C   . GLY A 1 117 ? 7.290   3.345   -10.216 1.00 54.85  ? 156 GLY A C   1 
ATOM   918  O  O   . GLY A 1 117 ? 7.357   2.867   -9.070  1.00 54.01  ? 156 GLY A O   1 
ATOM   919  N  N   . GLN A 1 118 ? 6.508   2.873   -11.197 1.00 48.01  ? 157 GLN A N   1 
ATOM   920  C  CA  . GLN A 1 118 ? 5.405   1.895   -10.975 1.00 42.90  ? 157 GLN A CA  1 
ATOM   921  C  C   . GLN A 1 118 ? 5.937   0.682   -10.201 1.00 40.04  ? 157 GLN A C   1 
ATOM   922  O  O   . GLN A 1 118 ? 7.083   0.325   -10.382 1.00 39.75  ? 157 GLN A O   1 
ATOM   923  C  CB  . GLN A 1 118 ? 4.767   1.349   -12.258 1.00 42.76  ? 157 GLN A CB  1 
ATOM   924  C  CG  . GLN A 1 118 ? 4.385   2.392   -13.282 1.00 49.64  ? 157 GLN A CG  1 
ATOM   925  C  CD  . GLN A 1 118 ? 5.314   2.321   -14.467 1.00 49.81  ? 157 GLN A CD  1 
ATOM   926  O  OE1 . GLN A 1 118 ? 5.055   1.616   -15.437 1.00 65.33  ? 157 GLN A OE1 1 
ATOM   927  N  NE2 . GLN A 1 118 ? 6.435   3.006   -14.372 1.00 46.00  ? 157 GLN A NE2 1 
ATOM   928  N  N   . ILE A 1 119 ? 5.097   0.102   -9.347  1.00 33.59  ? 158 ILE A N   1 
ATOM   929  C  CA  . ILE A 1 119 ? 5.405   -1.114  -8.551  1.00 32.17  ? 158 ILE A CA  1 
ATOM   930  C  C   . ILE A 1 119 ? 4.618   -2.280  -9.148  1.00 31.86  ? 158 ILE A C   1 
ATOM   931  O  O   . ILE A 1 119 ? 3.381   -2.218  -9.165  1.00 32.62  ? 158 ILE A O   1 
ATOM   932  C  CB  . ILE A 1 119 ? 5.000   -0.888  -7.085  1.00 32.11  ? 158 ILE A CB  1 
ATOM   933  C  CG1 . ILE A 1 119 ? 5.717   0.325   -6.477  1.00 32.85  ? 158 ILE A CG1 1 
ATOM   934  C  CG2 . ILE A 1 119 ? 5.162   -2.161  -6.294  1.00 32.78  ? 158 ILE A CG2 1 
ATOM   935  C  CD1 . ILE A 1 119 ? 7.243   0.260   -6.518  1.00 34.26  ? 158 ILE A CD1 1 
ATOM   936  N  N   . MET A 1 120 ? 5.329   -3.341  -9.506  1.00 33.06  ? 159 MET A N   1 
ATOM   937  C  CA  . MET A 1 120 ? 4.746   -4.533  -10.161 1.00 35.99  ? 159 MET A CA  1 
ATOM   938  C  C   . MET A 1 120 ? 4.183   -5.467  -9.099  1.00 34.25  ? 159 MET A C   1 
ATOM   939  O  O   . MET A 1 120 ? 4.905   -5.837  -8.144  1.00 33.15  ? 159 MET A O   1 
ATOM   940  C  CB  . MET A 1 120 ? 5.788   -5.278  -10.993 1.00 41.52  ? 159 MET A CB  1 
ATOM   941  C  CG  . MET A 1 120 ? 5.173   -6.414  -11.806 1.00 49.38  ? 159 MET A CG  1 
ATOM   942  S  SD  . MET A 1 120 ? 6.417   -7.254  -12.798 1.00 60.10  ? 159 MET A SD  1 
ATOM   943  C  CE  . MET A 1 120 ? 6.951   -8.499  -11.619 1.00 62.83  ? 159 MET A CE  1 
ATOM   944  N  N   . LEU A 1 121 ? 2.906   -5.784  -9.202  1.00 29.83  ? 160 LEU A N   1 
ATOM   945  C  CA  . LEU A 1 121 ? 2.284   -6.789  -8.318  1.00 28.00  ? 160 LEU A CA  1 
ATOM   946  C  C   . LEU A 1 121 ? 1.835   -7.936  -9.211  1.00 34.76  ? 160 LEU A C   1 
ATOM   947  O  O   . LEU A 1 121 ? 1.707   -7.695  -10.423 1.00 34.16  ? 160 LEU A O   1 
ATOM   948  C  CB  . LEU A 1 121 ? 1.117   -6.195  -7.544  1.00 30.22  ? 160 LEU A CB  1 
ATOM   949  C  CG  . LEU A 1 121 ? 1.395   -4.954  -6.711  1.00 29.69  ? 160 LEU A CG  1 
ATOM   950  C  CD1 . LEU A 1 121 ? 0.138   -4.463  -6.028  1.00 28.52  ? 160 LEU A CD1 1 
ATOM   951  C  CD2 . LEU A 1 121 ? 2.500   -5.215  -5.685  1.00 31.87  ? 160 LEU A CD2 1 
ATOM   952  N  N   . ASN A 1 122 ? 1.647   -9.123  -8.635  1.00 39.33  ? 161 ASN A N   1 
ATOM   953  C  CA  . ASN A 1 122 ? 1.014   -10.282 -9.322  1.00 37.70  ? 161 ASN A CA  1 
ATOM   954  C  C   . ASN A 1 122 ? -0.503  -10.135 -9.196  1.00 39.52  ? 161 ASN A C   1 
ATOM   955  O  O   . ASN A 1 122 ? -1.037  -10.114 -8.079  1.00 32.27  ? 161 ASN A O   1 
ATOM   956  C  CB  . ASN A 1 122 ? 1.411   -11.636 -8.729  1.00 41.48  ? 161 ASN A CB  1 
ATOM   957  C  CG  . ASN A 1 122 ? 2.890   -11.936 -8.818  1.00 45.11  ? 161 ASN A CG  1 
ATOM   958  O  OD1 . ASN A 1 122 ? 3.495   -11.740 -9.868  1.00 48.39  ? 161 ASN A OD1 1 
ATOM   959  N  ND2 . ASN A 1 122 ? 3.465   -12.448 -7.738  1.00 50.75  ? 161 ASN A ND2 1 
ATOM   960  N  N   . SER A 1 123 ? -1.203  -10.099 -10.318 1.00 35.19  ? 162 SER A N   1 
ATOM   961  C  CA  . SER A 1 123 ? -2.679  -10.078 -10.331 1.00 35.16  ? 162 SER A CA  1 
ATOM   962  C  C   . SER A 1 123 ? -3.235  -11.310 -9.613  1.00 31.93  ? 162 SER A C   1 
ATOM   963  O  O   . SER A 1 123 ? -2.593  -12.384 -9.692  1.00 34.41  ? 162 SER A O   1 
ATOM   964  C  CB  . SER A 1 123 ? -3.171  -9.982  -11.749 1.00 42.24  ? 162 SER A CB  1 
ATOM   965  O  OG  . SER A 1 123 ? -4.557  -9.770  -11.706 1.00 46.22  ? 162 SER A OG  1 
ATOM   966  N  N   . LEU A 1 124 ? -4.373  -11.147 -8.925  1.00 30.91  ? 163 LEU A N   1 
ATOM   967  C  CA  . LEU A 1 124 ? -5.132  -12.150 -8.140  1.00 29.47  ? 163 LEU A CA  1 
ATOM   968  C  C   . LEU A 1 124 ? -4.351  -12.644 -6.905  1.00 29.45  ? 163 LEU A C   1 
ATOM   969  O  O   . LEU A 1 124 ? -4.710  -13.685 -6.354  1.00 30.94  ? 163 LEU A O   1 
ATOM   970  C  CB  . LEU A 1 124 ? -5.480  -13.325 -9.053  1.00 34.09  ? 163 LEU A CB  1 
ATOM   971  C  CG  . LEU A 1 124 ? -6.406  -12.958 -10.217 1.00 35.82  ? 163 LEU A CG  1 
ATOM   972  C  CD1 . LEU A 1 124 ? -6.910  -14.218 -10.909 1.00 39.50  ? 163 LEU A CD1 1 
ATOM   973  C  CD2 . LEU A 1 124 ? -7.580  -12.114 -9.755  1.00 34.44  ? 163 LEU A CD2 1 
ATOM   974  N  N   . HIS A 1 125 ? -3.317  -11.922 -6.502  1.00 29.59  ? 164 HIS A N   1 
ATOM   975  C  CA  . HIS A 1 125 ? -2.692  -12.099 -5.165  1.00 29.53  ? 164 HIS A CA  1 
ATOM   976  C  C   . HIS A 1 125 ? -3.182  -11.018 -4.203  1.00 29.69  ? 164 HIS A C   1 
ATOM   977  O  O   . HIS A 1 125 ? -3.522  -9.875  -4.647  1.00 26.74  ? 164 HIS A O   1 
ATOM   978  C  CB  . HIS A 1 125 ? -1.186  -12.172 -5.302  1.00 30.89  ? 164 HIS A CB  1 
ATOM   979  C  CG  . HIS A 1 125 ? -0.797  -13.435 -5.989  1.00 35.58  ? 164 HIS A CG  1 
ATOM   980  N  ND1 . HIS A 1 125 ? -1.140  -13.697 -7.309  1.00 43.02  ? 164 HIS A ND1 1 
ATOM   981  C  CD2 . HIS A 1 125 ? -0.177  -14.542 -5.519  1.00 38.41  ? 164 HIS A CD2 1 
ATOM   982  C  CE1 . HIS A 1 125 ? -0.701  -14.911 -7.641  1.00 38.31  ? 164 HIS A CE1 1 
ATOM   983  N  NE2 . HIS A 1 125 ? -0.123  -15.450 -6.563  1.00 41.75  ? 164 HIS A NE2 1 
ATOM   984  N  N   . LYS A 1 126 ? -3.165  -11.373 -2.925  1.00 25.72  ? 165 LYS A N   1 
ATOM   985  C  CA  . LYS A 1 126 ? -3.596  -10.509 -1.827  1.00 26.91  ? 165 LYS A CA  1 
ATOM   986  C  C   . LYS A 1 126 ? -2.338  -9.869  -1.248  1.00 28.86  ? 165 LYS A C   1 
ATOM   987  O  O   . LYS A 1 126 ? -1.384  -10.605 -0.987  1.00 25.84  ? 165 LYS A O   1 
ATOM   988  C  CB  . LYS A 1 126 ? -4.336  -11.339 -0.800  1.00 28.87  ? 165 LYS A CB  1 
ATOM   989  C  CG  . LYS A 1 126 ? -4.964  -10.559 0.340   1.00 35.07  ? 165 LYS A CG  1 
ATOM   990  C  CD  . LYS A 1 126 ? -5.843  -11.402 1.213   1.00 38.33  ? 165 LYS A CD  1 
ATOM   991  C  CE  . LYS A 1 126 ? -7.209  -11.646 0.618   1.00 40.64  ? 165 LYS A CE  1 
ATOM   992  N  NZ  . LYS A 1 126 ? -8.142  -12.278 1.578   1.00 40.82  ? 165 LYS A NZ  1 
ATOM   993  N  N   . TYR A 1 127 ? -2.434  -8.596  -0.925  1.00 24.83  ? 166 TYR A N   1 
ATOM   994  C  CA  . TYR A 1 127 ? -1.294  -7.754  -0.516  1.00 22.18  ? 166 TYR A CA  1 
ATOM   995  C  C   . TYR A 1 127 ? -1.698  -6.963  0.712   1.00 22.19  ? 166 TYR A C   1 
ATOM   996  O  O   . TYR A 1 127 ? -2.840  -6.532  0.853   1.00 21.60  ? 166 TYR A O   1 
ATOM   997  C  CB  . TYR A 1 127 ? -0.824  -6.805  -1.630  1.00 22.38  ? 166 TYR A CB  1 
ATOM   998  C  CG  . TYR A 1 127 ? -0.146  -7.514  -2.759  1.00 23.33  ? 166 TYR A CG  1 
ATOM   999  C  CD1 . TYR A 1 127 ? 1.164   -7.930  -2.680  1.00 25.31  ? 166 TYR A CD1 1 
ATOM   1000 C  CD2 . TYR A 1 127 ? -0.880  -7.879  -3.888  1.00 27.50  ? 166 TYR A CD2 1 
ATOM   1001 C  CE1 . TYR A 1 127 ? 1.778   -8.620  -3.702  1.00 28.64  ? 166 TYR A CE1 1 
ATOM   1002 C  CE2 . TYR A 1 127 ? -0.282  -8.586  -4.913  1.00 29.24  ? 166 TYR A CE2 1 
ATOM   1003 C  CZ  . TYR A 1 127 ? 1.044   -8.945  -4.825  1.00 29.23  ? 166 TYR A CZ  1 
ATOM   1004 O  OH  . TYR A 1 127 ? 1.655   -9.670  -5.806  1.00 34.68  ? 166 TYR A OH  1 
ATOM   1005 N  N   . GLU A 1 128 ? -0.692  -6.724  1.578   1.00 21.58  ? 167 GLU A N   1 
ATOM   1006 C  CA  . GLU A 1 128 ? -0.778  -5.864  2.761   1.00 22.71  ? 167 GLU A CA  1 
ATOM   1007 C  C   . GLU A 1 128 ? 0.259   -4.764  2.631   1.00 24.18  ? 167 GLU A C   1 
ATOM   1008 O  O   . GLU A 1 128 ? 1.468   -5.002  2.666   1.00 20.92  ? 167 GLU A O   1 
ATOM   1009 C  CB  . GLU A 1 128 ? -0.533  -6.709  4.026   1.00 19.05  ? 167 GLU A CB  1 
ATOM   1010 C  CG  . GLU A 1 128 ? -0.732  -5.972  5.305   1.00 21.34  ? 167 GLU A CG  1 
ATOM   1011 C  CD  . GLU A 1 128 ? -0.713  -6.905  6.538   1.00 19.83  ? 167 GLU A CD  1 
ATOM   1012 O  OE1 . GLU A 1 128 ? 0.470   -7.101  7.032   1.00 24.54  ? 167 GLU A OE1 1 
ATOM   1013 O  OE2 . GLU A 1 128 ? -1.776  -7.158  7.062   1.00 19.13  ? 167 GLU A OE2 1 
ATOM   1014 N  N   . PRO A 1 129 ? -0.211  -3.527  2.352   1.00 21.19  ? 168 PRO A N   1 
ATOM   1015 C  CA  . PRO A 1 129 ? 0.676   -2.386  2.352   1.00 22.75  ? 168 PRO A CA  1 
ATOM   1016 C  C   . PRO A 1 129 ? 1.456   -2.276  3.670   1.00 20.01  ? 168 PRO A C   1 
ATOM   1017 O  O   . PRO A 1 129 ? 0.879   -2.541  4.711   1.00 21.91  ? 168 PRO A O   1 
ATOM   1018 C  CB  . PRO A 1 129 ? -0.270  -1.196  2.142   1.00 22.20  ? 168 PRO A CB  1 
ATOM   1019 C  CG  . PRO A 1 129 ? -1.438  -1.827  1.398   1.00 21.73  ? 168 PRO A CG  1 
ATOM   1020 C  CD  . PRO A 1 129 ? -1.612  -3.195  2.057   1.00 23.13  ? 168 PRO A CD  1 
ATOM   1021 N  N   . ARG A 1 130 ? 2.677   -1.780  3.518   1.00 22.15  ? 169 ARG A N   1 
ATOM   1022 C  CA  . ARG A 1 130 ? 3.718   -1.661  4.563   1.00 22.52  ? 169 ARG A CA  1 
ATOM   1023 C  C   . ARG A 1 130 ? 4.586   -0.437  4.259   1.00 23.03  ? 169 ARG A C   1 
ATOM   1024 O  O   . ARG A 1 130 ? 4.993   -0.198  3.115   1.00 22.53  ? 169 ARG A O   1 
ATOM   1025 C  CB  . ARG A 1 130 ? 4.513   -2.950  4.667   1.00 23.69  ? 169 ARG A CB  1 
ATOM   1026 C  CG  . ARG A 1 130 ? 5.574   -2.889  5.762   1.00 24.75  ? 169 ARG A CG  1 
ATOM   1027 C  CD  . ARG A 1 130 ? 6.168   -4.285  5.786   1.00 23.20  ? 169 ARG A CD  1 
ATOM   1028 N  NE  . ARG A 1 130 ? 7.041   -4.493  4.687   1.00 23.48  ? 169 ARG A NE  1 
ATOM   1029 C  CZ  . ARG A 1 130 ? 7.782   -5.536  4.453   1.00 23.55  ? 169 ARG A CZ  1 
ATOM   1030 N  NH1 . ARG A 1 130 ? 7.826   -6.544  5.323   1.00 23.90  ? 169 ARG A NH1 1 
ATOM   1031 N  NH2 . ARG A 1 130 ? 8.587   -5.560  3.424   1.00 23.00  ? 169 ARG A NH2 1 
ATOM   1032 N  N   . ILE A 1 131 ? 4.842   0.367   5.278   1.00 24.37  ? 170 ILE A N   1 
ATOM   1033 C  CA  . ILE A 1 131 ? 5.817   1.460   5.074   1.00 23.40  ? 170 ILE A CA  1 
ATOM   1034 C  C   . ILE A 1 131 ? 7.087   1.203   5.888   1.00 27.77  ? 170 ILE A C   1 
ATOM   1035 O  O   . ILE A 1 131 ? 7.068   0.417   6.857   1.00 24.69  ? 170 ILE A O   1 
ATOM   1036 C  CB  . ILE A 1 131 ? 5.209   2.817   5.405   1.00 25.97  ? 170 ILE A CB  1 
ATOM   1037 C  CG1 . ILE A 1 131 ? 4.765   2.898   6.855   1.00 26.56  ? 170 ILE A CG1 1 
ATOM   1038 C  CG2 . ILE A 1 131 ? 4.060   3.124   4.442   1.00 25.94  ? 170 ILE A CG2 1 
ATOM   1039 C  CD1 . ILE A 1 131 ? 4.491   4.302   7.385   1.00 33.03  ? 170 ILE A CD1 1 
ATOM   1040 N  N   . HIS A 1 132 ? 8.152   1.806   5.426   1.00 25.99  ? 171 HIS A N   1 
ATOM   1041 C  CA  . HIS A 1 132 ? 9.436   1.870   6.152   1.00 23.04  ? 171 HIS A CA  1 
ATOM   1042 C  C   . HIS A 1 132 ? 9.746   3.342   6.344   1.00 26.92  ? 171 HIS A C   1 
ATOM   1043 O  O   . HIS A 1 132 ? 9.703   4.128   5.332   1.00 26.60  ? 171 HIS A O   1 
ATOM   1044 C  CB  . HIS A 1 132 ? 10.538  1.161   5.428   1.00 25.68  ? 171 HIS A CB  1 
ATOM   1045 C  CG  . HIS A 1 132 ? 10.124  -0.179  4.959   1.00 28.44  ? 171 HIS A CG  1 
ATOM   1046 N  ND1 . HIS A 1 132 ? 9.962   -1.246  5.849   1.00 24.99  ? 171 HIS A ND1 1 
ATOM   1047 C  CD2 . HIS A 1 132 ? 9.791   -0.628  3.725   1.00 27.64  ? 171 HIS A CD2 1 
ATOM   1048 C  CE1 . HIS A 1 132 ? 9.601   -2.315  5.158   1.00 25.99  ? 171 HIS A CE1 1 
ATOM   1049 N  NE2 . HIS A 1 132 ? 9.465   -1.957  3.839   1.00 30.55  ? 171 HIS A NE2 1 
ATOM   1050 N  N   . ILE A 1 133 ? 10.064  3.715   7.572   1.00 26.81  ? 172 ILE A N   1 
ATOM   1051 C  CA  . ILE A 1 133 ? 10.528  5.114   7.846   1.00 29.73  ? 172 ILE A CA  1 
ATOM   1052 C  C   . ILE A 1 133 ? 12.018  5.010   8.105   1.00 30.72  ? 172 ILE A C   1 
ATOM   1053 O  O   . ILE A 1 133 ? 12.461  4.275   9.058   1.00 29.48  ? 172 ILE A O   1 
ATOM   1054 C  CB  . ILE A 1 133 ? 9.784   5.826   8.976   1.00 30.47  ? 172 ILE A CB  1 
ATOM   1055 C  CG1 . ILE A 1 133 ? 8.296   5.948   8.731   1.00 27.16  ? 172 ILE A CG1 1 
ATOM   1056 C  CG2 . ILE A 1 133 ? 10.389  7.204   9.204   1.00 29.38  ? 172 ILE A CG2 1 
ATOM   1057 C  CD1 . ILE A 1 133 ? 7.484   6.196   9.952   1.00 28.30  ? 172 ILE A CD1 1 
ATOM   1058 N  N   . VAL A 1 134 ? 12.793  5.626   7.224   1.00 31.19  ? 173 VAL A N   1 
ATOM   1059 C  CA  . VAL A 1 134 ? 14.266  5.402   7.181   1.00 28.07  ? 173 VAL A CA  1 
ATOM   1060 C  C   . VAL A 1 134 ? 14.932  6.720   7.594   1.00 30.68  ? 173 VAL A C   1 
ATOM   1061 O  O   . VAL A 1 134 ? 14.700  7.753   6.912   1.00 30.17  ? 173 VAL A O   1 
ATOM   1062 C  CB  . VAL A 1 134 ? 14.755  4.912   5.823   1.00 32.23  ? 173 VAL A CB  1 
ATOM   1063 C  CG1 . VAL A 1 134 ? 16.243  4.641   5.873   1.00 30.95  ? 173 VAL A CG1 1 
ATOM   1064 C  CG2 . VAL A 1 134 ? 13.989  3.670   5.351   1.00 35.17  ? 173 VAL A CG2 1 
ATOM   1065 N  N   . ARG A 1 135 ? 15.596  6.715   8.742   1.00 31.02  ? 174 ARG A N   1 
ATOM   1066 C  CA  . ARG A 1 135 ? 16.411  7.882   9.179   1.00 35.77  ? 174 ARG A CA  1 
ATOM   1067 C  C   . ARG A 1 135 ? 17.715  7.820   8.393   1.00 35.65  ? 174 ARG A C   1 
ATOM   1068 O  O   . ARG A 1 135 ? 18.464  6.853   8.585   1.00 38.75  ? 174 ARG A O   1 
ATOM   1069 C  CB  . ARG A 1 135 ? 16.588  7.862   10.702  1.00 39.32  ? 174 ARG A CB  1 
ATOM   1070 C  CG  . ARG A 1 135 ? 17.317  9.084   11.234  1.00 44.75  ? 174 ARG A CG  1 
ATOM   1071 C  CD  . ARG A 1 135 ? 17.416  9.001   12.731  1.00 52.41  ? 174 ARG A CD  1 
ATOM   1072 N  NE  . ARG A 1 135 ? 18.125  10.174  13.217  1.00 60.07  ? 174 ARG A NE  1 
ATOM   1073 C  CZ  . ARG A 1 135 ? 18.099  10.606  14.471  1.00 60.28  ? 174 ARG A CZ  1 
ATOM   1074 N  NH1 . ARG A 1 135 ? 17.398  9.963   15.388  1.00 63.95  ? 174 ARG A NH1 1 
ATOM   1075 N  NH2 . ARG A 1 135 ? 18.769  11.692  14.802  1.00 60.06  ? 174 ARG A NH2 1 
ATOM   1076 N  N   . VAL A 1 136 ? 17.975  8.866   7.596   1.00 40.41  ? 175 VAL A N   1 
ATOM   1077 C  CA  . VAL A 1 136 ? 19.071  8.971   6.595   1.00 41.88  ? 175 VAL A CA  1 
ATOM   1078 C  C   . VAL A 1 136 ? 19.997  10.144  6.987   1.00 52.93  ? 175 VAL A C   1 
ATOM   1079 O  O   . VAL A 1 136 ? 19.541  11.085  7.693   1.00 48.20  ? 175 VAL A O   1 
ATOM   1080 C  CB  . VAL A 1 136 ? 18.473  9.195   5.188   1.00 46.38  ? 175 VAL A CB  1 
ATOM   1081 C  CG1 . VAL A 1 136 ? 17.677  7.994   4.690   1.00 46.58  ? 175 VAL A CG1 1 
ATOM   1082 C  CG2 . VAL A 1 136 ? 17.592  10.436  5.111   1.00 46.74  ? 175 VAL A CG2 1 
ATOM   1083 N  N   . GLY A 1 137 ? 21.227  10.149  6.481   1.00 61.93  ? 176 GLY A N   1 
ATOM   1084 C  CA  . GLY A 1 137 ? 22.130  11.315  6.570   1.00 71.58  ? 176 GLY A CA  1 
ATOM   1085 C  C   . GLY A 1 137 ? 22.822  11.397  7.918   1.00 77.17  ? 176 GLY A C   1 
ATOM   1086 O  O   . GLY A 1 137 ? 24.034  11.720  7.939   1.00 83.78  ? 176 GLY A O   1 
ATOM   1087 N  N   . GLY A 1 138 ? 22.079  11.126  9.000   1.00 72.45  ? 177 GLY A N   1 
ATOM   1088 C  CA  . GLY A 1 138 ? 22.600  11.007  10.373  1.00 74.26  ? 177 GLY A CA  1 
ATOM   1089 C  C   . GLY A 1 138 ? 23.729  9.984   10.457  1.00 75.03  ? 177 GLY A C   1 
ATOM   1090 O  O   . GLY A 1 138 ? 24.024  9.282   9.491   1.00 62.81  ? 177 GLY A O   1 
ATOM   1091 N  N   . PRO A 1 139 ? 24.403  9.883   11.622  1.00 85.41  ? 178 PRO A N   1 
ATOM   1092 C  CA  . PRO A 1 139 ? 25.471  8.898   11.800  1.00 83.48  ? 178 PRO A CA  1 
ATOM   1093 C  C   . PRO A 1 139 ? 24.864  7.487   11.813  1.00 82.36  ? 178 PRO A C   1 
ATOM   1094 O  O   . PRO A 1 139 ? 25.322  6.639   11.046  1.00 72.11  ? 178 PRO A O   1 
ATOM   1095 C  CB  . PRO A 1 139 ? 26.114  9.280   13.148  1.00 88.00  ? 178 PRO A CB  1 
ATOM   1096 C  CG  . PRO A 1 139 ? 25.055  10.101  13.891  1.00 85.18  ? 178 PRO A CG  1 
ATOM   1097 C  CD  . PRO A 1 139 ? 24.154  10.697  12.826  1.00 86.17  ? 178 PRO A CD  1 
ATOM   1098 N  N   . GLN A 1 140 ? 23.836  7.316   12.662  1.00 81.26  ? 179 GLN A N   1 
ATOM   1099 C  CA  . GLN A 1 140 ? 23.066  6.066   12.895  1.00 81.68  ? 179 GLN A CA  1 
ATOM   1100 C  C   . GLN A 1 140 ? 21.906  6.025   11.892  1.00 64.81  ? 179 GLN A C   1 
ATOM   1101 O  O   . GLN A 1 140 ? 20.935  6.780   12.039  1.00 59.66  ? 179 GLN A O   1 
ATOM   1102 C  CB  . GLN A 1 140 ? 22.593  5.958   14.357  1.00 89.09  ? 179 GLN A CB  1 
ATOM   1103 C  CG  . GLN A 1 140 ? 21.451  6.906   14.742  1.00 101.53 ? 179 GLN A CG  1 
ATOM   1104 C  CD  . GLN A 1 140 ? 21.326  7.185   16.227  1.00 105.42 ? 179 GLN A CD  1 
ATOM   1105 O  OE1 . GLN A 1 140 ? 21.186  6.277   17.047  1.00 101.62 ? 179 GLN A OE1 1 
ATOM   1106 N  NE2 . GLN A 1 140 ? 21.337  8.462   16.587  1.00 102.45 ? 179 GLN A NE2 1 
ATOM   1107 N  N   . ARG A 1 141 ? 22.019  5.170   10.887  1.00 54.35  ? 180 ARG A N   1 
ATOM   1108 C  CA  . ARG A 1 141 ? 20.848  4.745   10.082  1.00 51.30  ? 180 ARG A CA  1 
ATOM   1109 C  C   . ARG A 1 141 ? 19.856  4.032   11.028  1.00 47.46  ? 180 ARG A C   1 
ATOM   1110 O  O   . ARG A 1 141 ? 20.321  3.394   11.999  1.00 43.30  ? 180 ARG A O   1 
ATOM   1111 C  CB  . ARG A 1 141 ? 21.396  3.924   8.916   1.00 58.87  ? 180 ARG A CB  1 
ATOM   1112 C  CG  . ARG A 1 141 ? 20.343  3.149   8.146   1.00 68.11  ? 180 ARG A CG  1 
ATOM   1113 C  CD  . ARG A 1 141 ? 20.758  2.946   6.710   1.00 70.31  ? 180 ARG A CD  1 
ATOM   1114 N  NE  . ARG A 1 141 ? 20.075  3.920   5.879   1.00 78.02  ? 180 ARG A NE  1 
ATOM   1115 C  CZ  . ARG A 1 141 ? 20.615  4.573   4.858   1.00 75.51  ? 180 ARG A CZ  1 
ATOM   1116 N  NH1 . ARG A 1 141 ? 19.881  5.425   4.168   1.00 62.26  ? 180 ARG A NH1 1 
ATOM   1117 N  NH2 . ARG A 1 141 ? 21.882  4.386   4.531   1.00 82.05  ? 180 ARG A NH2 1 
ATOM   1118 N  N   . MET A 1 142 ? 18.535  4.191   10.823  1.00 35.36  ? 181 MET A N   1 
ATOM   1119 C  CA  . MET A 1 142 ? 17.483  3.449   11.560  1.00 34.89  ? 181 MET A CA  1 
ATOM   1120 C  C   . MET A 1 142 ? 16.280  3.267   10.626  1.00 36.59  ? 181 MET A C   1 
ATOM   1121 O  O   . MET A 1 142 ? 16.036  4.126   9.773   1.00 29.74  ? 181 MET A O   1 
ATOM   1122 C  CB  . MET A 1 142 ? 17.043  4.169   12.837  1.00 33.68  ? 181 MET A CB  1 
ATOM   1123 C  CG  . MET A 1 142 ? 16.049  3.415   13.724  1.00 38.14  ? 181 MET A CG  1 
ATOM   1124 S  SD  . MET A 1 142 ? 16.496  1.697   14.132  1.00 37.25  ? 181 MET A SD  1 
ATOM   1125 C  CE  . MET A 1 142 ? 14.954  1.102   14.821  1.00 47.59  ? 181 MET A CE  1 
ATOM   1126 N  N   . ILE A 1 143 ? 15.563  2.166   10.809  1.00 30.63  ? 182 ILE A N   1 
ATOM   1127 C  CA  . ILE A 1 143 ? 14.323  1.853   10.054  1.00 28.99  ? 182 ILE A CA  1 
ATOM   1128 C  C   . ILE A 1 143 ? 13.238  1.533   11.074  1.00 29.21  ? 182 ILE A C   1 
ATOM   1129 O  O   . ILE A 1 143 ? 13.517  0.726   12.035  1.00 27.49  ? 182 ILE A O   1 
ATOM   1130 C  CB  . ILE A 1 143 ? 14.586  0.736   9.040   1.00 27.11  ? 182 ILE A CB  1 
ATOM   1131 C  CG1 . ILE A 1 143 ? 15.618  1.160   8.016   1.00 28.58  ? 182 ILE A CG1 1 
ATOM   1132 C  CG2 . ILE A 1 143 ? 13.274  0.273   8.358   1.00 30.57  ? 182 ILE A CG2 1 
ATOM   1133 C  CD1 . ILE A 1 143 ? 16.196  0.037   7.272   1.00 31.75  ? 182 ILE A CD1 1 
ATOM   1134 N  N   . THR A 1 144 ? 12.069  2.140   10.918  1.00 28.99  ? 183 THR A N   1 
ATOM   1135 C  CA  . THR A 1 144 ? 10.828  1.708   11.610  1.00 28.91  ? 183 THR A CA  1 
ATOM   1136 C  C   . THR A 1 144 ? 9.865   1.244   10.516  1.00 30.27  ? 183 THR A C   1 
ATOM   1137 O  O   . THR A 1 144 ? 9.680   1.977   9.505   1.00 27.56  ? 183 THR A O   1 
ATOM   1138 C  CB  . THR A 1 144 ? 10.235  2.734   12.571  1.00 36.15  ? 183 THR A CB  1 
ATOM   1139 O  OG1 . THR A 1 144 ? 9.487   3.728   11.880  1.00 60.13  ? 183 THR A OG1 1 
ATOM   1140 C  CG2 . THR A 1 144 ? 11.300  3.407   13.402  1.00 29.95  ? 183 THR A CG2 1 
ATOM   1141 N  N   . SER A 1 145 ? 9.282   0.076   10.711  1.00 29.49  ? 184 SER A N   1 
ATOM   1142 C  CA  . SER A 1 145 ? 8.345   -0.451  9.691   1.00 25.53  ? 184 SER A CA  1 
ATOM   1143 C  C   . SER A 1 145 ? 6.980   -0.555  10.298  1.00 26.89  ? 184 SER A C   1 
ATOM   1144 O  O   . SER A 1 145 ? 6.814   -0.784  11.523  1.00 26.72  ? 184 SER A O   1 
ATOM   1145 C  CB  . SER A 1 145 ? 8.776   -1.719  9.141   1.00 27.08  ? 184 SER A CB  1 
ATOM   1146 O  OG  . SER A 1 145 ? 10.015  -1.596  8.498   1.00 27.83  ? 184 SER A OG  1 
ATOM   1147 N  N   . HIS A 1 146 ? 5.965   -0.450  9.464   1.00 22.78  ? 185 HIS A N   1 
ATOM   1148 C  CA  . HIS A 1 146 ? 4.585   -0.591  9.931   1.00 24.24  ? 185 HIS A CA  1 
ATOM   1149 C  C   . HIS A 1 146 ? 3.698   -1.100  8.800   1.00 24.12  ? 185 HIS A C   1 
ATOM   1150 O  O   . HIS A 1 146 ? 3.670   -0.523  7.679   1.00 27.70  ? 185 HIS A O   1 
ATOM   1151 C  CB  . HIS A 1 146 ? 4.077   0.751   10.417  1.00 27.22  ? 185 HIS A CB  1 
ATOM   1152 C  CG  . HIS A 1 146 ? 2.926   0.639   11.339  1.00 32.20  ? 185 HIS A CG  1 
ATOM   1153 N  ND1 . HIS A 1 146 ? 1.623   0.570   10.891  1.00 36.93  ? 185 HIS A ND1 1 
ATOM   1154 C  CD2 . HIS A 1 146 ? 2.882   0.608   12.680  1.00 35.74  ? 185 HIS A CD2 1 
ATOM   1155 C  CE1 . HIS A 1 146 ? 0.825   0.470   11.930  1.00 35.89  ? 185 HIS A CE1 1 
ATOM   1156 N  NE2 . HIS A 1 146 ? 1.569   0.506   13.028  1.00 38.14  ? 185 HIS A NE2 1 
ATOM   1157 N  N   A CYS A 1 147 ? 2.933   -2.146  9.104   0.25 26.34  ? 186 CYS A N   1 
ATOM   1158 N  N   B CYS A 1 147 ? 2.934   -2.146  9.052   0.25 23.58  ? 186 CYS A N   1 
ATOM   1159 C  CA  A CYS A 1 147 ? 1.902   -2.749  8.218   0.25 24.63  ? 186 CYS A CA  1 
ATOM   1160 C  CA  B CYS A 1 147 ? 1.998   -2.705  8.044   0.25 21.08  ? 186 CYS A CA  1 
ATOM   1161 C  C   A CYS A 1 147 ? 0.550   -2.135  8.454   0.25 25.22  ? 186 CYS A C   1 
ATOM   1162 C  C   B CYS A 1 147 ? 0.561   -2.380  8.449   0.25 22.09  ? 186 CYS A C   1 
ATOM   1163 O  O   A CYS A 1 147 ? 0.300   -1.663  9.579   0.25 22.75  ? 186 CYS A O   1 
ATOM   1164 O  O   B CYS A 1 147 ? 0.287   -2.221  9.642   0.25 19.58  ? 186 CYS A O   1 
ATOM   1165 C  CB  A CYS A 1 147 ? 1.616   -4.199  8.542   0.25 29.16  ? 186 CYS A CB  1 
ATOM   1166 C  CB  B CYS A 1 147 ? 2.223   -4.197  7.871   0.25 21.04  ? 186 CYS A CB  1 
ATOM   1167 S  SG  A CYS A 1 147 ? 3.122   -5.178  8.466   0.25 24.80  ? 186 CYS A SG  1 
ATOM   1168 S  SG  B CYS A 1 147 ? 2.078   -5.072  9.459   0.25 17.84  ? 186 CYS A SG  1 
ATOM   1169 N  N   . PHE A 1 148 ? -0.322  -2.256  7.451   1.00 24.09  ? 187 PHE A N   1 
ATOM   1170 C  CA  . PHE A 1 148 ? -1.674  -1.713  7.591   1.00 23.03  ? 187 PHE A CA  1 
ATOM   1171 C  C   . PHE A 1 148 ? -2.672  -2.770  7.162   1.00 24.88  ? 187 PHE A C   1 
ATOM   1172 O  O   . PHE A 1 148 ? -3.147  -2.783  6.028   1.00 24.94  ? 187 PHE A O   1 
ATOM   1173 C  CB  . PHE A 1 148 ? -1.732  -0.469  6.707   1.00 24.62  ? 187 PHE A CB  1 
ATOM   1174 C  CG  . PHE A 1 148 ? -0.866  0.655   7.202   1.00 24.75  ? 187 PHE A CG  1 
ATOM   1175 C  CD1 . PHE A 1 148 ? -1.278  1.459   8.247   1.00 28.95  ? 187 PHE A CD1 1 
ATOM   1176 C  CD2 . PHE A 1 148 ? 0.395   0.840   6.672   1.00 23.57  ? 187 PHE A CD2 1 
ATOM   1177 C  CE1 . PHE A 1 148 ? -0.453  2.463   8.736   1.00 31.03  ? 187 PHE A CE1 1 
ATOM   1178 C  CE2 . PHE A 1 148 ? 1.202   1.873   7.127   1.00 30.35  ? 187 PHE A CE2 1 
ATOM   1179 C  CZ  . PHE A 1 148 ? 0.762   2.685   8.150   1.00 29.65  ? 187 PHE A CZ  1 
ATOM   1180 N  N   . PRO A 1 149 ? -3.035  -3.713  8.054   1.00 24.16  ? 188 PRO A N   1 
ATOM   1181 C  CA  . PRO A 1 149 ? -4.004  -4.746  7.702   1.00 24.35  ? 188 PRO A CA  1 
ATOM   1182 C  C   . PRO A 1 149 ? -5.334  -4.201  7.154   1.00 23.95  ? 188 PRO A C   1 
ATOM   1183 O  O   . PRO A 1 149 ? -5.911  -4.901  6.402   1.00 25.11  ? 188 PRO A O   1 
ATOM   1184 C  CB  . PRO A 1 149 ? -4.248  -5.482  9.020   1.00 25.69  ? 188 PRO A CB  1 
ATOM   1185 C  CG  . PRO A 1 149 ? -3.103  -5.141  9.927   1.00 28.16  ? 188 PRO A CG  1 
ATOM   1186 C  CD  . PRO A 1 149 ? -2.482  -3.867  9.405   1.00 25.79  ? 188 PRO A CD  1 
ATOM   1187 N  N   . GLU A 1 150 ? -5.786  -3.032  7.628   1.00 22.97  ? 189 GLU A N   1 
ATOM   1188 C  CA  . GLU A 1 150 ? -7.038  -2.384  7.164   1.00 25.64  ? 189 GLU A CA  1 
ATOM   1189 C  C   . GLU A 1 150 ? -7.016  -2.123  5.654   1.00 23.82  ? 189 GLU A C   1 
ATOM   1190 O  O   . GLU A 1 150 ? -8.133  -1.931  5.085   1.00 25.18  ? 189 GLU A O   1 
ATOM   1191 C  CB  . GLU A 1 150 ? -7.209  -1.087  7.940   1.00 28.47  ? 189 GLU A CB  1 
ATOM   1192 C  CG  . GLU A 1 150 ? -6.844  -1.273  9.419   1.00 32.06  ? 189 GLU A CG  1 
ATOM   1193 C  CD  . GLU A 1 150 ? -5.531  -0.682  9.935   1.00 32.78  ? 189 GLU A CD  1 
ATOM   1194 O  OE1 . GLU A 1 150 ? -5.668  0.073   10.926  1.00 44.73  ? 189 GLU A OE1 1 
ATOM   1195 O  OE2 . GLU A 1 150 ? -4.376  -0.924  9.409   1.00 25.21  ? 189 GLU A OE2 1 
ATOM   1196 N  N   . THR A 1 151 ? -5.840  -2.072  5.035   1.00 24.19  ? 190 THR A N   1 
ATOM   1197 C  CA  . THR A 1 151 ? -5.609  -1.616  3.641   1.00 22.83  ? 190 THR A CA  1 
ATOM   1198 C  C   . THR A 1 151 ? -5.342  -2.810  2.733   1.00 22.95  ? 190 THR A C   1 
ATOM   1199 O  O   . THR A 1 151 ? -4.913  -2.604  1.584   1.00 25.75  ? 190 THR A O   1 
ATOM   1200 C  CB  . THR A 1 151 ? -4.507  -0.549  3.594   1.00 24.02  ? 190 THR A CB  1 
ATOM   1201 O  OG1 . THR A 1 151 ? -3.217  -1.140  3.836   1.00 23.03  ? 190 THR A OG1 1 
ATOM   1202 C  CG2 . THR A 1 151 ? -4.801  0.568   4.583   1.00 25.11  ? 190 THR A CG2 1 
ATOM   1203 N  N   . GLN A 1 152 ? -5.486  -4.045  3.267   1.00 22.85  ? 191 GLN A N   1 
ATOM   1204 C  CA  . GLN A 1 152 ? -5.270  -5.245  2.452   1.00 21.90  ? 191 GLN A CA  1 
ATOM   1205 C  C   . GLN A 1 152 ? -6.137  -5.190  1.198   1.00 23.75  ? 191 GLN A C   1 
ATOM   1206 O  O   . GLN A 1 152 ? -7.266  -4.737  1.299   1.00 24.45  ? 191 GLN A O   1 
ATOM   1207 C  CB  . GLN A 1 152 ? -5.600  -6.540  3.193   1.00 24.38  ? 191 GLN A CB  1 
ATOM   1208 C  CG  . GLN A 1 152 ? -4.487  -6.873  4.163   1.00 25.83  ? 191 GLN A CG  1 
ATOM   1209 C  CD  . GLN A 1 152 ? -4.934  -8.053  4.973   1.00 34.33  ? 191 GLN A CD  1 
ATOM   1210 O  OE1 . GLN A 1 152 ? -5.773  -8.850  4.533   1.00 38.96  ? 191 GLN A OE1 1 
ATOM   1211 N  NE2 . GLN A 1 152 ? -4.324  -8.185  6.148   1.00 32.79  ? 191 GLN A NE2 1 
ATOM   1212 N  N   . PHE A 1 153 ? -5.600  -5.651  0.089   1.00 23.60  ? 192 PHE A N   1 
ATOM   1213 C  CA  . PHE A 1 153 ? -6.433  -5.800  -1.110  1.00 25.25  ? 192 PHE A CA  1 
ATOM   1214 C  C   . PHE A 1 153 ? -5.952  -6.958  -1.952  1.00 24.05  ? 192 PHE A C   1 
ATOM   1215 O  O   . PHE A 1 153 ? -4.854  -7.432  -1.927  1.00 25.23  ? 192 PHE A O   1 
ATOM   1216 C  CB  . PHE A 1 153 ? -6.358  -4.520  -1.956  1.00 22.79  ? 192 PHE A CB  1 
ATOM   1217 C  CG  . PHE A 1 153 ? -4.979  -4.175  -2.409  1.00 21.24  ? 192 PHE A CG  1 
ATOM   1218 C  CD1 . PHE A 1 153 ? -4.470  -4.672  -3.595  1.00 23.22  ? 192 PHE A CD1 1 
ATOM   1219 C  CD2 . PHE A 1 153 ? -4.156  -3.350  -1.648  1.00 21.15  ? 192 PHE A CD2 1 
ATOM   1220 C  CE1 . PHE A 1 153 ? -3.174  -4.381  -4.017  1.00 26.29  ? 192 PHE A CE1 1 
ATOM   1221 C  CE2 . PHE A 1 153 ? -2.886  -3.040  -2.088  1.00 22.95  ? 192 PHE A CE2 1 
ATOM   1222 C  CZ  . PHE A 1 153 ? -2.381  -3.560  -3.245  1.00 25.67  ? 192 PHE A CZ  1 
ATOM   1223 N  N   . ILE A 1 154 ? -6.820  -7.306  -2.925  1.00 23.47  ? 193 ILE A N   1 
ATOM   1224 C  CA  . ILE A 1 154 ? -6.429  -8.234  -4.003  1.00 23.72  ? 193 ILE A CA  1 
ATOM   1225 C  C   . ILE A 1 154 ? -6.224  -7.405  -5.253  1.00 28.21  ? 193 ILE A C   1 
ATOM   1226 O  O   . ILE A 1 154 ? -7.088  -6.518  -5.482  1.00 27.55  ? 193 ILE A O   1 
ATOM   1227 C  CB  . ILE A 1 154 ? -7.526  -9.295  -4.220  1.00 25.48  ? 193 ILE A CB  1 
ATOM   1228 C  CG1 . ILE A 1 154 ? -7.753  -10.127 -2.950  1.00 26.26  ? 193 ILE A CG1 1 
ATOM   1229 C  CG2 . ILE A 1 154 ? -7.163  -10.146 -5.427  1.00 28.25  ? 193 ILE A CG2 1 
ATOM   1230 C  CD1 . ILE A 1 154 ? -8.886  -11.126 -3.021  1.00 32.19  ? 193 ILE A CD1 1 
ATOM   1231 N  N   . ALA A 1 155 ? -5.102  -7.625  -5.905  1.00 24.58  ? 194 ALA A N   1 
ATOM   1232 C  CA  . ALA A 1 155 ? -4.696  -6.980  -7.166  1.00 28.28  ? 194 ALA A CA  1 
ATOM   1233 C  C   . ALA A 1 155 ? -5.546  -7.609  -8.282  1.00 26.18  ? 194 ALA A C   1 
ATOM   1234 O  O   . ALA A 1 155 ? -5.582  -8.840  -8.359  1.00 28.36  ? 194 ALA A O   1 
ATOM   1235 C  CB  . ALA A 1 155 ? -3.222  -7.181  -7.354  1.00 30.92  ? 194 ALA A CB  1 
ATOM   1236 N  N   . VAL A 1 156 ? -6.226  -6.793  -9.087  1.00 26.30  ? 195 VAL A N   1 
ATOM   1237 C  CA  . VAL A 1 156 ? -7.151  -7.282  -10.163 1.00 27.37  ? 195 VAL A CA  1 
ATOM   1238 C  C   . VAL A 1 156 ? -6.918  -6.465  -11.431 1.00 29.54  ? 195 VAL A C   1 
ATOM   1239 O  O   . VAL A 1 156 ? -6.522  -5.319  -11.323 1.00 27.66  ? 195 VAL A O   1 
ATOM   1240 C  CB  . VAL A 1 156 ? -8.618  -7.241  -9.711  1.00 26.87  ? 195 VAL A CB  1 
ATOM   1241 C  CG1 . VAL A 1 156 ? -8.853  -8.116  -8.483  1.00 29.11  ? 195 VAL A CG1 1 
ATOM   1242 C  CG2 . VAL A 1 156 ? -9.133  -5.821  -9.487  1.00 25.01  ? 195 VAL A CG2 1 
ATOM   1243 N  N   . THR A 1 157 ? -7.134  -7.038  -12.619 1.00 29.31  ? 196 THR A N   1 
ATOM   1244 C  CA  . THR A 1 157 ? -7.072  -6.218  -13.860 1.00 33.49  ? 196 THR A CA  1 
ATOM   1245 C  C   . THR A 1 157 ? -8.433  -5.556  -14.142 1.00 33.88  ? 196 THR A C   1 
ATOM   1246 O  O   . THR A 1 157 ? -8.439  -4.598  -14.934 1.00 31.77  ? 196 THR A O   1 
ATOM   1247 C  CB  . THR A 1 157 ? -6.599  -7.039  -15.066 1.00 36.19  ? 196 THR A CB  1 
ATOM   1248 O  OG1 . THR A 1 157 ? -7.545  -8.087  -15.181 1.00 36.15  ? 196 THR A OG1 1 
ATOM   1249 C  CG2 . THR A 1 157 ? -5.218  -7.621  -14.916 1.00 38.41  ? 196 THR A CG2 1 
ATOM   1250 N  N   . ALA A 1 158 ? -9.514  -5.983  -13.481 1.00 31.19  ? 197 ALA A N   1 
ATOM   1251 C  CA  . ALA A 1 158 ? -10.841 -5.323  -13.482 1.00 34.03  ? 197 ALA A CA  1 
ATOM   1252 C  C   . ALA A 1 158 ? -11.614 -5.728  -12.236 1.00 27.09  ? 197 ALA A C   1 
ATOM   1253 O  O   . ALA A 1 158 ? -11.424 -6.852  -11.784 1.00 32.18  ? 197 ALA A O   1 
ATOM   1254 C  CB  . ALA A 1 158 ? -11.608 -5.725  -14.724 1.00 30.98  ? 197 ALA A CB  1 
ATOM   1255 N  N   . TYR A 1 159 ? -12.470 -4.874  -11.706 1.00 26.57  ? 198 TYR A N   1 
ATOM   1256 C  CA  . TYR A 1 159 ? -13.228 -5.192  -10.486 1.00 26.10  ? 198 TYR A CA  1 
ATOM   1257 C  C   . TYR A 1 159 ? -14.120 -6.429  -10.668 1.00 34.34  ? 198 TYR A C   1 
ATOM   1258 O  O   . TYR A 1 159 ? -14.852 -6.574  -11.660 1.00 30.37  ? 198 TYR A O   1 
ATOM   1259 C  CB  . TYR A 1 159 ? -14.056 -4.019  -9.984  1.00 29.69  ? 198 TYR A CB  1 
ATOM   1260 C  CG  . TYR A 1 159 ? -13.219 -2.848  -9.571  1.00 28.87  ? 198 TYR A CG  1 
ATOM   1261 C  CD1 . TYR A 1 159 ? -12.149 -2.998  -8.705  1.00 29.41  ? 198 TYR A CD1 1 
ATOM   1262 C  CD2 . TYR A 1 159 ? -13.473 -1.594  -10.067 1.00 30.47  ? 198 TYR A CD2 1 
ATOM   1263 C  CE1 . TYR A 1 159 ? -11.352 -1.925  -8.348  1.00 31.66  ? 198 TYR A CE1 1 
ATOM   1264 C  CE2 . TYR A 1 159 ? -12.721 -0.502  -9.696  1.00 32.18  ? 198 TYR A CE2 1 
ATOM   1265 C  CZ  . TYR A 1 159 ? -11.661 -0.664  -8.828  1.00 33.05  ? 198 TYR A CZ  1 
ATOM   1266 O  OH  . TYR A 1 159 ? -10.942 0.426   -8.486  1.00 31.96  ? 198 TYR A OH  1 
ATOM   1267 N  N   . GLN A 1 160 ? -14.156 -7.301  -9.662  1.00 29.48  ? 199 GLN A N   1 
ATOM   1268 C  CA  . GLN A 1 160 ? -15.016 -8.500  -9.689  1.00 26.70  ? 199 GLN A CA  1 
ATOM   1269 C  C   . GLN A 1 160 ? -16.275 -8.288  -8.877  1.00 30.37  ? 199 GLN A C   1 
ATOM   1270 O  O   . GLN A 1 160 ? -17.381 -8.639  -9.353  1.00 30.63  ? 199 GLN A O   1 
ATOM   1271 C  CB  . GLN A 1 160 ? -14.237 -9.699  -9.175  1.00 29.45  ? 199 GLN A CB  1 
ATOM   1272 C  CG  . GLN A 1 160 ? -12.951 -9.966  -9.927  1.00 33.34  ? 199 GLN A CG  1 
ATOM   1273 C  CD  . GLN A 1 160 ? -13.178 -10.287 -11.377 1.00 41.95  ? 199 GLN A CD  1 
ATOM   1274 O  OE1 . GLN A 1 160 ? -13.778 -11.300 -11.707 1.00 53.02  ? 199 GLN A OE1 1 
ATOM   1275 N  NE2 . GLN A 1 160 ? -12.700 -9.413  -12.248 1.00 37.67  ? 199 GLN A NE2 1 
ATOM   1276 N  N   . ASN A 1 161 ? -16.133 -7.708  -7.698  1.00 27.56  ? 200 ASN A N   1 
ATOM   1277 C  CA  . ASN A 1 161 ? -17.248 -7.482  -6.775  1.00 27.06  ? 200 ASN A CA  1 
ATOM   1278 C  C   . ASN A 1 161 ? -17.825 -6.096  -7.097  1.00 28.94  ? 200 ASN A C   1 
ATOM   1279 O  O   . ASN A 1 161 ? -17.147 -5.116  -6.903  1.00 26.75  ? 200 ASN A O   1 
ATOM   1280 C  CB  . ASN A 1 161 ? -16.732 -7.577  -5.351  1.00 28.56  ? 200 ASN A CB  1 
ATOM   1281 C  CG  . ASN A 1 161 ? -17.812 -7.374  -4.335  1.00 27.66  ? 200 ASN A CG  1 
ATOM   1282 O  OD1 . ASN A 1 161 ? -18.981 -7.181  -4.666  1.00 29.84  ? 200 ASN A OD1 1 
ATOM   1283 N  ND2 . ASN A 1 161 ? -17.410 -7.417  -3.070  1.00 30.49  ? 200 ASN A ND2 1 
ATOM   1284 N  N   . GLU A 1 162 ? -19.046 -6.024  -7.646  1.00 29.10  ? 201 GLU A N   1 
ATOM   1285 C  CA  . GLU A 1 162 ? -19.623 -4.709  -8.012  1.00 28.60  ? 201 GLU A CA  1 
ATOM   1286 C  C   . GLU A 1 162 ? -19.802 -3.867  -6.739  1.00 28.79  ? 201 GLU A C   1 
ATOM   1287 O  O   . GLU A 1 162 ? -19.848 -2.667  -6.863  1.00 29.53  ? 201 GLU A O   1 
ATOM   1288 C  CB  . GLU A 1 162 ? -20.952 -4.984  -8.745  1.00 28.84  ? 201 GLU A CB  1 
ATOM   1289 C  CG  . GLU A 1 162 ? -22.060 -5.212  -7.758  1.00 35.45  ? 201 GLU A CG  1 
ATOM   1290 C  CD  . GLU A 1 162 ? -23.239 -6.129  -8.034  1.00 53.17  ? 201 GLU A CD  1 
ATOM   1291 O  OE1 . GLU A 1 162 ? -24.398 -5.622  -7.993  1.00 54.49  ? 201 GLU A OE1 1 
ATOM   1292 O  OE2 . GLU A 1 162 ? -23.014 -7.359  -8.152  1.00 77.25  ? 201 GLU A OE2 1 
ATOM   1293 N  N   . GLU A 1 163 ? -19.866 -4.459  -5.538  1.00 28.46  ? 202 GLU A N   1 
ATOM   1294 C  CA  . GLU A 1 163 ? -20.053 -3.669  -4.300  1.00 29.78  ? 202 GLU A CA  1 
ATOM   1295 C  C   . GLU A 1 163 ? -18.792 -2.821  -4.108  1.00 26.75  ? 202 GLU A C   1 
ATOM   1296 O  O   . GLU A 1 163 ? -18.930 -1.722  -3.540  1.00 29.17  ? 202 GLU A O   1 
ATOM   1297 C  CB  . GLU A 1 163 ? -20.296 -4.504  -3.041  1.00 30.76  ? 202 GLU A CB  1 
ATOM   1298 C  CG  . GLU A 1 163 ? -21.596 -5.284  -2.987  1.00 32.69  ? 202 GLU A CG  1 
ATOM   1299 C  CD  . GLU A 1 163 ? -21.483 -6.499  -2.062  1.00 43.57  ? 202 GLU A CD  1 
ATOM   1300 O  OE1 . GLU A 1 163 ? -22.465 -6.832  -1.402  1.00 50.77  ? 202 GLU A OE1 1 
ATOM   1301 O  OE2 . GLU A 1 163 ? -20.382 -7.083  -1.979  1.00 50.89  ? 202 GLU A OE2 1 
ATOM   1302 N  N   . ILE A 1 164 ? -17.602 -3.329  -4.462  1.00 26.53  ? 203 ILE A N   1 
ATOM   1303 C  CA  . ILE A 1 164 ? -16.339 -2.533  -4.497  1.00 25.40  ? 203 ILE A CA  1 
ATOM   1304 C  C   . ILE A 1 164 ? -16.419 -1.427  -5.550  1.00 26.17  ? 203 ILE A C   1 
ATOM   1305 O  O   . ILE A 1 164 ? -16.097 -0.301  -5.264  1.00 27.23  ? 203 ILE A O   1 
ATOM   1306 C  CB  . ILE A 1 164 ? -15.118 -3.445  -4.698  1.00 26.33  ? 203 ILE A CB  1 
ATOM   1307 C  CG1 . ILE A 1 164 ? -14.957 -4.310  -3.449  1.00 28.17  ? 203 ILE A CG1 1 
ATOM   1308 C  CG2 . ILE A 1 164 ? -13.883 -2.656  -5.067  1.00 29.43  ? 203 ILE A CG2 1 
ATOM   1309 C  CD1 . ILE A 1 164 ? -14.428 -3.527  -2.205  1.00 30.43  ? 203 ILE A CD1 1 
ATOM   1310 N  N   . THR A 1 165 ? -16.845 -1.770  -6.743  1.00 26.33  ? 204 THR A N   1 
ATOM   1311 C  CA  . THR A 1 165 ? -17.004 -0.792  -7.831  1.00 27.15  ? 204 THR A CA  1 
ATOM   1312 C  C   . THR A 1 165 ? -17.827 0.362   -7.305  1.00 25.12  ? 204 THR A C   1 
ATOM   1313 O  O   . THR A 1 165 ? -17.358 1.460   -7.466  1.00 27.64  ? 204 THR A O   1 
ATOM   1314 C  CB  . THR A 1 165 ? -17.610 -1.421  -9.075  1.00 28.47  ? 204 THR A CB  1 
ATOM   1315 O  OG1 . THR A 1 165 ? -16.861 -2.594  -9.383  1.00 27.90  ? 204 THR A OG1 1 
ATOM   1316 C  CG2 . THR A 1 165 ? -17.542 -0.469  -10.249 1.00 29.85  ? 204 THR A CG2 1 
ATOM   1317 N  N   . ALA A 1 166 ? -18.942 0.084   -6.629  1.00 29.75  ? 205 ALA A N   1 
ATOM   1318 C  CA  . ALA A 1 166 ? -19.905 1.115   -6.175  1.00 30.13  ? 205 ALA A CA  1 
ATOM   1319 C  C   . ALA A 1 166 ? -19.219 1.981   -5.123  1.00 30.54  ? 205 ALA A C   1 
ATOM   1320 O  O   . ALA A 1 166 ? -19.389 3.193   -5.119  1.00 28.23  ? 205 ALA A O   1 
ATOM   1321 C  CB  . ALA A 1 166 ? -21.155 0.496   -5.606  1.00 33.59  ? 205 ALA A CB  1 
ATOM   1322 N  N   . LEU A 1 167 ? -18.545 1.338   -4.151  1.00 27.58  ? 206 LEU A N   1 
ATOM   1323 C  CA  . LEU A 1 167 ? -17.889 2.101   -3.057  1.00 26.11  ? 206 LEU A CA  1 
ATOM   1324 C  C   . LEU A 1 167 ? -16.800 3.006   -3.587  1.00 22.69  ? 206 LEU A C   1 
ATOM   1325 O  O   . LEU A 1 167 ? -16.661 4.123   -3.046  1.00 26.97  ? 206 LEU A O   1 
ATOM   1326 C  CB  . LEU A 1 167 ? -17.260 1.111   -2.063  1.00 28.54  ? 206 LEU A CB  1 
ATOM   1327 C  CG  . LEU A 1 167 ? -17.843 0.994   -0.666  1.00 37.46  ? 206 LEU A CG  1 
ATOM   1328 C  CD1 . LEU A 1 167 ? -16.693 0.635   0.299   1.00 31.86  ? 206 LEU A CD1 1 
ATOM   1329 C  CD2 . LEU A 1 167 ? -18.574 2.242   -0.166  1.00 35.42  ? 206 LEU A CD2 1 
ATOM   1330 N  N   . LYS A 1 168 ? -16.008 2.512   -4.532  1.00 23.97  ? 207 LYS A N   1 
ATOM   1331 C  CA  . LYS A 1 168 ? -14.913 3.248   -5.189  1.00 24.73  ? 207 LYS A CA  1 
ATOM   1332 C  C   . LYS A 1 168 ? -15.485 4.572   -5.735  1.00 29.10  ? 207 LYS A C   1 
ATOM   1333 O  O   . LYS A 1 168 ? -14.955 5.679   -5.463  1.00 30.02  ? 207 LYS A O   1 
ATOM   1334 C  CB  . LYS A 1 168 ? -14.223 2.425   -6.273  1.00 26.85  ? 207 LYS A CB  1 
ATOM   1335 C  CG  . LYS A 1 168 ? -13.497 1.178   -5.757  1.00 28.95  ? 207 LYS A CG  1 
ATOM   1336 C  CD  . LYS A 1 168 ? -12.081 1.406   -5.354  1.00 31.40  ? 207 LYS A CD  1 
ATOM   1337 C  CE  . LYS A 1 168 ? -11.436 0.068   -5.026  1.00 29.77  ? 207 LYS A CE  1 
ATOM   1338 N  NZ  . LYS A 1 168 ? -9.970  0.167   -4.915  1.00 32.82  ? 207 LYS A NZ  1 
ATOM   1339 N  N   . ILE A 1 169 ? -16.575 4.466   -6.470  1.00 26.95  ? 208 ILE A N   1 
ATOM   1340 C  CA  . ILE A 1 169 ? -17.136 5.700   -7.093  1.00 25.84  ? 208 ILE A CA  1 
ATOM   1341 C  C   . ILE A 1 169 ? -17.739 6.571   -5.999  1.00 26.00  ? 208 ILE A C   1 
ATOM   1342 O  O   . ILE A 1 169 ? -17.540 7.796   -6.029  1.00 27.26  ? 208 ILE A O   1 
ATOM   1343 C  CB  . ILE A 1 169 ? -18.150 5.256   -8.160  1.00 25.10  ? 208 ILE A CB  1 
ATOM   1344 C  CG1 . ILE A 1 169 ? -17.442 4.569   -9.320  1.00 23.31  ? 208 ILE A CG1 1 
ATOM   1345 C  CG2 . ILE A 1 169 ? -18.980 6.447   -8.670  1.00 27.16  ? 208 ILE A CG2 1 
ATOM   1346 C  CD1 . ILE A 1 169 ? -18.328 3.734   -10.145 1.00 28.55  ? 208 ILE A CD1 1 
ATOM   1347 N  N   . LYS A 1 170 ? -18.509 5.982   -5.093  1.00 26.83  ? 209 LYS A N   1 
ATOM   1348 C  CA  . LYS A 1 170 ? -19.279 6.758   -4.084  1.00 29.03  ? 209 LYS A CA  1 
ATOM   1349 C  C   . LYS A 1 170 ? -18.319 7.698   -3.354  1.00 31.21  ? 209 LYS A C   1 
ATOM   1350 O  O   . LYS A 1 170 ? -18.696 8.882   -3.086  1.00 29.04  ? 209 LYS A O   1 
ATOM   1351 C  CB  . LYS A 1 170 ? -20.018 5.846   -3.103  1.00 29.36  ? 209 LYS A CB  1 
ATOM   1352 C  CG  . LYS A 1 170 ? -21.009 6.538   -2.179  1.00 32.01  ? 209 LYS A CG  1 
ATOM   1353 C  CD  . LYS A 1 170 ? -21.959 5.554   -1.453  1.00 35.32  ? 209 LYS A CD  1 
ATOM   1354 C  CE  . LYS A 1 170 ? -23.049 6.149   -0.576  1.00 39.83  ? 209 LYS A CE  1 
ATOM   1355 N  NZ  . LYS A 1 170 ? -22.491 6.826   0.620   1.00 43.56  ? 209 LYS A NZ  1 
ATOM   1356 N  N   . TYR A 1 171 ? -17.120 7.211   -3.029  1.00 28.99  ? 210 TYR A N   1 
ATOM   1357 C  CA  . TYR A 1 171 ? -16.186 7.946   -2.152  1.00 31.03  ? 210 TYR A CA  1 
ATOM   1358 C  C   . TYR A 1 171 ? -15.087 8.672   -2.901  1.00 30.62  ? 210 TYR A C   1 
ATOM   1359 O  O   . TYR A 1 171 ? -14.332 9.375   -2.237  1.00 36.49  ? 210 TYR A O   1 
ATOM   1360 C  CB  . TYR A 1 171 ? -15.715 7.043   -1.005  1.00 30.92  ? 210 TYR A CB  1 
ATOM   1361 C  CG  . TYR A 1 171 ? -16.863 6.864   -0.057  1.00 30.28  ? 210 TYR A CG  1 
ATOM   1362 C  CD1 . TYR A 1 171 ? -17.325 7.960   0.668   1.00 35.52  ? 210 TYR A CD1 1 
ATOM   1363 C  CD2 . TYR A 1 171 ? -17.610 5.708   -0.019  1.00 30.75  ? 210 TYR A CD2 1 
ATOM   1364 C  CE1 . TYR A 1 171 ? -18.424 7.849   1.498   1.00 36.72  ? 210 TYR A CE1 1 
ATOM   1365 C  CE2 . TYR A 1 171 ? -18.716 5.577   0.802   1.00 33.59  ? 210 TYR A CE2 1 
ATOM   1366 C  CZ  . TYR A 1 171 ? -19.135 6.669   1.547   1.00 37.22  ? 210 TYR A CZ  1 
ATOM   1367 O  OH  . TYR A 1 171 ? -20.237 6.591   2.349   1.00 37.89  ? 210 TYR A OH  1 
ATOM   1368 N  N   . ASN A 1 172 ? -14.960 8.549   -4.209  1.00 32.26  ? 211 ASN A N   1 
ATOM   1369 C  CA  . ASN A 1 172 ? -13.901 9.280   -4.929  1.00 36.82  ? 211 ASN A CA  1 
ATOM   1370 C  C   . ASN A 1 172 ? -14.463 10.665  -5.306  1.00 49.87  ? 211 ASN A C   1 
ATOM   1371 O  O   . ASN A 1 172 ? -15.664 10.927  -5.118  1.00 47.01  ? 211 ASN A O   1 
ATOM   1372 C  CB  . ASN A 1 172 ? -13.361 8.441   -6.077  1.00 40.16  ? 211 ASN A CB  1 
ATOM   1373 C  CG  . ASN A 1 172 ? -14.239 8.517   -7.312  1.00 46.45  ? 211 ASN A CG  1 
ATOM   1374 O  OD1 . ASN A 1 172 ? -14.032 7.781   -8.277  1.00 50.05  ? 211 ASN A OD1 1 
ATOM   1375 N  ND2 . ASN A 1 172 ? -15.204 9.418   -7.301  1.00 43.90  ? 211 ASN A ND2 1 
HETATM 1376 CD CD  . CD  B 2 .   ? 2.240   -7.486  8.601   0.50 22.43  ? 301 CD  A CD  1 
HETATM 1377 CD CD  . CD  C 2 .   ? -1.137  -8.741  8.440   1.00 24.22  ? 302 CD  A CD  1 
HETATM 1378 CD CD  . CD  D 2 .   ? 10.965  -2.520  -9.694  1.00 50.87  ? 303 CD  A CD  1 
HETATM 1379 CD CD  . CD  E 2 .   ? -1.165  -21.866 2.127   1.00 32.54  ? 304 CD  A CD  1 
HETATM 1380 CD CD  . CD  F 2 .   ? 13.435  -3.349  -6.986  1.00 52.87  ? 305 CD  A CD  1 
HETATM 1381 N  N1  . NZD G 3 .   ? 14.305  9.940   -5.286  1.00 81.45  ? 306 NZD A N1  1 
HETATM 1382 N  N3  . NZD G 3 .   ? 16.450  7.429   -1.662  1.00 63.09  ? 306 NZD A N3  1 
HETATM 1383 C  C4  . NZD G 3 .   ? 14.752  10.480  -2.903  1.00 73.70  ? 306 NZD A C4  1 
HETATM 1384 C  C5  . NZD G 3 .   ? 13.733  10.424  -4.023  1.00 77.76  ? 306 NZD A C5  1 
HETATM 1385 C  C6  . NZD G 3 .   ? 15.688  8.571   -1.632  1.00 66.75  ? 306 NZD A C6  1 
HETATM 1386 C  C7  . NZD G 3 .   ? 16.805  6.718   -0.493  1.00 60.18  ? 306 NZD A C7  1 
HETATM 1387 C  C8  . NZD G 3 .   ? 18.132  6.549   -0.133  1.00 56.29  ? 306 NZD A C8  1 
HETATM 1388 C  C10 . NZD G 3 .   ? 17.451  5.380   1.844   1.00 51.42  ? 306 NZD A C10 1 
HETATM 1389 C  C1  . NZD G 3 .   ? 13.928  10.779  -6.426  1.00 82.27  ? 306 NZD A C1  1 
HETATM 1390 C  C11 . NZD G 3 .   ? 16.135  5.568   1.503   1.00 51.20  ? 306 NZD A C11 1 
HETATM 1391 C  C12 . NZD G 3 .   ? 15.804  6.234   0.336   1.00 56.45  ? 306 NZD A C12 1 
HETATM 1392 C  C2  . NZD G 3 .   ? 15.758  9.791   -5.188  1.00 79.39  ? 306 NZD A C2  1 
HETATM 1393 C  C3  . NZD G 3 .   ? 16.127  8.833   -4.077  1.00 75.10  ? 306 NZD A C3  1 
HETATM 1394 C  C9  . NZD G 3 .   ? 18.447  5.871   1.031   1.00 55.72  ? 306 NZD A C9  1 
HETATM 1395 N  N2  . NZD G 3 .   ? 15.528  9.242   -2.807  1.00 71.13  ? 306 NZD A N2  1 
HETATM 1396 O  O1  . NZD G 3 .   ? 15.187  8.964   -0.570  1.00 57.01  ? 306 NZD A O1  1 
HETATM 1397 O  O   . HOH H 4 .   ? 5.952   9.411   -7.358  1.00 32.02  ? 401 HOH A O   1 
HETATM 1398 O  O   . HOH H 4 .   ? 14.133  9.196   14.747  1.00 42.03  ? 402 HOH A O   1 
HETATM 1399 O  O   . HOH H 4 .   ? -5.594  6.479   4.388   1.00 31.49  ? 403 HOH A O   1 
HETATM 1400 O  O   . HOH H 4 .   ? 3.878   17.208  0.954   1.00 39.88  ? 404 HOH A O   1 
HETATM 1401 O  O   . HOH H 4 .   ? -2.005  -13.955 -2.532  1.00 29.61  ? 405 HOH A O   1 
HETATM 1402 O  O   . HOH H 4 .   ? -2.657  -3.127  -19.055 1.00 52.03  ? 406 HOH A O   1 
HETATM 1403 O  O   . HOH H 4 .   ? -21.125 -0.994  -2.375  1.00 35.82  ? 407 HOH A O   1 
HETATM 1404 O  O   . HOH H 4 .   ? 2.270   14.613  13.351  1.00 50.32  ? 408 HOH A O   1 
HETATM 1405 O  O   . HOH H 4 .   ? -7.147  7.797   2.449   1.00 38.03  ? 409 HOH A O   1 
HETATM 1406 O  O   . HOH H 4 .   ? 13.274  16.873  -0.219  0.50 40.00  ? 410 HOH A O   1 
HETATM 1407 O  O   . HOH H 4 .   ? 4.377   14.124  2.870   1.00 36.58  ? 411 HOH A O   1 
HETATM 1408 O  O   . HOH H 4 .   ? -4.560  0.685   -8.202  1.00 31.88  ? 412 HOH A O   1 
HETATM 1409 O  O   . HOH H 4 .   ? -14.262 -7.962  -3.558  1.00 26.21  ? 413 HOH A O   1 
HETATM 1410 O  O   . HOH H 4 .   ? 6.150   -2.604  13.408  1.00 40.78  ? 414 HOH A O   1 
HETATM 1411 O  O   . HOH H 4 .   ? 10.085  -4.949  -0.221  1.00 35.08  ? 415 HOH A O   1 
HETATM 1412 O  O   . HOH H 4 .   ? 11.664  -3.021  10.111  1.00 28.80  ? 416 HOH A O   1 
HETATM 1413 O  O   . HOH H 4 .   ? -6.928  -13.958 3.337   1.00 34.50  ? 417 HOH A O   1 
HETATM 1414 O  O   . HOH H 4 .   ? -1.730  5.954   -5.545  1.00 27.53  ? 418 HOH A O   1 
HETATM 1415 O  O   . HOH H 4 .   ? 2.186   12.823  9.949   1.00 38.06  ? 419 HOH A O   1 
HETATM 1416 O  O   . HOH H 4 .   ? 9.887   -1.287  13.027  1.00 30.96  ? 420 HOH A O   1 
HETATM 1417 O  O   . HOH H 4 .   ? -20.504 -8.505  -8.171  1.00 41.84  ? 421 HOH A O   1 
HETATM 1418 O  O   . HOH H 4 .   ? 0.128   -3.129  12.261  1.00 38.69  ? 422 HOH A O   1 
HETATM 1419 O  O   . HOH H 4 .   ? 0.252   -10.399 -12.675 1.00 44.30  ? 423 HOH A O   1 
HETATM 1420 O  O   . HOH H 4 .   ? -20.935 10.323  -2.245  1.00 31.38  ? 424 HOH A O   1 
HETATM 1421 O  O   . HOH H 4 .   ? 3.693   15.636  -2.317  1.00 33.25  ? 425 HOH A O   1 
HETATM 1422 O  O   . HOH H 4 .   ? -8.823  -2.691  2.413   1.00 24.92  ? 426 HOH A O   1 
HETATM 1423 O  O   . HOH H 4 .   ? -10.255 -2.640  -15.817 1.00 40.41  ? 427 HOH A O   1 
HETATM 1424 O  O   . HOH H 4 .   ? -9.511  -6.497  1.806   1.00 30.07  ? 428 HOH A O   1 
HETATM 1425 O  O   . HOH H 4 .   ? 1.776   13.795  1.628   1.00 31.54  ? 429 HOH A O   1 
HETATM 1426 O  O   . HOH H 4 .   ? 3.659   15.443  5.438   1.00 33.39  ? 430 HOH A O   1 
HETATM 1427 O  O   . HOH H 4 .   ? -15.474 -12.733 -0.945  1.00 39.40  ? 431 HOH A O   1 
HETATM 1428 O  O   . HOH H 4 .   ? 4.851   4.245   -8.892  1.00 36.53  ? 432 HOH A O   1 
HETATM 1429 O  O   . HOH H 4 .   ? -1.702  4.858   -1.899  1.00 28.36  ? 433 HOH A O   1 
HETATM 1430 O  O   . HOH H 4 .   ? 7.544   -4.710  -7.632  1.00 38.69  ? 434 HOH A O   1 
HETATM 1431 O  O   . HOH H 4 .   ? 13.366  4.974   11.704  1.00 44.89  ? 435 HOH A O   1 
HETATM 1432 O  O   . HOH H 4 .   ? -13.197 -2.606  -13.394 1.00 33.90  ? 436 HOH A O   1 
HETATM 1433 O  O   . HOH H 4 .   ? -11.539 6.888   10.641  1.00 39.86  ? 437 HOH A O   1 
HETATM 1434 O  O   . HOH H 4 .   ? 2.783   -8.843  7.464   0.50 20.61  ? 438 HOH A O   1 
HETATM 1435 O  O   . HOH H 4 .   ? 6.444   -7.009  7.863   1.00 25.50  ? 439 HOH A O   1 
HETATM 1436 O  O   . HOH H 4 .   ? 2.911   9.360   -3.482  1.00 26.08  ? 440 HOH A O   1 
HETATM 1437 O  O   . HOH H 4 .   ? 12.359  15.435  -2.721  1.00 38.92  ? 441 HOH A O   1 
HETATM 1438 O  O   . HOH H 4 .   ? 0.252   -18.648 2.457   1.00 35.51  ? 442 HOH A O   1 
HETATM 1439 O  O   . HOH H 4 .   ? -8.478  7.121   10.849  1.00 46.16  ? 443 HOH A O   1 
HETATM 1440 O  O   . HOH H 4 .   ? 0.905   13.162  -11.477 1.00 42.72  ? 444 HOH A O   1 
HETATM 1441 O  O   . HOH H 4 .   ? -3.666  6.152   -12.528 1.00 36.64  ? 445 HOH A O   1 
HETATM 1442 O  O   . HOH H 4 .   ? -2.491  10.087  -14.563 1.00 29.10  ? 446 HOH A O   1 
HETATM 1443 O  O   . HOH H 4 .   ? -8.100  8.445   -0.379  1.00 35.41  ? 447 HOH A O   1 
HETATM 1444 O  O   . HOH H 4 .   ? -8.221  -4.793  9.857   1.00 40.44  ? 448 HOH A O   1 
HETATM 1445 O  O   . HOH H 4 .   ? -8.051  -10.049 -12.646 1.00 44.65  ? 449 HOH A O   1 
HETATM 1446 O  O   . HOH H 4 .   ? -3.066  -21.175 -5.146  1.00 31.89  ? 450 HOH A O   1 
HETATM 1447 O  O   . HOH H 4 .   ? 3.121   2.805   15.957  1.00 43.27  ? 451 HOH A O   1 
HETATM 1448 O  O   . HOH H 4 .   ? 13.095  -1.651  -5.158  1.00 32.94  ? 452 HOH A O   1 
HETATM 1449 O  O   . HOH H 4 .   ? -15.070 1.698   -9.798  1.00 39.46  ? 453 HOH A O   1 
HETATM 1450 O  O   . HOH H 4 .   ? 2.695   12.108  -3.145  1.00 33.22  ? 454 HOH A O   1 
HETATM 1451 O  O   . HOH H 4 .   ? 10.107  -0.075  -9.094  1.00 46.83  ? 455 HOH A O   1 
HETATM 1452 O  O   . HOH H 4 .   ? 8.618   -2.959  -10.081 1.00 31.92  ? 456 HOH A O   1 
HETATM 1453 O  O   . HOH H 4 .   ? 3.479   -3.333  12.202  1.00 21.60  ? 457 HOH A O   1 
HETATM 1454 O  O   . HOH H 4 .   ? 2.153   13.936  -1.199  1.00 34.39  ? 458 HOH A O   1 
HETATM 1455 O  O   . HOH H 4 .   ? -1.837  -20.097 3.575   1.00 23.57  ? 459 HOH A O   1 
HETATM 1456 O  O   . HOH H 4 .   ? -1.995  -24.065 2.415   1.00 25.09  ? 460 HOH A O   1 
HETATM 1457 O  O   . HOH H 4 .   ? -21.649 1.872   -2.314  1.00 38.12  ? 461 HOH A O   1 
HETATM 1458 O  O   . HOH H 4 .   ? 1.134   -21.839 2.027   1.00 31.26  ? 462 HOH A O   1 
HETATM 1459 O  O   . HOH H 4 .   ? -1.384  -10.888 7.238   1.00 18.60  ? 463 HOH A O   1 
HETATM 1460 O  O   . HOH H 4 .   ? 10.525  21.035  7.150   1.00 41.10  ? 464 HOH A O   1 
HETATM 1461 O  O   . HOH H 4 .   ? -21.826 7.881   -6.143  1.00 32.05  ? 465 HOH A O   1 
HETATM 1462 O  O   . HOH H 4 .   ? 17.077  3.469   -0.359  1.00 73.53  ? 466 HOH A O   1 
HETATM 1463 O  O   . HOH H 4 .   ? -24.894 -3.269  -1.457  1.00 32.91  ? 467 HOH A O   1 
HETATM 1464 O  O   . HOH H 4 .   ? 14.285  6.651   13.773  1.00 31.82  ? 468 HOH A O   1 
HETATM 1465 O  O   . HOH H 4 .   ? 5.614   12.037  -8.052  1.00 31.66  ? 469 HOH A O   1 
HETATM 1466 O  O   . HOH H 4 .   ? -15.337 1.079   -12.470 1.00 42.68  ? 470 HOH A O   1 
HETATM 1467 O  O   . HOH H 4 .   ? 13.987  -4.890  -8.742  1.00 44.41  ? 471 HOH A O   1 
HETATM 1468 O  O   . HOH H 4 .   ? 13.442  -1.745  -9.202  1.00 38.91  ? 472 HOH A O   1 
# 
